data_2DAZ
#
_entry.id   2DAZ
#
_cell.length_a   1.000
_cell.length_b   1.000
_cell.length_c   1.000
_cell.angle_alpha   90.00
_cell.angle_beta   90.00
_cell.angle_gamma   90.00
#
_symmetry.space_group_name_H-M   'P 1'
#
_entity_poly.entity_id   1
_entity_poly.type   'polypeptide(L)'
_entity_poly.pdbx_seq_one_letter_code
;GSSGSSGDAFTDQKIRQRYADLPGELHIIELEKDKNGLGLSLAGNKDRSRMSIFVVGINPEGPAAADGRMRIGDELLEIN
NQILYGRSHQNASAIIKTAPSKVKLVFIRNEDAVNQMASGPSSG
;
_entity_poly.pdbx_strand_id   A
#
# COMPACT_ATOMS: atom_id res chain seq x y z
N GLY A 1 29.45 -18.04 3.79
CA GLY A 1 28.71 -19.28 3.65
C GLY A 1 27.26 -19.06 3.26
N SER A 2 27.03 -18.82 1.97
CA SER A 2 25.68 -18.57 1.47
C SER A 2 24.96 -17.52 2.31
N SER A 3 25.69 -16.48 2.68
CA SER A 3 25.13 -15.40 3.50
C SER A 3 25.62 -14.04 3.01
N GLY A 4 24.68 -13.11 2.84
CA GLY A 4 25.03 -11.78 2.38
C GLY A 4 24.39 -10.69 3.21
N SER A 5 23.59 -9.84 2.57
CA SER A 5 22.92 -8.75 3.26
C SER A 5 21.77 -9.28 4.11
N SER A 6 21.99 -9.32 5.43
CA SER A 6 20.97 -9.80 6.36
C SER A 6 20.05 -8.68 6.79
N GLY A 7 18.81 -9.02 7.12
CA GLY A 7 17.85 -8.03 7.55
C GLY A 7 16.43 -8.56 7.58
N ASP A 8 16.06 -9.19 8.68
CA ASP A 8 14.73 -9.75 8.84
C ASP A 8 13.76 -8.72 9.42
N ALA A 9 13.88 -7.48 8.96
CA ALA A 9 13.03 -6.40 9.43
C ALA A 9 11.78 -6.27 8.55
N PHE A 10 11.75 -7.01 7.46
CA PHE A 10 10.62 -6.98 6.53
C PHE A 10 9.76 -8.23 6.69
N THR A 11 9.99 -8.98 7.76
CA THR A 11 9.25 -10.20 8.02
C THR A 11 7.83 -9.88 8.50
N ASP A 12 6.86 -10.64 8.01
CA ASP A 12 5.46 -10.45 8.38
C ASP A 12 5.34 -10.13 9.88
N GLN A 13 5.85 -11.03 10.71
CA GLN A 13 5.81 -10.86 12.15
C GLN A 13 6.25 -9.45 12.54
N LYS A 14 7.28 -8.95 11.88
CA LYS A 14 7.80 -7.61 12.15
C LYS A 14 6.89 -6.54 11.54
N ILE A 15 6.30 -6.86 10.40
CA ILE A 15 5.41 -5.93 9.71
C ILE A 15 4.15 -5.67 10.54
N ARG A 16 3.52 -6.74 11.00
CA ARG A 16 2.31 -6.64 11.79
C ARG A 16 2.59 -5.94 13.12
N GLN A 17 3.73 -6.26 13.71
CA GLN A 17 4.12 -5.67 14.99
C GLN A 17 4.59 -4.24 14.81
N ARG A 18 5.14 -3.94 13.63
CA ARG A 18 5.62 -2.60 13.33
C ARG A 18 4.46 -1.62 13.17
N TYR A 19 3.39 -2.09 12.54
CA TYR A 19 2.21 -1.25 12.32
C TYR A 19 1.06 -1.69 13.23
N ALA A 20 1.38 -2.51 14.22
CA ALA A 20 0.38 -3.00 15.16
C ALA A 20 -0.20 -1.85 15.99
N ASP A 21 0.53 -0.74 16.03
CA ASP A 21 0.09 0.43 16.78
C ASP A 21 -1.07 1.13 16.08
N LEU A 22 -1.10 1.02 14.76
CA LEU A 22 -2.14 1.64 13.96
C LEU A 22 -3.52 1.18 14.43
N PRO A 23 -4.53 2.05 14.24
CA PRO A 23 -5.91 1.75 14.64
C PRO A 23 -6.55 0.68 13.76
N GLY A 24 -6.43 0.85 12.44
CA GLY A 24 -7.00 -0.12 11.52
C GLY A 24 -6.41 -1.51 11.70
N GLU A 25 -6.66 -2.38 10.72
CA GLU A 25 -6.15 -3.74 10.78
C GLU A 25 -5.28 -4.05 9.56
N LEU A 26 -4.04 -4.42 9.80
CA LEU A 26 -3.11 -4.75 8.72
C LEU A 26 -3.67 -5.84 7.83
N HIS A 27 -3.66 -5.59 6.52
CA HIS A 27 -4.17 -6.56 5.56
C HIS A 27 -3.14 -6.82 4.46
N ILE A 28 -2.42 -7.93 4.58
CA ILE A 28 -1.41 -8.28 3.59
C ILE A 28 -1.97 -9.25 2.55
N ILE A 29 -2.13 -8.77 1.32
CA ILE A 29 -2.65 -9.59 0.24
C ILE A 29 -1.76 -9.52 -0.99
N GLU A 30 -1.55 -10.66 -1.63
CA GLU A 30 -0.71 -10.72 -2.82
C GLU A 30 -1.55 -10.62 -4.09
N LEU A 31 -1.28 -9.58 -4.88
CA LEU A 31 -2.02 -9.37 -6.13
C LEU A 31 -1.09 -9.45 -7.33
N GLU A 32 -1.37 -10.39 -8.24
CA GLU A 32 -0.56 -10.56 -9.43
C GLU A 32 -0.85 -9.45 -10.45
N LYS A 33 0.14 -8.60 -10.70
CA LYS A 33 -0.01 -7.51 -11.65
C LYS A 33 -0.76 -7.97 -12.89
N ASP A 34 -1.79 -7.23 -13.27
CA ASP A 34 -2.58 -7.56 -14.44
C ASP A 34 -1.99 -6.93 -15.69
N LYS A 35 -2.59 -7.23 -16.84
CA LYS A 35 -2.11 -6.70 -18.11
C LYS A 35 -1.58 -5.29 -17.95
N ASN A 36 -2.18 -4.53 -17.03
CA ASN A 36 -1.76 -3.15 -16.77
C ASN A 36 -1.02 -3.07 -15.44
N GLY A 37 -1.35 -3.96 -14.52
CA GLY A 37 -0.72 -3.96 -13.21
C GLY A 37 -1.67 -3.58 -12.11
N LEU A 38 -1.12 -3.30 -10.93
CA LEU A 38 -1.94 -2.93 -9.77
C LEU A 38 -2.57 -1.55 -9.96
N GLY A 39 -3.73 -1.52 -10.63
CA GLY A 39 -4.41 -0.27 -10.87
C GLY A 39 -5.18 0.21 -9.65
N LEU A 40 -4.59 1.12 -8.90
CA LEU A 40 -5.23 1.67 -7.71
C LEU A 40 -5.04 3.19 -7.62
N SER A 41 -6.11 3.89 -7.27
CA SER A 41 -6.06 5.34 -7.16
C SER A 41 -5.50 5.76 -5.80
N LEU A 42 -4.34 6.41 -5.82
CA LEU A 42 -3.70 6.86 -4.59
C LEU A 42 -3.88 8.37 -4.42
N ALA A 43 -3.89 8.81 -3.16
CA ALA A 43 -4.05 10.23 -2.86
C ALA A 43 -3.46 10.56 -1.49
N GLY A 44 -2.74 11.68 -1.42
CA GLY A 44 -2.13 12.09 -0.17
C GLY A 44 -3.16 12.43 0.89
N ASN A 45 -2.70 12.60 2.13
CA ASN A 45 -3.59 12.93 3.24
C ASN A 45 -4.09 14.37 3.12
N LYS A 46 -5.33 14.59 3.56
CA LYS A 46 -5.92 15.92 3.51
C LYS A 46 -4.86 17.00 3.77
N ASP A 47 -4.13 16.84 4.86
CA ASP A 47 -3.08 17.79 5.23
C ASP A 47 -1.74 17.36 4.67
N ARG A 48 -1.18 18.19 3.79
CA ARG A 48 0.12 17.90 3.18
C ARG A 48 1.12 17.44 4.23
N SER A 49 1.27 18.22 5.29
CA SER A 49 2.20 17.88 6.37
C SER A 49 2.13 16.40 6.70
N ARG A 50 0.93 15.84 6.63
CA ARG A 50 0.74 14.43 6.92
C ARG A 50 0.91 13.57 5.68
N MET A 51 1.95 12.75 5.67
CA MET A 51 2.23 11.88 4.53
C MET A 51 1.60 10.52 4.72
N SER A 52 0.83 10.07 3.73
CA SER A 52 0.16 8.77 3.79
C SER A 52 -0.55 8.46 2.48
N ILE A 53 -0.30 7.27 1.95
CA ILE A 53 -0.93 6.85 0.70
C ILE A 53 -2.22 6.09 0.96
N PHE A 54 -3.34 6.68 0.53
CA PHE A 54 -4.64 6.06 0.72
C PHE A 54 -5.20 5.55 -0.61
N VAL A 55 -6.20 4.68 -0.54
CA VAL A 55 -6.82 4.13 -1.74
C VAL A 55 -8.20 4.75 -1.97
N VAL A 56 -8.25 5.76 -2.83
CA VAL A 56 -9.50 6.43 -3.14
C VAL A 56 -10.13 5.85 -4.41
N GLY A 57 -9.72 4.64 -4.77
CA GLY A 57 -10.25 3.99 -5.95
C GLY A 57 -9.53 2.71 -6.30
N ILE A 58 -10.24 1.77 -6.90
CA ILE A 58 -9.65 0.50 -7.28
C ILE A 58 -10.04 0.12 -8.71
N ASN A 59 -9.16 0.44 -9.66
CA ASN A 59 -9.40 0.14 -11.06
C ASN A 59 -10.09 -1.22 -11.21
N PRO A 60 -11.28 -1.20 -11.82
CA PRO A 60 -12.07 -2.42 -12.05
C PRO A 60 -11.43 -3.34 -13.08
N GLU A 61 -10.36 -2.87 -13.71
CA GLU A 61 -9.66 -3.64 -14.73
C GLU A 61 -8.36 -4.21 -14.18
N GLY A 62 -7.91 -3.68 -13.05
CA GLY A 62 -6.69 -4.15 -12.43
C GLY A 62 -6.88 -5.41 -11.62
N PRO A 63 -5.80 -5.89 -10.98
CA PRO A 63 -5.83 -7.10 -10.16
C PRO A 63 -6.62 -6.89 -8.87
N ALA A 64 -6.28 -5.83 -8.13
CA ALA A 64 -6.96 -5.52 -6.88
C ALA A 64 -8.47 -5.69 -7.01
N ALA A 65 -9.00 -5.38 -8.19
CA ALA A 65 -10.43 -5.50 -8.44
C ALA A 65 -10.83 -6.96 -8.65
N ALA A 66 -10.03 -7.67 -9.44
CA ALA A 66 -10.30 -9.07 -9.72
C ALA A 66 -10.33 -9.90 -8.43
N ASP A 67 -9.29 -9.74 -7.62
CA ASP A 67 -9.19 -10.47 -6.36
C ASP A 67 -10.38 -10.17 -5.47
N GLY A 68 -10.75 -8.90 -5.37
CA GLY A 68 -11.88 -8.51 -4.55
C GLY A 68 -11.53 -8.46 -3.08
N ARG A 69 -10.29 -8.09 -2.77
CA ARG A 69 -9.83 -8.02 -1.39
C ARG A 69 -9.60 -6.58 -0.97
N MET A 70 -8.83 -5.85 -1.78
CA MET A 70 -8.53 -4.44 -1.50
C MET A 70 -9.79 -3.59 -1.59
N ARG A 71 -9.87 -2.58 -0.73
CA ARG A 71 -11.02 -1.69 -0.71
C ARG A 71 -10.58 -0.23 -0.58
N ILE A 72 -11.55 0.68 -0.64
CA ILE A 72 -11.26 2.10 -0.53
C ILE A 72 -11.01 2.51 0.92
N GLY A 73 -9.86 3.12 1.17
CA GLY A 73 -9.52 3.55 2.52
C GLY A 73 -8.23 2.94 3.01
N ASP A 74 -7.79 1.87 2.36
CA ASP A 74 -6.55 1.20 2.75
C ASP A 74 -5.37 2.15 2.66
N GLU A 75 -4.44 2.04 3.61
CA GLU A 75 -3.27 2.89 3.64
C GLU A 75 -2.00 2.08 3.40
N LEU A 76 -1.56 2.03 2.14
CA LEU A 76 -0.36 1.29 1.78
C LEU A 76 0.79 1.62 2.72
N LEU A 77 1.55 0.59 3.10
CA LEU A 77 2.69 0.77 3.99
C LEU A 77 3.97 0.26 3.35
N GLU A 78 3.88 -0.89 2.66
CA GLU A 78 5.02 -1.48 2.01
C GLU A 78 4.61 -2.21 0.73
N ILE A 79 5.52 -2.29 -0.22
CA ILE A 79 5.26 -2.95 -1.49
C ILE A 79 6.53 -3.55 -2.08
N ASN A 80 6.56 -4.88 -2.21
CA ASN A 80 7.70 -5.57 -2.76
C ASN A 80 8.95 -5.31 -1.92
N ASN A 81 8.78 -5.40 -0.60
CA ASN A 81 9.90 -5.18 0.32
C ASN A 81 10.41 -3.75 0.21
N GLN A 82 9.49 -2.79 0.16
CA GLN A 82 9.85 -1.39 0.06
C GLN A 82 8.86 -0.51 0.82
N ILE A 83 9.33 0.09 1.91
CA ILE A 83 8.48 0.96 2.72
C ILE A 83 8.13 2.24 1.99
N LEU A 84 6.84 2.57 1.96
CA LEU A 84 6.37 3.78 1.29
C LEU A 84 6.09 4.88 2.29
N TYR A 85 5.84 4.50 3.55
CA TYR A 85 5.55 5.47 4.60
C TYR A 85 6.50 6.65 4.52
N GLY A 86 5.97 7.81 4.12
CA GLY A 86 6.79 9.01 4.01
C GLY A 86 6.93 9.48 2.58
N ARG A 87 7.07 8.54 1.65
CA ARG A 87 7.23 8.86 0.24
C ARG A 87 5.89 9.29 -0.37
N SER A 88 5.95 9.89 -1.55
CA SER A 88 4.75 10.36 -2.23
C SER A 88 4.09 9.22 -3.01
N HIS A 89 2.76 9.20 -2.99
CA HIS A 89 2.01 8.16 -3.69
C HIS A 89 2.63 7.85 -5.04
N GLN A 90 3.05 8.89 -5.74
CA GLN A 90 3.68 8.73 -7.06
C GLN A 90 4.77 7.67 -7.01
N ASN A 91 5.61 7.73 -5.97
CA ASN A 91 6.70 6.79 -5.81
C ASN A 91 6.18 5.35 -5.77
N ALA A 92 5.22 5.11 -4.87
CA ALA A 92 4.63 3.78 -4.73
C ALA A 92 4.43 3.12 -6.08
N SER A 93 3.63 3.76 -6.93
CA SER A 93 3.36 3.22 -8.27
C SER A 93 4.65 2.82 -8.97
N ALA A 94 5.65 3.69 -8.90
CA ALA A 94 6.93 3.42 -9.53
C ALA A 94 7.51 2.10 -9.05
N ILE A 95 7.50 1.89 -7.73
CA ILE A 95 8.02 0.66 -7.15
C ILE A 95 7.34 -0.57 -7.74
N ILE A 96 6.01 -0.49 -7.86
CA ILE A 96 5.23 -1.60 -8.41
C ILE A 96 5.63 -1.88 -9.86
N LYS A 97 5.77 -0.82 -10.64
CA LYS A 97 6.16 -0.95 -12.04
C LYS A 97 7.42 -1.80 -12.19
N THR A 98 8.41 -1.52 -11.34
CA THR A 98 9.67 -2.26 -11.38
C THR A 98 9.51 -3.64 -10.76
N ALA A 99 8.52 -3.80 -9.88
CA ALA A 99 8.27 -5.07 -9.22
C ALA A 99 7.77 -6.10 -10.22
N PRO A 100 8.07 -7.38 -9.94
CA PRO A 100 7.66 -8.50 -10.81
C PRO A 100 6.16 -8.74 -10.75
N SER A 101 5.67 -9.60 -11.64
CA SER A 101 4.25 -9.92 -11.71
C SER A 101 3.64 -9.96 -10.31
N LYS A 102 4.17 -10.85 -9.47
CA LYS A 102 3.68 -11.01 -8.11
C LYS A 102 4.26 -9.92 -7.20
N VAL A 103 3.39 -9.20 -6.51
CA VAL A 103 3.82 -8.14 -5.61
C VAL A 103 3.05 -8.20 -4.29
N LYS A 104 3.79 -8.19 -3.18
CA LYS A 104 3.19 -8.23 -1.85
C LYS A 104 2.82 -6.84 -1.37
N LEU A 105 1.52 -6.58 -1.22
CA LEU A 105 1.04 -5.29 -0.76
C LEU A 105 0.68 -5.34 0.72
N VAL A 106 1.31 -4.46 1.51
CA VAL A 106 1.05 -4.41 2.94
C VAL A 106 0.40 -3.07 3.32
N PHE A 107 -0.90 -3.08 3.52
CA PHE A 107 -1.63 -1.89 3.89
C PHE A 107 -2.47 -2.13 5.16
N ILE A 108 -3.21 -1.10 5.57
CA ILE A 108 -4.05 -1.20 6.76
C ILE A 108 -5.49 -0.85 6.44
N ARG A 109 -6.42 -1.51 7.11
CA ARG A 109 -7.85 -1.27 6.90
C ARG A 109 -8.44 -0.51 8.07
N ASN A 110 -8.84 0.74 7.83
CA ASN A 110 -9.43 1.58 8.86
C ASN A 110 -10.68 2.28 8.34
N GLU A 111 -11.80 2.07 9.04
CA GLU A 111 -13.06 2.69 8.64
C GLU A 111 -12.99 4.20 8.77
N ASP A 112 -11.92 4.69 9.39
CA ASP A 112 -11.73 6.12 9.57
C ASP A 112 -10.82 6.69 8.48
N ALA A 113 -10.06 5.81 7.84
CA ALA A 113 -9.14 6.23 6.77
C ALA A 113 -9.86 7.11 5.75
N VAL A 114 -10.99 6.63 5.25
CA VAL A 114 -11.77 7.36 4.26
C VAL A 114 -11.95 8.81 4.68
N ASN A 115 -12.00 9.04 5.99
CA ASN A 115 -12.17 10.39 6.53
C ASN A 115 -10.84 11.14 6.55
N GLN A 116 -9.74 10.39 6.64
CA GLN A 116 -8.41 10.98 6.67
C GLN A 116 -7.94 11.32 5.26
N MET A 117 -7.96 10.33 4.38
CA MET A 117 -7.53 10.53 3.00
C MET A 117 -8.06 11.84 2.44
N ALA A 118 -7.50 12.27 1.31
CA ALA A 118 -7.93 13.52 0.68
C ALA A 118 -9.01 13.27 -0.36
N SER A 119 -9.00 12.07 -0.94
CA SER A 119 -9.99 11.71 -1.96
C SER A 119 -9.99 12.73 -3.11
N GLY A 120 -8.81 12.95 -3.68
CA GLY A 120 -8.69 13.89 -4.78
C GLY A 120 -7.39 13.73 -5.55
N PRO A 121 -7.37 12.76 -6.47
CA PRO A 121 -6.18 12.47 -7.29
C PRO A 121 -5.91 13.58 -8.31
N SER A 122 -6.95 14.34 -8.63
CA SER A 122 -6.81 15.44 -9.60
C SER A 122 -6.14 14.94 -10.88
N SER A 123 -6.67 13.87 -11.44
CA SER A 123 -6.12 13.30 -12.67
C SER A 123 -6.61 14.07 -13.89
N GLY A 124 -7.91 14.34 -13.93
CA GLY A 124 -8.48 15.06 -15.05
C GLY A 124 -9.33 16.24 -14.61
N GLY A 1 29.21 -11.95 22.46
CA GLY A 1 28.62 -13.27 22.62
C GLY A 1 27.19 -13.32 22.15
N SER A 2 26.36 -12.43 22.68
CA SER A 2 24.95 -12.38 22.31
C SER A 2 24.76 -12.63 20.82
N SER A 3 23.62 -13.22 20.46
CA SER A 3 23.33 -13.51 19.06
C SER A 3 21.97 -12.94 18.66
N GLY A 4 21.96 -12.18 17.57
CA GLY A 4 20.72 -11.58 17.10
C GLY A 4 20.60 -11.61 15.59
N SER A 5 19.53 -12.23 15.09
CA SER A 5 19.30 -12.33 13.66
C SER A 5 18.88 -10.99 13.08
N SER A 6 19.71 -10.43 12.20
CA SER A 6 19.43 -9.15 11.58
C SER A 6 18.98 -9.34 10.12
N GLY A 7 18.25 -8.36 9.61
CA GLY A 7 17.77 -8.43 8.24
C GLY A 7 16.36 -9.00 8.15
N ASP A 8 15.94 -9.71 9.18
CA ASP A 8 14.61 -10.30 9.21
C ASP A 8 13.61 -9.36 9.87
N ALA A 9 13.75 -8.07 9.58
CA ALA A 9 12.85 -7.06 10.14
C ALA A 9 11.63 -6.85 9.25
N PHE A 10 11.68 -7.40 8.05
CA PHE A 10 10.58 -7.27 7.10
C PHE A 10 9.68 -8.50 7.14
N THR A 11 9.86 -9.33 8.17
CA THR A 11 9.05 -10.54 8.32
C THR A 11 7.64 -10.21 8.76
N ASP A 12 6.67 -10.95 8.23
CA ASP A 12 5.27 -10.73 8.57
C ASP A 12 5.10 -10.42 10.04
N GLN A 13 5.61 -11.31 10.90
CA GLN A 13 5.52 -11.13 12.33
C GLN A 13 6.02 -9.76 12.75
N LYS A 14 7.04 -9.27 12.05
CA LYS A 14 7.60 -7.95 12.35
C LYS A 14 6.72 -6.85 11.79
N ILE A 15 6.15 -7.09 10.62
CA ILE A 15 5.28 -6.11 9.97
C ILE A 15 4.01 -5.88 10.79
N ARG A 16 3.32 -6.97 11.11
CA ARG A 16 2.09 -6.89 11.90
C ARG A 16 2.35 -6.25 13.26
N GLN A 17 3.55 -6.46 13.78
CA GLN A 17 3.92 -5.91 15.08
C GLN A 17 4.41 -4.47 14.93
N ARG A 18 4.99 -4.16 13.78
CA ARG A 18 5.50 -2.82 13.51
C ARG A 18 4.35 -1.83 13.33
N TYR A 19 3.31 -2.26 12.62
CA TYR A 19 2.15 -1.40 12.38
C TYR A 19 0.98 -1.80 13.27
N ALA A 20 1.26 -2.62 14.28
CA ALA A 20 0.25 -3.07 15.20
C ALA A 20 -0.35 -1.91 15.99
N ASP A 21 0.44 -0.84 16.13
CA ASP A 21 -0.01 0.35 16.85
C ASP A 21 -1.12 1.06 16.09
N LEU A 22 -1.14 0.87 14.77
CA LEU A 22 -2.15 1.50 13.92
C LEU A 22 -3.56 1.15 14.40
N PRO A 23 -4.51 2.05 14.12
CA PRO A 23 -5.92 1.86 14.51
C PRO A 23 -6.60 0.76 13.72
N GLY A 24 -6.46 0.81 12.40
CA GLY A 24 -7.06 -0.21 11.54
C GLY A 24 -6.41 -1.57 11.71
N GLU A 25 -6.72 -2.48 10.80
CA GLU A 25 -6.17 -3.82 10.85
C GLU A 25 -5.27 -4.09 9.65
N LEU A 26 -4.06 -4.54 9.91
CA LEU A 26 -3.10 -4.84 8.84
C LEU A 26 -3.59 -5.98 7.97
N HIS A 27 -3.60 -5.76 6.66
CA HIS A 27 -4.05 -6.78 5.71
C HIS A 27 -3.06 -6.92 4.56
N ILE A 28 -2.29 -8.00 4.57
CA ILE A 28 -1.30 -8.25 3.53
C ILE A 28 -1.85 -9.21 2.48
N ILE A 29 -1.98 -8.73 1.25
CA ILE A 29 -2.48 -9.56 0.15
C ILE A 29 -1.59 -9.44 -1.07
N GLU A 30 -1.33 -10.58 -1.72
CA GLU A 30 -0.50 -10.60 -2.91
C GLU A 30 -1.35 -10.51 -4.18
N LEU A 31 -1.10 -9.49 -4.98
CA LEU A 31 -1.85 -9.29 -6.23
C LEU A 31 -0.90 -9.30 -7.42
N GLU A 32 -1.13 -10.24 -8.34
CA GLU A 32 -0.31 -10.35 -9.54
C GLU A 32 -0.66 -9.26 -10.55
N LYS A 33 0.30 -8.39 -10.83
CA LYS A 33 0.10 -7.31 -11.78
C LYS A 33 -0.63 -7.80 -13.02
N ASP A 34 -1.78 -7.20 -13.32
CA ASP A 34 -2.57 -7.57 -14.48
C ASP A 34 -1.98 -6.98 -15.76
N LYS A 35 -2.56 -7.33 -16.90
CA LYS A 35 -2.09 -6.83 -18.19
C LYS A 35 -1.56 -5.41 -18.06
N ASN A 36 -2.22 -4.61 -17.23
CA ASN A 36 -1.80 -3.22 -17.02
C ASN A 36 -1.07 -3.08 -15.69
N GLY A 37 -1.36 -3.97 -14.75
CA GLY A 37 -0.71 -3.91 -13.46
C GLY A 37 -1.65 -3.44 -12.36
N LEU A 38 -1.21 -3.55 -11.11
CA LEU A 38 -2.01 -3.13 -9.97
C LEU A 38 -2.72 -1.80 -10.26
N GLY A 39 -4.04 -1.85 -10.36
CA GLY A 39 -4.81 -0.65 -10.63
C GLY A 39 -5.49 -0.11 -9.39
N LEU A 40 -4.92 0.96 -8.82
CA LEU A 40 -5.48 1.58 -7.63
C LEU A 40 -5.25 3.08 -7.64
N SER A 41 -6.30 3.83 -7.28
CA SER A 41 -6.21 5.28 -7.25
C SER A 41 -5.69 5.78 -5.90
N LEU A 42 -4.52 6.40 -5.90
CA LEU A 42 -3.91 6.91 -4.69
C LEU A 42 -4.13 8.42 -4.57
N ALA A 43 -4.16 8.90 -3.32
CA ALA A 43 -4.36 10.32 -3.07
C ALA A 43 -3.74 10.73 -1.74
N GLY A 44 -3.11 11.90 -1.71
CA GLY A 44 -2.47 12.37 -0.49
C GLY A 44 -3.48 12.70 0.58
N ASN A 45 -3.03 12.72 1.83
CA ASN A 45 -3.91 13.03 2.96
C ASN A 45 -4.50 14.42 2.83
N LYS A 46 -5.74 14.58 3.30
CA LYS A 46 -6.42 15.86 3.24
C LYS A 46 -5.44 17.02 3.42
N ASP A 47 -4.60 16.91 4.44
CA ASP A 47 -3.60 17.93 4.72
C ASP A 47 -2.29 17.63 4.01
N ARG A 48 -2.00 18.39 2.95
CA ARG A 48 -0.78 18.19 2.18
C ARG A 48 0.42 18.00 3.10
N SER A 49 0.60 18.94 4.04
CA SER A 49 1.71 18.87 4.97
C SER A 49 2.01 17.43 5.36
N ARG A 50 0.96 16.64 5.54
CA ARG A 50 1.10 15.24 5.93
C ARG A 50 1.42 14.38 4.70
N MET A 51 2.34 13.44 4.87
CA MET A 51 2.73 12.54 3.78
C MET A 51 2.22 11.13 4.02
N SER A 52 1.14 10.77 3.31
CA SER A 52 0.55 9.45 3.46
C SER A 52 -0.13 9.03 2.16
N ILE A 53 -0.14 7.72 1.91
CA ILE A 53 -0.77 7.18 0.71
C ILE A 53 -2.00 6.35 1.05
N PHE A 54 -3.08 6.56 0.29
CA PHE A 54 -4.31 5.83 0.52
C PHE A 54 -4.86 5.28 -0.79
N VAL A 55 -5.99 4.56 -0.70
CA VAL A 55 -6.62 3.98 -1.88
C VAL A 55 -8.01 4.54 -2.10
N VAL A 56 -8.10 5.66 -2.82
CA VAL A 56 -9.37 6.29 -3.11
C VAL A 56 -10.02 5.71 -4.35
N GLY A 57 -9.63 4.48 -4.69
CA GLY A 57 -10.19 3.82 -5.86
C GLY A 57 -9.49 2.52 -6.18
N ILE A 58 -10.22 1.58 -6.77
CA ILE A 58 -9.67 0.28 -7.12
C ILE A 58 -10.03 -0.10 -8.55
N ASN A 59 -9.13 0.22 -9.49
CA ASN A 59 -9.34 -0.09 -10.90
C ASN A 59 -10.10 -1.41 -11.05
N PRO A 60 -11.29 -1.33 -11.67
CA PRO A 60 -12.13 -2.51 -11.89
C PRO A 60 -11.54 -3.45 -12.94
N GLU A 61 -10.45 -3.03 -13.56
CA GLU A 61 -9.79 -3.83 -14.59
C GLU A 61 -8.46 -4.37 -14.08
N GLY A 62 -8.04 -3.89 -12.91
CA GLY A 62 -6.79 -4.34 -12.32
C GLY A 62 -6.95 -5.61 -11.50
N PRO A 63 -5.83 -6.12 -10.97
CA PRO A 63 -5.83 -7.34 -10.15
C PRO A 63 -6.48 -7.13 -8.80
N ALA A 64 -6.25 -5.96 -8.20
CA ALA A 64 -6.82 -5.63 -6.91
C ALA A 64 -8.33 -5.81 -6.91
N ALA A 65 -8.96 -5.48 -8.03
CA ALA A 65 -10.41 -5.59 -8.16
C ALA A 65 -10.82 -7.06 -8.32
N ALA A 66 -10.05 -7.81 -9.10
CA ALA A 66 -10.34 -9.22 -9.32
C ALA A 66 -10.38 -9.99 -8.00
N ASP A 67 -9.30 -9.89 -7.23
CA ASP A 67 -9.21 -10.57 -5.95
C ASP A 67 -10.43 -10.25 -5.08
N GLY A 68 -10.84 -8.99 -5.08
CA GLY A 68 -11.98 -8.59 -4.29
C GLY A 68 -11.67 -8.52 -2.80
N ARG A 69 -10.50 -8.00 -2.47
CA ARG A 69 -10.08 -7.89 -1.07
C ARG A 69 -9.78 -6.44 -0.71
N MET A 70 -8.95 -5.79 -1.51
CA MET A 70 -8.58 -4.39 -1.27
C MET A 70 -9.82 -3.50 -1.32
N ARG A 71 -9.90 -2.56 -0.39
CA ARG A 71 -11.02 -1.63 -0.32
C ARG A 71 -10.55 -0.18 -0.38
N ILE A 72 -11.49 0.75 -0.44
CA ILE A 72 -11.17 2.16 -0.50
C ILE A 72 -10.84 2.71 0.89
N GLY A 73 -9.69 3.37 1.00
CA GLY A 73 -9.28 3.93 2.28
C GLY A 73 -7.98 3.33 2.78
N ASP A 74 -7.71 2.09 2.39
CA ASP A 74 -6.49 1.41 2.80
C ASP A 74 -5.27 2.31 2.63
N GLU A 75 -4.36 2.25 3.59
CA GLU A 75 -3.15 3.06 3.56
C GLU A 75 -1.91 2.19 3.32
N LEU A 76 -1.44 2.19 2.08
CA LEU A 76 -0.26 1.42 1.72
C LEU A 76 0.90 1.70 2.67
N LEU A 77 1.58 0.65 3.10
CA LEU A 77 2.71 0.79 4.01
C LEU A 77 4.00 0.27 3.36
N GLU A 78 3.90 -0.89 2.73
CA GLU A 78 5.05 -1.49 2.06
C GLU A 78 4.64 -2.16 0.76
N ILE A 79 5.59 -2.25 -0.17
CA ILE A 79 5.32 -2.87 -1.48
C ILE A 79 6.60 -3.42 -2.09
N ASN A 80 6.52 -4.64 -2.61
CA ASN A 80 7.68 -5.27 -3.23
C ASN A 80 8.92 -5.10 -2.37
N ASN A 81 8.75 -5.16 -1.06
CA ASN A 81 9.86 -5.00 -0.13
C ASN A 81 10.40 -3.58 -0.16
N GLN A 82 9.49 -2.60 -0.11
CA GLN A 82 9.89 -1.20 -0.14
C GLN A 82 8.92 -0.35 0.68
N ILE A 83 9.37 0.08 1.86
CA ILE A 83 8.55 0.90 2.74
C ILE A 83 8.23 2.25 2.10
N LEU A 84 6.95 2.57 1.99
CA LEU A 84 6.51 3.83 1.41
C LEU A 84 6.35 4.90 2.48
N TYR A 85 5.94 4.48 3.68
CA TYR A 85 5.74 5.41 4.78
C TYR A 85 6.78 6.52 4.75
N GLY A 86 6.38 7.68 4.22
CA GLY A 86 7.29 8.81 4.14
C GLY A 86 7.58 9.22 2.71
N ARG A 87 6.78 8.72 1.79
CA ARG A 87 6.95 9.04 0.37
C ARG A 87 5.63 9.50 -0.25
N SER A 88 5.69 9.96 -1.49
CA SER A 88 4.52 10.44 -2.20
C SER A 88 3.83 9.29 -2.95
N HIS A 89 2.51 9.38 -3.07
CA HIS A 89 1.74 8.35 -3.77
C HIS A 89 2.31 8.10 -5.16
N GLN A 90 2.93 9.12 -5.74
CA GLN A 90 3.50 9.01 -7.08
C GLN A 90 4.65 8.01 -7.09
N ASN A 91 5.42 7.97 -6.00
CA ASN A 91 6.55 7.06 -5.89
C ASN A 91 6.07 5.62 -5.74
N ALA A 92 5.04 5.42 -4.92
CA ALA A 92 4.49 4.10 -4.69
C ALA A 92 4.31 3.35 -6.00
N SER A 93 3.51 3.92 -6.90
CA SER A 93 3.24 3.31 -8.20
C SER A 93 4.55 2.96 -8.91
N ALA A 94 5.52 3.88 -8.82
CA ALA A 94 6.81 3.67 -9.46
C ALA A 94 7.46 2.38 -9.00
N ILE A 95 7.39 2.12 -7.69
CA ILE A 95 7.96 0.91 -7.12
C ILE A 95 7.29 -0.34 -7.68
N ILE A 96 5.96 -0.29 -7.80
CA ILE A 96 5.21 -1.41 -8.33
C ILE A 96 5.57 -1.69 -9.79
N LYS A 97 5.68 -0.63 -10.58
CA LYS A 97 6.02 -0.77 -11.99
C LYS A 97 7.31 -1.56 -12.16
N THR A 98 8.30 -1.26 -11.32
CA THR A 98 9.59 -1.94 -11.37
C THR A 98 9.48 -3.34 -10.80
N ALA A 99 8.52 -3.55 -9.93
CA ALA A 99 8.31 -4.86 -9.31
C ALA A 99 7.78 -5.87 -10.31
N PRO A 100 8.09 -7.16 -10.09
CA PRO A 100 7.66 -8.24 -10.97
C PRO A 100 6.16 -8.49 -10.89
N SER A 101 5.65 -9.36 -11.77
CA SER A 101 4.24 -9.68 -11.80
C SER A 101 3.67 -9.81 -10.38
N LYS A 102 4.15 -10.81 -9.66
CA LYS A 102 3.70 -11.06 -8.29
C LYS A 102 4.29 -10.03 -7.34
N VAL A 103 3.43 -9.20 -6.75
CA VAL A 103 3.87 -8.18 -5.82
C VAL A 103 3.15 -8.31 -4.48
N LYS A 104 3.86 -8.02 -3.39
CA LYS A 104 3.29 -8.10 -2.06
C LYS A 104 2.93 -6.71 -1.53
N LEU A 105 1.66 -6.49 -1.26
CA LEU A 105 1.19 -5.21 -0.76
C LEU A 105 0.82 -5.31 0.72
N VAL A 106 1.34 -4.38 1.51
CA VAL A 106 1.07 -4.35 2.95
C VAL A 106 0.39 -3.05 3.36
N PHE A 107 -0.92 -3.10 3.51
CA PHE A 107 -1.70 -1.93 3.90
C PHE A 107 -2.59 -2.23 5.10
N ILE A 108 -3.16 -1.20 5.69
CA ILE A 108 -4.04 -1.35 6.85
C ILE A 108 -5.46 -0.88 6.53
N ARG A 109 -6.43 -1.72 6.87
CA ARG A 109 -7.83 -1.39 6.63
C ARG A 109 -8.42 -0.59 7.79
N ASN A 110 -8.24 0.72 7.75
CA ASN A 110 -8.75 1.59 8.80
C ASN A 110 -10.00 2.34 8.33
N GLU A 111 -11.08 2.19 9.07
CA GLU A 111 -12.34 2.84 8.74
C GLU A 111 -12.17 4.36 8.71
N ASP A 112 -11.42 4.89 9.67
CA ASP A 112 -11.18 6.32 9.74
C ASP A 112 -10.36 6.80 8.54
N ALA A 113 -9.64 5.88 7.92
CA ALA A 113 -8.82 6.21 6.76
C ALA A 113 -9.62 7.00 5.73
N VAL A 114 -10.74 6.43 5.29
CA VAL A 114 -11.59 7.08 4.30
C VAL A 114 -11.76 8.56 4.62
N ASN A 115 -11.86 8.88 5.90
CA ASN A 115 -12.02 10.26 6.34
C ASN A 115 -10.74 11.06 6.13
N GLN A 116 -9.60 10.39 6.27
CA GLN A 116 -8.31 11.03 6.09
C GLN A 116 -8.01 11.28 4.61
N MET A 117 -7.87 10.19 3.86
CA MET A 117 -7.59 10.30 2.43
C MET A 117 -8.44 11.39 1.78
N ALA A 118 -7.79 12.28 1.05
CA ALA A 118 -8.49 13.37 0.38
C ALA A 118 -9.65 12.85 -0.47
N SER A 119 -9.38 11.80 -1.23
CA SER A 119 -10.39 11.20 -2.09
C SER A 119 -10.65 12.07 -3.31
N GLY A 120 -9.58 12.65 -3.85
CA GLY A 120 -9.71 13.50 -5.03
C GLY A 120 -8.44 13.55 -5.84
N PRO A 121 -8.26 12.57 -6.74
CA PRO A 121 -7.08 12.48 -7.61
C PRO A 121 -7.06 13.57 -8.67
N SER A 122 -5.95 14.30 -8.73
CA SER A 122 -5.81 15.39 -9.69
C SER A 122 -5.57 14.83 -11.09
N SER A 123 -5.86 15.65 -12.10
CA SER A 123 -5.70 15.25 -13.50
C SER A 123 -5.93 16.42 -14.44
N GLY A 124 -5.09 16.52 -15.46
CA GLY A 124 -5.22 17.61 -16.42
C GLY A 124 -3.88 18.24 -16.77
N GLY A 1 27.16 -14.58 12.70
CA GLY A 1 25.91 -14.74 11.96
C GLY A 1 25.58 -16.20 11.70
N SER A 2 24.32 -16.55 11.85
CA SER A 2 23.87 -17.93 11.63
C SER A 2 22.93 -18.01 10.44
N SER A 3 22.65 -19.23 9.99
CA SER A 3 21.77 -19.45 8.85
C SER A 3 20.61 -18.45 8.86
N GLY A 4 20.06 -18.17 7.69
CA GLY A 4 18.95 -17.24 7.58
C GLY A 4 19.24 -16.11 6.61
N SER A 5 18.91 -14.89 7.01
CA SER A 5 19.13 -13.72 6.17
C SER A 5 19.50 -12.50 7.01
N SER A 6 20.55 -11.80 6.59
CA SER A 6 21.02 -10.62 7.31
C SER A 6 20.02 -9.48 7.18
N GLY A 7 18.94 -9.55 7.96
CA GLY A 7 17.93 -8.51 7.92
C GLY A 7 16.52 -9.09 7.78
N ASP A 8 16.07 -9.79 8.81
CA ASP A 8 14.75 -10.38 8.81
C ASP A 8 13.72 -9.45 9.45
N ALA A 9 14.06 -8.16 9.49
CA ALA A 9 13.16 -7.17 10.06
C ALA A 9 11.97 -6.90 9.17
N PHE A 10 11.94 -7.57 8.02
CA PHE A 10 10.85 -7.40 7.06
C PHE A 10 9.94 -8.64 7.06
N THR A 11 9.96 -9.37 8.16
CA THR A 11 9.14 -10.57 8.28
C THR A 11 7.73 -10.23 8.73
N ASP A 12 6.75 -10.98 8.22
CA ASP A 12 5.35 -10.75 8.56
C ASP A 12 5.21 -10.42 10.05
N GLN A 13 5.55 -11.38 10.90
CA GLN A 13 5.45 -11.18 12.34
C GLN A 13 5.94 -9.80 12.74
N LYS A 14 7.02 -9.35 12.11
CA LYS A 14 7.59 -8.04 12.39
C LYS A 14 6.73 -6.93 11.79
N ILE A 15 6.17 -7.19 10.61
CA ILE A 15 5.33 -6.21 9.94
C ILE A 15 4.05 -5.96 10.72
N ARG A 16 3.37 -7.02 11.13
CA ARG A 16 2.14 -6.91 11.90
C ARG A 16 2.40 -6.25 13.25
N GLN A 17 3.50 -6.63 13.89
CA GLN A 17 3.86 -6.09 15.19
C GLN A 17 4.36 -4.65 15.05
N ARG A 18 4.93 -4.33 13.89
CA ARG A 18 5.46 -3.00 13.63
C ARG A 18 4.31 -2.01 13.44
N TYR A 19 3.27 -2.44 12.74
CA TYR A 19 2.12 -1.58 12.48
C TYR A 19 0.94 -1.97 13.34
N ALA A 20 1.19 -2.81 14.35
CA ALA A 20 0.15 -3.26 15.26
C ALA A 20 -0.45 -2.10 16.04
N ASP A 21 0.31 -1.01 16.14
CA ASP A 21 -0.13 0.18 16.86
C ASP A 21 -1.23 0.91 16.09
N LEU A 22 -1.22 0.75 14.77
CA LEU A 22 -2.21 1.40 13.91
C LEU A 22 -3.62 1.06 14.36
N PRO A 23 -4.57 1.97 14.10
CA PRO A 23 -5.98 1.78 14.46
C PRO A 23 -6.65 0.69 13.63
N GLY A 24 -6.50 0.77 12.31
CA GLY A 24 -7.10 -0.22 11.43
C GLY A 24 -6.44 -1.58 11.56
N GLU A 25 -6.90 -2.53 10.75
CA GLU A 25 -6.35 -3.87 10.77
C GLU A 25 -5.45 -4.12 9.57
N LEU A 26 -4.27 -4.69 9.83
CA LEU A 26 -3.31 -4.97 8.77
C LEU A 26 -3.84 -6.06 7.84
N HIS A 27 -3.77 -5.81 6.53
CA HIS A 27 -4.24 -6.77 5.55
C HIS A 27 -3.21 -6.95 4.43
N ILE A 28 -2.37 -7.97 4.57
CA ILE A 28 -1.34 -8.25 3.58
C ILE A 28 -1.84 -9.23 2.52
N ILE A 29 -2.05 -8.73 1.31
CA ILE A 29 -2.54 -9.55 0.21
C ILE A 29 -1.59 -9.48 -0.98
N GLU A 30 -1.37 -10.63 -1.62
CA GLU A 30 -0.48 -10.70 -2.78
C GLU A 30 -1.26 -10.50 -4.07
N LEU A 31 -0.89 -9.47 -4.83
CA LEU A 31 -1.56 -9.17 -6.09
C LEU A 31 -0.59 -9.29 -7.26
N GLU A 32 -1.01 -9.99 -8.31
CA GLU A 32 -0.18 -10.18 -9.48
C GLU A 32 -0.49 -9.11 -10.54
N LYS A 33 0.53 -8.34 -10.90
CA LYS A 33 0.38 -7.29 -11.90
C LYS A 33 -0.35 -7.81 -13.14
N ASP A 34 -1.55 -7.30 -13.37
CA ASP A 34 -2.35 -7.72 -14.51
C ASP A 34 -1.75 -7.16 -15.81
N LYS A 35 -2.39 -7.50 -16.93
CA LYS A 35 -1.93 -7.03 -18.24
C LYS A 35 -1.51 -5.57 -18.18
N ASN A 36 -2.12 -4.81 -17.28
CA ASN A 36 -1.81 -3.40 -17.12
C ASN A 36 -1.12 -3.14 -15.78
N GLY A 37 -1.19 -4.12 -14.89
CA GLY A 37 -0.57 -3.98 -13.59
C GLY A 37 -1.55 -3.53 -12.51
N LEU A 38 -1.12 -3.59 -11.26
CA LEU A 38 -1.97 -3.20 -10.14
C LEU A 38 -2.63 -1.84 -10.41
N GLY A 39 -3.95 -1.82 -10.40
CA GLY A 39 -4.69 -0.58 -10.64
C GLY A 39 -5.39 -0.08 -9.40
N LEU A 40 -4.93 1.06 -8.89
CA LEU A 40 -5.52 1.66 -7.70
C LEU A 40 -5.42 3.19 -7.74
N SER A 41 -6.49 3.85 -7.32
CA SER A 41 -6.52 5.31 -7.32
C SER A 41 -5.98 5.86 -6.00
N LEU A 42 -4.73 6.32 -6.03
CA LEU A 42 -4.09 6.88 -4.84
C LEU A 42 -4.34 8.38 -4.73
N ALA A 43 -4.31 8.89 -3.51
CA ALA A 43 -4.53 10.30 -3.27
C ALA A 43 -3.90 10.75 -1.95
N GLY A 44 -3.02 11.73 -2.02
CA GLY A 44 -2.35 12.23 -0.83
C GLY A 44 -3.34 12.70 0.22
N ASN A 45 -3.06 12.37 1.48
CA ASN A 45 -3.92 12.77 2.59
C ASN A 45 -4.54 14.13 2.33
N LYS A 46 -5.74 14.34 2.86
CA LYS A 46 -6.44 15.61 2.69
C LYS A 46 -5.52 16.79 2.98
N ASP A 47 -4.71 16.66 4.03
CA ASP A 47 -3.78 17.71 4.41
C ASP A 47 -2.45 17.55 3.68
N ARG A 48 -2.06 18.57 2.93
CA ARG A 48 -0.81 18.53 2.17
C ARG A 48 0.38 18.26 3.10
N SER A 49 0.44 18.99 4.21
CA SER A 49 1.52 18.83 5.17
C SER A 49 1.74 17.35 5.51
N ARG A 50 0.67 16.58 5.41
CA ARG A 50 0.73 15.14 5.70
C ARG A 50 1.45 14.39 4.59
N MET A 51 2.02 13.24 4.93
CA MET A 51 2.75 12.44 3.95
C MET A 51 2.36 10.97 4.09
N SER A 52 1.38 10.53 3.31
CA SER A 52 0.91 9.15 3.35
C SER A 52 0.15 8.80 2.08
N ILE A 53 -0.01 7.50 1.83
CA ILE A 53 -0.72 7.04 0.65
C ILE A 53 -2.02 6.34 1.03
N PHE A 54 -3.11 6.67 0.34
CA PHE A 54 -4.41 6.08 0.61
C PHE A 54 -5.08 5.62 -0.69
N VAL A 55 -6.08 4.76 -0.55
CA VAL A 55 -6.81 4.25 -1.71
C VAL A 55 -8.21 4.83 -1.78
N VAL A 56 -8.42 5.74 -2.72
CA VAL A 56 -9.72 6.38 -2.89
C VAL A 56 -10.48 5.76 -4.06
N GLY A 57 -9.91 4.71 -4.64
CA GLY A 57 -10.54 4.04 -5.76
C GLY A 57 -9.82 2.77 -6.18
N ILE A 58 -10.57 1.81 -6.69
CA ILE A 58 -9.99 0.54 -7.12
C ILE A 58 -10.48 0.16 -8.52
N ASN A 59 -9.63 0.34 -9.52
CA ASN A 59 -9.98 0.02 -10.90
C ASN A 59 -10.66 -1.35 -10.97
N PRO A 60 -11.89 -1.36 -11.50
CA PRO A 60 -12.68 -2.57 -11.65
C PRO A 60 -12.12 -3.52 -12.71
N GLU A 61 -11.17 -3.01 -13.49
CA GLU A 61 -10.54 -3.80 -14.54
C GLU A 61 -9.18 -4.33 -14.10
N GLY A 62 -8.64 -3.72 -13.04
CA GLY A 62 -7.35 -4.14 -12.52
C GLY A 62 -7.44 -5.38 -11.66
N PRO A 63 -6.28 -5.89 -11.23
CA PRO A 63 -6.21 -7.08 -10.38
C PRO A 63 -6.75 -6.85 -8.98
N ALA A 64 -6.47 -5.66 -8.44
CA ALA A 64 -6.93 -5.30 -7.10
C ALA A 64 -8.42 -5.53 -6.95
N ALA A 65 -9.16 -5.34 -8.05
CA ALA A 65 -10.61 -5.54 -8.04
C ALA A 65 -10.97 -7.03 -8.05
N ALA A 66 -10.15 -7.81 -8.76
CA ALA A 66 -10.39 -9.25 -8.85
C ALA A 66 -10.35 -9.90 -7.47
N ASP A 67 -9.35 -9.53 -6.67
CA ASP A 67 -9.21 -10.08 -5.32
C ASP A 67 -10.41 -9.71 -4.46
N GLY A 68 -10.73 -8.42 -4.40
CA GLY A 68 -11.85 -7.97 -3.61
C GLY A 68 -11.46 -7.63 -2.18
N ARG A 69 -10.28 -8.09 -1.77
CA ARG A 69 -9.79 -7.85 -0.42
C ARG A 69 -9.49 -6.37 -0.22
N MET A 70 -8.92 -5.73 -1.23
CA MET A 70 -8.58 -4.31 -1.17
C MET A 70 -9.85 -3.46 -1.23
N ARG A 71 -9.92 -2.44 -0.37
CA ARG A 71 -11.07 -1.54 -0.33
C ARG A 71 -10.63 -0.09 -0.31
N ILE A 72 -11.58 0.82 -0.46
CA ILE A 72 -11.30 2.25 -0.44
C ILE A 72 -11.00 2.74 0.97
N GLY A 73 -9.80 3.28 1.16
CA GLY A 73 -9.42 3.78 2.46
C GLY A 73 -8.12 3.18 2.96
N ASP A 74 -7.70 2.08 2.34
CA ASP A 74 -6.46 1.40 2.73
C ASP A 74 -5.28 2.37 2.69
N GLU A 75 -4.27 2.08 3.50
CA GLU A 75 -3.08 2.93 3.57
C GLU A 75 -1.82 2.11 3.31
N LEU A 76 -1.36 2.11 2.07
CA LEU A 76 -0.16 1.37 1.70
C LEU A 76 1.01 1.71 2.64
N LEU A 77 1.63 0.67 3.19
CA LEU A 77 2.75 0.85 4.10
C LEU A 77 4.05 0.43 3.45
N GLU A 78 4.03 -0.72 2.77
CA GLU A 78 5.21 -1.24 2.10
C GLU A 78 4.83 -1.99 0.83
N ILE A 79 5.76 -2.06 -0.12
CA ILE A 79 5.52 -2.75 -1.38
C ILE A 79 6.82 -3.30 -1.95
N ASN A 80 6.72 -4.48 -2.57
CA ASN A 80 7.89 -5.13 -3.16
C ASN A 80 9.14 -4.86 -2.33
N ASN A 81 9.04 -5.09 -1.02
CA ASN A 81 10.16 -4.87 -0.12
C ASN A 81 10.65 -3.43 -0.19
N GLN A 82 9.73 -2.49 0.01
CA GLN A 82 10.06 -1.08 -0.02
C GLN A 82 9.05 -0.26 0.77
N ILE A 83 9.46 0.20 1.95
CA ILE A 83 8.58 0.99 2.81
C ILE A 83 8.24 2.33 2.16
N LEU A 84 6.96 2.65 2.11
CA LEU A 84 6.51 3.89 1.52
C LEU A 84 6.26 4.95 2.59
N TYR A 85 5.88 4.51 3.78
CA TYR A 85 5.62 5.41 4.90
C TYR A 85 6.59 6.59 4.87
N GLY A 86 6.13 7.73 4.37
CA GLY A 86 6.97 8.91 4.31
C GLY A 86 7.36 9.26 2.89
N ARG A 87 6.52 8.88 1.93
CA ARG A 87 6.80 9.15 0.52
C ARG A 87 5.54 9.64 -0.19
N SER A 88 5.64 9.85 -1.49
CA SER A 88 4.51 10.32 -2.29
C SER A 88 3.88 9.18 -3.06
N HIS A 89 2.55 9.21 -3.18
CA HIS A 89 1.82 8.17 -3.90
C HIS A 89 2.44 7.94 -5.27
N GLN A 90 3.08 8.96 -5.82
CA GLN A 90 3.70 8.87 -7.13
C GLN A 90 4.80 7.81 -7.13
N ASN A 91 5.48 7.67 -6.00
CA ASN A 91 6.55 6.69 -5.86
C ASN A 91 6.01 5.27 -5.90
N ALA A 92 5.06 4.98 -5.02
CA ALA A 92 4.44 3.66 -4.95
C ALA A 92 4.28 3.07 -6.34
N SER A 93 3.55 3.78 -7.20
CA SER A 93 3.31 3.32 -8.56
C SER A 93 4.61 2.95 -9.25
N ALA A 94 5.63 3.77 -9.06
CA ALA A 94 6.94 3.52 -9.66
C ALA A 94 7.55 2.23 -9.14
N ILE A 95 7.47 2.02 -7.83
CA ILE A 95 8.02 0.83 -7.20
C ILE A 95 7.37 -0.43 -7.76
N ILE A 96 6.05 -0.38 -7.93
CA ILE A 96 5.31 -1.51 -8.47
C ILE A 96 5.72 -1.81 -9.90
N LYS A 97 5.82 -0.77 -10.72
CA LYS A 97 6.21 -0.92 -12.12
C LYS A 97 7.51 -1.69 -12.24
N THR A 98 8.48 -1.34 -11.40
CA THR A 98 9.78 -2.01 -11.41
C THR A 98 9.69 -3.40 -10.81
N ALA A 99 8.72 -3.60 -9.92
CA ALA A 99 8.52 -4.88 -9.26
C ALA A 99 8.06 -5.94 -10.26
N PRO A 100 8.36 -7.22 -9.97
CA PRO A 100 7.99 -8.34 -10.83
C PRO A 100 6.49 -8.59 -10.83
N SER A 101 6.05 -9.49 -11.71
CA SER A 101 4.62 -9.81 -11.81
C SER A 101 3.98 -9.91 -10.43
N LYS A 102 4.50 -10.83 -9.62
CA LYS A 102 3.99 -11.03 -8.28
C LYS A 102 4.57 -10.01 -7.30
N VAL A 103 3.70 -9.13 -6.80
CA VAL A 103 4.13 -8.09 -5.86
C VAL A 103 3.36 -8.19 -4.54
N LYS A 104 4.02 -7.81 -3.46
CA LYS A 104 3.39 -7.85 -2.14
C LYS A 104 2.98 -6.46 -1.69
N LEU A 105 1.73 -6.34 -1.24
CA LEU A 105 1.21 -5.05 -0.78
C LEU A 105 0.77 -5.14 0.68
N VAL A 106 1.39 -4.32 1.53
CA VAL A 106 1.06 -4.30 2.95
C VAL A 106 0.37 -2.99 3.34
N PHE A 107 -0.94 -3.04 3.50
CA PHE A 107 -1.70 -1.84 3.87
C PHE A 107 -2.61 -2.13 5.06
N ILE A 108 -3.25 -1.09 5.58
CA ILE A 108 -4.14 -1.24 6.72
C ILE A 108 -5.55 -0.78 6.38
N ARG A 109 -6.54 -1.57 6.77
CA ARG A 109 -7.94 -1.24 6.50
C ARG A 109 -8.55 -0.48 7.67
N ASN A 110 -8.34 0.83 7.68
CA ASN A 110 -8.87 1.68 8.74
C ASN A 110 -10.10 2.44 8.26
N GLU A 111 -11.25 2.13 8.84
CA GLU A 111 -12.51 2.78 8.49
C GLU A 111 -12.37 4.29 8.55
N ASP A 112 -11.56 4.77 9.49
CA ASP A 112 -11.34 6.20 9.66
C ASP A 112 -10.55 6.77 8.48
N ALA A 113 -9.76 5.92 7.84
CA ALA A 113 -8.95 6.35 6.70
C ALA A 113 -9.79 7.09 5.68
N VAL A 114 -10.89 6.47 5.25
CA VAL A 114 -11.79 7.08 4.27
C VAL A 114 -12.01 8.56 4.57
N ASN A 115 -11.91 8.91 5.84
CA ASN A 115 -12.10 10.30 6.26
C ASN A 115 -10.81 11.09 6.12
N GLN A 116 -9.70 10.47 6.54
CA GLN A 116 -8.40 11.13 6.46
C GLN A 116 -7.96 11.30 5.00
N MET A 117 -7.81 10.18 4.30
CA MET A 117 -7.41 10.22 2.90
C MET A 117 -8.20 11.25 2.12
N ALA A 118 -7.60 11.79 1.06
CA ALA A 118 -8.25 12.79 0.23
C ALA A 118 -8.87 12.16 -1.01
N SER A 119 -9.90 12.81 -1.54
CA SER A 119 -10.58 12.31 -2.74
C SER A 119 -10.45 13.29 -3.90
N GLY A 120 -9.88 12.81 -5.00
CA GLY A 120 -9.70 13.66 -6.16
C GLY A 120 -8.28 13.65 -6.69
N PRO A 121 -7.93 12.60 -7.44
CA PRO A 121 -6.59 12.45 -8.01
C PRO A 121 -6.31 13.46 -9.12
N SER A 122 -5.07 13.92 -9.18
CA SER A 122 -4.68 14.90 -10.19
C SER A 122 -3.15 14.97 -10.31
N SER A 123 -2.69 15.63 -11.35
CA SER A 123 -1.25 15.77 -11.59
C SER A 123 -0.62 16.70 -10.57
N GLY A 124 0.29 16.16 -9.75
CA GLY A 124 0.95 16.95 -8.73
C GLY A 124 2.25 16.34 -8.29
N GLY A 1 23.83 -9.83 16.77
CA GLY A 1 24.84 -10.86 16.70
C GLY A 1 24.25 -12.21 16.32
N SER A 2 23.65 -12.89 17.29
CA SER A 2 23.04 -14.20 17.06
C SER A 2 21.59 -14.21 17.50
N SER A 3 20.85 -15.22 17.05
CA SER A 3 19.44 -15.36 17.40
C SER A 3 18.66 -14.10 17.02
N GLY A 4 18.96 -13.56 15.85
CA GLY A 4 18.30 -12.36 15.39
C GLY A 4 19.03 -11.68 14.25
N SER A 5 19.35 -12.45 13.22
CA SER A 5 20.06 -11.92 12.06
C SER A 5 19.43 -10.61 11.59
N SER A 6 20.27 -9.60 11.38
CA SER A 6 19.80 -8.30 10.93
C SER A 6 19.45 -8.32 9.45
N GLY A 7 18.15 -8.42 9.16
CA GLY A 7 17.70 -8.45 7.77
C GLY A 7 16.28 -8.95 7.64
N ASP A 8 15.84 -9.75 8.61
CA ASP A 8 14.49 -10.29 8.59
C ASP A 8 13.51 -9.34 9.27
N ALA A 9 13.80 -8.04 9.17
CA ALA A 9 12.95 -7.02 9.77
C ALA A 9 11.73 -6.72 8.88
N PHE A 10 11.74 -7.29 7.68
CA PHE A 10 10.66 -7.08 6.74
C PHE A 10 9.70 -8.28 6.73
N THR A 11 9.80 -9.11 7.76
CA THR A 11 8.96 -10.29 7.87
C THR A 11 7.59 -9.93 8.44
N ASP A 12 6.54 -10.52 7.87
CA ASP A 12 5.18 -10.27 8.32
C ASP A 12 5.13 -10.11 9.84
N GLN A 13 5.49 -11.18 10.55
CA GLN A 13 5.49 -11.17 12.00
C GLN A 13 5.96 -9.83 12.54
N LYS A 14 6.98 -9.26 11.89
CA LYS A 14 7.54 -7.98 12.31
C LYS A 14 6.67 -6.83 11.79
N ILE A 15 6.14 -7.00 10.58
CA ILE A 15 5.29 -5.96 9.98
C ILE A 15 4.03 -5.75 10.80
N ARG A 16 3.35 -6.84 11.13
CA ARG A 16 2.12 -6.76 11.91
C ARG A 16 2.38 -6.11 13.27
N GLN A 17 3.48 -6.52 13.91
CA GLN A 17 3.84 -5.98 15.22
C GLN A 17 4.36 -4.55 15.09
N ARG A 18 4.94 -4.23 13.94
CA ARG A 18 5.49 -2.91 13.69
C ARG A 18 4.37 -1.89 13.51
N TYR A 19 3.33 -2.27 12.77
CA TYR A 19 2.20 -1.39 12.52
C TYR A 19 0.99 -1.81 13.35
N ALA A 20 1.24 -2.59 14.39
CA ALA A 20 0.18 -3.06 15.27
C ALA A 20 -0.44 -1.91 16.05
N ASP A 21 0.32 -0.81 16.17
CA ASP A 21 -0.15 0.36 16.90
C ASP A 21 -1.30 1.03 16.16
N LEU A 22 -1.28 0.94 14.83
CA LEU A 22 -2.32 1.54 14.00
C LEU A 22 -3.71 1.13 14.48
N PRO A 23 -4.70 2.00 14.25
CA PRO A 23 -6.08 1.76 14.64
C PRO A 23 -6.73 0.64 13.82
N GLY A 24 -6.60 0.74 12.51
CA GLY A 24 -7.18 -0.26 11.63
C GLY A 24 -6.54 -1.63 11.81
N GLU A 25 -6.64 -2.48 10.79
CA GLU A 25 -6.09 -3.81 10.86
C GLU A 25 -5.19 -4.08 9.64
N LEU A 26 -3.98 -4.57 9.90
CA LEU A 26 -3.03 -4.86 8.84
C LEU A 26 -3.53 -6.02 7.97
N HIS A 27 -3.54 -5.81 6.65
CA HIS A 27 -3.99 -6.83 5.72
C HIS A 27 -3.01 -6.97 4.56
N ILE A 28 -2.19 -8.01 4.60
CA ILE A 28 -1.21 -8.25 3.54
C ILE A 28 -1.75 -9.22 2.50
N ILE A 29 -2.01 -8.72 1.30
CA ILE A 29 -2.53 -9.54 0.22
C ILE A 29 -1.59 -9.52 -0.98
N GLU A 30 -1.49 -10.66 -1.66
CA GLU A 30 -0.61 -10.77 -2.83
C GLU A 30 -1.43 -10.64 -4.11
N LEU A 31 -1.14 -9.60 -4.89
CA LEU A 31 -1.83 -9.35 -6.15
C LEU A 31 -0.87 -9.40 -7.33
N GLU A 32 -1.16 -10.28 -8.29
CA GLU A 32 -0.30 -10.43 -9.47
C GLU A 32 -0.66 -9.38 -10.52
N LYS A 33 0.24 -8.43 -10.74
CA LYS A 33 0.03 -7.38 -11.71
C LYS A 33 -0.75 -7.89 -12.92
N ASP A 34 -1.89 -7.27 -13.20
CA ASP A 34 -2.72 -7.67 -14.32
C ASP A 34 -2.18 -7.10 -15.63
N LYS A 35 -2.85 -7.43 -16.74
CA LYS A 35 -2.44 -6.96 -18.05
C LYS A 35 -1.90 -5.53 -17.97
N ASN A 36 -2.45 -4.75 -17.04
CA ASN A 36 -2.02 -3.37 -16.87
C ASN A 36 -1.23 -3.20 -15.56
N GLY A 37 -1.65 -3.94 -14.54
CA GLY A 37 -0.96 -3.87 -13.25
C GLY A 37 -1.92 -3.59 -12.11
N LEU A 38 -1.37 -3.34 -10.93
CA LEU A 38 -2.18 -3.05 -9.75
C LEU A 38 -2.87 -1.69 -9.87
N GLY A 39 -4.02 -1.68 -10.53
CA GLY A 39 -4.77 -0.45 -10.70
C GLY A 39 -5.41 0.03 -9.42
N LEU A 40 -4.86 1.08 -8.83
CA LEU A 40 -5.38 1.63 -7.59
C LEU A 40 -5.23 3.15 -7.56
N SER A 41 -6.30 3.83 -7.16
CA SER A 41 -6.30 5.29 -7.10
C SER A 41 -5.69 5.77 -5.78
N LEU A 42 -4.55 6.45 -5.87
CA LEU A 42 -3.86 6.96 -4.70
C LEU A 42 -4.01 8.48 -4.59
N ALA A 43 -4.13 8.97 -3.36
CA ALA A 43 -4.28 10.39 -3.12
C ALA A 43 -3.70 10.79 -1.77
N GLY A 44 -2.71 11.66 -1.79
CA GLY A 44 -2.08 12.10 -0.55
C GLY A 44 -3.08 12.46 0.52
N ASN A 45 -2.64 12.47 1.77
CA ASN A 45 -3.51 12.80 2.89
C ASN A 45 -4.10 14.20 2.74
N LYS A 46 -5.34 14.35 3.18
CA LYS A 46 -6.03 15.64 3.10
C LYS A 46 -5.05 16.79 3.36
N ASP A 47 -4.29 16.68 4.44
CA ASP A 47 -3.32 17.70 4.79
C ASP A 47 -2.00 17.47 4.07
N ARG A 48 -1.69 18.34 3.11
CA ARG A 48 -0.47 18.23 2.34
C ARG A 48 0.73 18.00 3.25
N SER A 49 0.88 18.87 4.25
CA SER A 49 1.99 18.76 5.19
C SER A 49 2.29 17.30 5.51
N ARG A 50 1.24 16.49 5.62
CA ARG A 50 1.40 15.08 5.92
C ARG A 50 1.74 14.29 4.67
N MET A 51 2.59 13.27 4.83
CA MET A 51 3.00 12.44 3.71
C MET A 51 2.56 10.99 3.91
N SER A 52 1.40 10.64 3.35
CA SER A 52 0.87 9.29 3.47
C SER A 52 0.07 8.91 2.24
N ILE A 53 0.14 7.63 1.87
CA ILE A 53 -0.59 7.14 0.70
C ILE A 53 -1.86 6.40 1.11
N PHE A 54 -2.93 6.60 0.36
CA PHE A 54 -4.21 5.95 0.65
C PHE A 54 -4.85 5.43 -0.63
N VAL A 55 -5.98 4.75 -0.48
CA VAL A 55 -6.70 4.20 -1.63
C VAL A 55 -8.11 4.78 -1.72
N VAL A 56 -8.32 5.67 -2.68
CA VAL A 56 -9.63 6.29 -2.87
C VAL A 56 -10.36 5.68 -4.06
N GLY A 57 -9.80 4.58 -4.58
CA GLY A 57 -10.42 3.92 -5.72
C GLY A 57 -9.72 2.62 -6.08
N ILE A 58 -10.45 1.71 -6.69
CA ILE A 58 -9.89 0.42 -7.09
C ILE A 58 -10.30 0.05 -8.51
N ASN A 59 -9.43 0.33 -9.47
CA ASN A 59 -9.70 0.03 -10.87
C ASN A 59 -10.33 -1.36 -11.01
N PRO A 60 -11.53 -1.41 -11.61
CA PRO A 60 -12.26 -2.66 -11.82
C PRO A 60 -11.60 -3.55 -12.86
N GLU A 61 -10.57 -3.02 -13.52
CA GLU A 61 -9.85 -3.76 -14.54
C GLU A 61 -8.53 -4.32 -13.98
N GLY A 62 -8.11 -3.81 -12.84
CA GLY A 62 -6.89 -4.26 -12.22
C GLY A 62 -7.08 -5.52 -11.41
N PRO A 63 -5.99 -6.02 -10.80
CA PRO A 63 -6.02 -7.23 -9.97
C PRO A 63 -6.75 -7.01 -8.66
N ALA A 64 -6.38 -5.96 -7.95
CA ALA A 64 -7.01 -5.63 -6.67
C ALA A 64 -8.52 -5.83 -6.73
N ALA A 65 -9.11 -5.51 -7.89
CA ALA A 65 -10.54 -5.66 -8.08
C ALA A 65 -10.92 -7.12 -8.29
N ALA A 66 -10.10 -7.84 -9.05
CA ALA A 66 -10.35 -9.25 -9.32
C ALA A 66 -10.27 -10.08 -8.05
N ASP A 67 -9.21 -9.87 -7.27
CA ASP A 67 -9.02 -10.60 -6.02
C ASP A 67 -10.16 -10.33 -5.06
N GLY A 68 -10.60 -9.08 -4.99
CA GLY A 68 -11.68 -8.72 -4.10
C GLY A 68 -11.25 -8.64 -2.65
N ARG A 69 -10.07 -8.07 -2.42
CA ARG A 69 -9.54 -7.94 -1.06
C ARG A 69 -9.39 -6.48 -0.68
N MET A 70 -8.58 -5.75 -1.44
CA MET A 70 -8.36 -4.33 -1.18
C MET A 70 -9.67 -3.56 -1.19
N ARG A 71 -9.72 -2.47 -0.43
CA ARG A 71 -10.92 -1.64 -0.35
C ARG A 71 -10.56 -0.15 -0.34
N ILE A 72 -11.58 0.70 -0.36
CA ILE A 72 -11.37 2.14 -0.35
C ILE A 72 -11.10 2.65 1.06
N GLY A 73 -9.92 3.23 1.26
CA GLY A 73 -9.55 3.75 2.56
C GLY A 73 -8.24 3.20 3.06
N ASP A 74 -7.84 2.04 2.52
CA ASP A 74 -6.59 1.41 2.93
C ASP A 74 -5.42 2.37 2.82
N GLU A 75 -4.35 2.09 3.54
CA GLU A 75 -3.16 2.94 3.53
C GLU A 75 -1.90 2.11 3.30
N LEU A 76 -1.45 2.08 2.05
CA LEU A 76 -0.25 1.32 1.69
C LEU A 76 0.92 1.68 2.61
N LEU A 77 1.58 0.66 3.15
CA LEU A 77 2.72 0.87 4.03
C LEU A 77 4.01 0.39 3.39
N GLU A 78 3.94 -0.75 2.70
CA GLU A 78 5.11 -1.31 2.04
C GLU A 78 4.71 -2.04 0.77
N ILE A 79 5.61 -2.07 -0.20
CA ILE A 79 5.35 -2.74 -1.48
C ILE A 79 6.64 -3.28 -2.09
N ASN A 80 6.60 -4.55 -2.50
CA ASN A 80 7.77 -5.18 -3.11
C ASN A 80 9.02 -4.97 -2.25
N ASN A 81 8.84 -5.02 -0.94
CA ASN A 81 9.95 -4.83 0.00
C ASN A 81 10.46 -3.39 -0.06
N GLN A 82 9.54 -2.44 0.04
CA GLN A 82 9.89 -1.02 0.01
C GLN A 82 8.90 -0.19 0.82
N ILE A 83 9.33 0.25 1.99
CA ILE A 83 8.48 1.05 2.87
C ILE A 83 8.14 2.39 2.21
N LEU A 84 6.85 2.69 2.12
CA LEU A 84 6.40 3.95 1.52
C LEU A 84 6.18 5.01 2.59
N TYR A 85 5.89 4.57 3.81
CA TYR A 85 5.66 5.48 4.92
C TYR A 85 6.63 6.65 4.87
N GLY A 86 6.20 7.74 4.26
CA GLY A 86 7.04 8.93 4.16
C GLY A 86 7.43 9.24 2.73
N ARG A 87 6.56 8.90 1.79
CA ARG A 87 6.81 9.15 0.38
C ARG A 87 5.54 9.60 -0.33
N SER A 88 5.68 9.97 -1.60
CA SER A 88 4.55 10.42 -2.39
C SER A 88 3.91 9.26 -3.15
N HIS A 89 2.59 9.27 -3.24
CA HIS A 89 1.86 8.21 -3.94
C HIS A 89 2.47 7.94 -5.31
N GLN A 90 2.86 9.01 -6.00
CA GLN A 90 3.45 8.88 -7.32
C GLN A 90 4.62 7.89 -7.30
N ASN A 91 5.37 7.90 -6.20
CA ASN A 91 6.51 7.00 -6.06
C ASN A 91 6.05 5.55 -5.93
N ALA A 92 5.07 5.33 -5.06
CA ALA A 92 4.54 3.98 -4.84
C ALA A 92 4.34 3.25 -6.16
N SER A 93 3.58 3.87 -7.07
CA SER A 93 3.32 3.27 -8.37
C SER A 93 4.61 2.86 -9.06
N ALA A 94 5.62 3.71 -8.96
CA ALA A 94 6.92 3.44 -9.57
C ALA A 94 7.50 2.12 -9.06
N ILE A 95 7.43 1.93 -7.75
CA ILE A 95 7.95 0.71 -7.14
C ILE A 95 7.27 -0.53 -7.71
N ILE A 96 5.96 -0.45 -7.87
CA ILE A 96 5.19 -1.57 -8.41
C ILE A 96 5.60 -1.87 -9.85
N LYS A 97 5.75 -0.83 -10.65
CA LYS A 97 6.14 -0.98 -12.04
C LYS A 97 7.43 -1.80 -12.16
N THR A 98 8.40 -1.49 -11.30
CA THR A 98 9.66 -2.20 -11.31
C THR A 98 9.52 -3.59 -10.71
N ALA A 99 8.56 -3.76 -9.82
CA ALA A 99 8.32 -5.04 -9.17
C ALA A 99 7.81 -6.07 -10.17
N PRO A 100 8.11 -7.35 -9.91
CA PRO A 100 7.69 -8.46 -10.78
C PRO A 100 6.19 -8.71 -10.73
N SER A 101 5.70 -9.53 -11.66
CA SER A 101 4.28 -9.83 -11.73
C SER A 101 3.67 -9.89 -10.32
N LYS A 102 4.19 -10.78 -9.49
CA LYS A 102 3.71 -10.93 -8.13
C LYS A 102 4.33 -9.89 -7.20
N VAL A 103 3.48 -9.05 -6.61
CA VAL A 103 3.96 -8.01 -5.70
C VAL A 103 3.22 -8.08 -4.37
N LYS A 104 3.98 -8.00 -3.28
CA LYS A 104 3.41 -8.05 -1.94
C LYS A 104 3.00 -6.65 -1.47
N LEU A 105 1.71 -6.49 -1.18
CA LEU A 105 1.19 -5.21 -0.72
C LEU A 105 0.79 -5.27 0.75
N VAL A 106 1.41 -4.41 1.56
CA VAL A 106 1.12 -4.37 2.99
C VAL A 106 0.45 -3.06 3.37
N PHE A 107 -0.86 -3.11 3.60
CA PHE A 107 -1.62 -1.93 3.97
C PHE A 107 -2.50 -2.21 5.20
N ILE A 108 -3.23 -1.20 5.63
CA ILE A 108 -4.11 -1.33 6.78
C ILE A 108 -5.54 -0.96 6.43
N ARG A 109 -6.49 -1.81 6.86
CA ARG A 109 -7.90 -1.58 6.58
C ARG A 109 -8.54 -0.77 7.71
N ASN A 110 -8.51 0.55 7.59
CA ASN A 110 -9.09 1.43 8.59
C ASN A 110 -10.26 2.22 8.01
N GLU A 111 -11.46 1.86 8.42
CA GLU A 111 -12.67 2.53 7.94
C GLU A 111 -12.55 4.04 8.11
N ASP A 112 -11.95 4.46 9.23
CA ASP A 112 -11.78 5.88 9.51
C ASP A 112 -10.88 6.54 8.45
N ALA A 113 -10.00 5.75 7.87
CA ALA A 113 -9.09 6.25 6.84
C ALA A 113 -9.85 6.99 5.74
N VAL A 114 -10.97 6.41 5.32
CA VAL A 114 -11.79 7.01 4.27
C VAL A 114 -11.92 8.52 4.48
N ASN A 115 -11.96 8.94 5.74
CA ASN A 115 -12.08 10.35 6.07
C ASN A 115 -10.73 11.05 6.03
N GLN A 116 -9.71 10.37 6.56
CA GLN A 116 -8.35 10.91 6.57
C GLN A 116 -7.85 11.16 5.16
N MET A 117 -7.71 10.09 4.39
CA MET A 117 -7.23 10.19 3.01
C MET A 117 -7.99 11.28 2.26
N ALA A 118 -7.29 11.95 1.34
CA ALA A 118 -7.91 13.01 0.55
C ALA A 118 -8.66 12.43 -0.65
N SER A 119 -9.40 13.28 -1.34
CA SER A 119 -10.16 12.86 -2.51
C SER A 119 -9.71 13.61 -3.76
N GLY A 120 -9.21 12.87 -4.75
CA GLY A 120 -8.76 13.48 -5.98
C GLY A 120 -7.39 12.97 -6.41
N PRO A 121 -7.38 11.84 -7.13
CA PRO A 121 -6.14 11.23 -7.62
C PRO A 121 -5.47 12.05 -8.71
N SER A 122 -6.06 13.21 -9.02
CA SER A 122 -5.52 14.08 -10.06
C SER A 122 -4.73 15.23 -9.43
N SER A 123 -4.00 14.92 -8.36
CA SER A 123 -3.20 15.92 -7.67
C SER A 123 -2.30 16.67 -8.65
N GLY A 124 -2.16 17.97 -8.44
CA GLY A 124 -1.34 18.78 -9.31
C GLY A 124 -0.47 19.76 -8.54
N GLY A 1 28.96 -3.17 7.43
CA GLY A 1 30.02 -4.03 7.93
C GLY A 1 29.55 -4.98 9.00
N SER A 2 28.95 -6.09 8.58
CA SER A 2 28.44 -7.08 9.52
C SER A 2 28.46 -8.48 8.89
N SER A 3 28.47 -9.50 9.74
CA SER A 3 28.49 -10.89 9.29
C SER A 3 27.09 -11.49 9.32
N GLY A 4 26.95 -12.67 8.73
CA GLY A 4 25.66 -13.34 8.71
C GLY A 4 24.58 -12.48 8.09
N SER A 5 24.81 -12.03 6.85
CA SER A 5 23.84 -11.19 6.16
C SER A 5 22.45 -11.78 6.24
N SER A 6 21.56 -11.10 6.96
CA SER A 6 20.19 -11.56 7.13
C SER A 6 19.27 -10.40 7.52
N GLY A 7 18.39 -10.01 6.61
CA GLY A 7 17.46 -8.93 6.88
C GLY A 7 16.02 -9.37 6.84
N ASP A 8 15.59 -10.07 7.88
CA ASP A 8 14.21 -10.54 7.96
C ASP A 8 13.34 -9.56 8.74
N ALA A 9 13.60 -8.27 8.56
CA ALA A 9 12.84 -7.24 9.25
C ALA A 9 11.53 -6.95 8.52
N PHE A 10 11.35 -7.58 7.36
CA PHE A 10 10.15 -7.38 6.56
C PHE A 10 9.24 -8.62 6.64
N THR A 11 9.49 -9.46 7.64
CA THR A 11 8.70 -10.67 7.82
C THR A 11 7.31 -10.35 8.36
N ASP A 12 6.30 -10.99 7.79
CA ASP A 12 4.92 -10.76 8.21
C ASP A 12 4.84 -10.49 9.71
N GLN A 13 5.48 -11.35 10.49
CA GLN A 13 5.48 -11.20 11.94
C GLN A 13 5.92 -9.81 12.35
N LYS A 14 7.05 -9.36 11.80
CA LYS A 14 7.59 -8.04 12.10
C LYS A 14 6.72 -6.94 11.47
N ILE A 15 6.09 -7.26 10.35
CA ILE A 15 5.22 -6.32 9.66
C ILE A 15 4.00 -5.98 10.49
N ARG A 16 3.35 -7.01 11.03
CA ARG A 16 2.17 -6.82 11.86
C ARG A 16 2.53 -6.15 13.18
N GLN A 17 3.69 -6.49 13.72
CA GLN A 17 4.14 -5.92 14.98
C GLN A 17 4.66 -4.50 14.78
N ARG A 18 5.18 -4.23 13.58
CA ARG A 18 5.72 -2.91 13.26
C ARG A 18 4.60 -1.87 13.19
N TYR A 19 3.50 -2.23 12.53
CA TYR A 19 2.37 -1.34 12.39
C TYR A 19 1.23 -1.73 13.32
N ALA A 20 1.57 -2.55 14.32
CA ALA A 20 0.57 -3.01 15.30
C ALA A 20 0.02 -1.84 16.10
N ASP A 21 0.75 -0.72 16.09
CA ASP A 21 0.34 0.47 16.83
C ASP A 21 -0.85 1.15 16.14
N LEU A 22 -0.93 0.98 14.83
CA LEU A 22 -2.02 1.58 14.04
C LEU A 22 -3.37 1.15 14.58
N PRO A 23 -4.38 2.01 14.40
CA PRO A 23 -5.75 1.75 14.86
C PRO A 23 -6.42 0.64 14.06
N GLY A 24 -6.37 0.75 12.73
CA GLY A 24 -6.97 -0.25 11.88
C GLY A 24 -6.29 -1.60 12.00
N GLU A 25 -6.71 -2.54 11.15
CA GLU A 25 -6.14 -3.89 11.17
C GLU A 25 -5.25 -4.11 9.94
N LEU A 26 -3.97 -4.38 10.19
CA LEU A 26 -3.02 -4.62 9.10
C LEU A 26 -3.44 -5.82 8.27
N HIS A 27 -3.50 -5.62 6.95
CA HIS A 27 -3.88 -6.70 6.04
C HIS A 27 -2.84 -6.87 4.93
N ILE A 28 -2.10 -7.98 4.99
CA ILE A 28 -1.08 -8.26 4.00
C ILE A 28 -1.59 -9.23 2.94
N ILE A 29 -1.98 -8.70 1.79
CA ILE A 29 -2.49 -9.52 0.71
C ILE A 29 -1.58 -9.43 -0.52
N GLU A 30 -1.36 -10.56 -1.17
CA GLU A 30 -0.51 -10.61 -2.35
C GLU A 30 -1.35 -10.65 -3.63
N LEU A 31 -1.19 -9.62 -4.45
CA LEU A 31 -1.94 -9.53 -5.71
C LEU A 31 -1.00 -9.62 -6.91
N GLU A 32 -1.28 -10.55 -7.81
CA GLU A 32 -0.47 -10.73 -9.00
C GLU A 32 -0.85 -9.73 -10.09
N LYS A 33 0.05 -8.78 -10.35
CA LYS A 33 -0.18 -7.76 -11.36
C LYS A 33 -0.74 -8.37 -12.63
N ASP A 34 -1.84 -7.81 -13.13
CA ASP A 34 -2.47 -8.30 -14.35
C ASP A 34 -1.89 -7.60 -15.59
N LYS A 35 -2.32 -8.03 -16.76
CA LYS A 35 -1.85 -7.44 -18.01
C LYS A 35 -1.60 -5.95 -17.84
N ASN A 36 -2.47 -5.28 -17.10
CA ASN A 36 -2.33 -3.84 -16.87
C ASN A 36 -1.57 -3.58 -15.58
N GLY A 37 -1.87 -4.36 -14.55
CA GLY A 37 -1.21 -4.19 -13.26
C GLY A 37 -2.18 -3.97 -12.13
N LEU A 38 -1.65 -3.85 -10.92
CA LEU A 38 -2.49 -3.62 -9.74
C LEU A 38 -3.58 -2.61 -10.03
N GLY A 39 -3.19 -1.47 -10.59
CA GLY A 39 -4.15 -0.43 -10.92
C GLY A 39 -4.95 0.02 -9.70
N LEU A 40 -4.39 0.98 -8.96
CA LEU A 40 -5.06 1.50 -7.77
C LEU A 40 -4.99 3.02 -7.73
N SER A 41 -6.08 3.66 -7.32
CA SER A 41 -6.14 5.10 -7.23
C SER A 41 -5.56 5.59 -5.90
N LEU A 42 -4.47 6.34 -5.99
CA LEU A 42 -3.82 6.87 -4.80
C LEU A 42 -4.06 8.37 -4.66
N ALA A 43 -4.02 8.87 -3.43
CA ALA A 43 -4.23 10.28 -3.17
C ALA A 43 -3.60 10.70 -1.84
N GLY A 44 -2.56 11.52 -1.93
CA GLY A 44 -1.88 11.97 -0.73
C GLY A 44 -2.84 12.39 0.37
N ASN A 45 -2.58 11.93 1.58
CA ASN A 45 -3.44 12.26 2.72
C ASN A 45 -4.01 13.67 2.60
N LYS A 46 -5.28 13.81 2.91
CA LYS A 46 -5.95 15.11 2.84
C LYS A 46 -4.98 16.23 3.19
N ASP A 47 -4.32 16.11 4.34
CA ASP A 47 -3.38 17.12 4.79
C ASP A 47 -2.07 17.01 4.02
N ARG A 48 -1.62 18.12 3.45
CA ARG A 48 -0.38 18.16 2.68
C ARG A 48 0.80 17.73 3.54
N SER A 49 0.87 18.29 4.75
CA SER A 49 1.95 17.97 5.67
C SER A 49 1.92 16.49 6.07
N ARG A 50 0.79 15.84 5.83
CA ARG A 50 0.63 14.43 6.15
C ARG A 50 1.14 13.55 5.02
N MET A 51 2.38 13.08 5.15
CA MET A 51 2.99 12.22 4.14
C MET A 51 2.48 10.80 4.27
N SER A 52 1.52 10.42 3.41
CA SER A 52 0.95 9.09 3.44
C SER A 52 0.13 8.83 2.18
N ILE A 53 0.07 7.56 1.78
CA ILE A 53 -0.69 7.18 0.58
C ILE A 53 -1.94 6.40 0.96
N PHE A 54 -3.06 6.74 0.33
CA PHE A 54 -4.33 6.08 0.59
C PHE A 54 -4.94 5.55 -0.70
N VAL A 55 -5.94 4.67 -0.57
CA VAL A 55 -6.61 4.10 -1.72
C VAL A 55 -7.99 4.72 -1.92
N VAL A 56 -8.10 5.59 -2.92
CA VAL A 56 -9.37 6.25 -3.22
C VAL A 56 -10.02 5.65 -4.46
N GLY A 57 -9.63 4.42 -4.79
CA GLY A 57 -10.19 3.75 -5.95
C GLY A 57 -9.44 2.48 -6.31
N ILE A 58 -10.15 1.54 -6.92
CA ILE A 58 -9.54 0.27 -7.31
C ILE A 58 -9.97 -0.12 -8.72
N ASN A 59 -9.01 -0.08 -9.64
CA ASN A 59 -9.28 -0.44 -11.03
C ASN A 59 -10.07 -1.75 -11.12
N PRO A 60 -11.25 -1.68 -11.76
CA PRO A 60 -12.11 -2.85 -11.93
C PRO A 60 -11.53 -3.87 -12.89
N GLU A 61 -10.43 -3.51 -13.53
CA GLU A 61 -9.76 -4.40 -14.49
C GLU A 61 -8.51 -5.01 -13.88
N GLY A 62 -7.97 -4.34 -12.86
CA GLY A 62 -6.76 -4.84 -12.21
C GLY A 62 -7.03 -6.01 -11.29
N PRO A 63 -5.96 -6.57 -10.71
CA PRO A 63 -6.07 -7.72 -9.80
C PRO A 63 -6.70 -7.34 -8.47
N ALA A 64 -6.40 -6.14 -8.00
CA ALA A 64 -6.95 -5.66 -6.74
C ALA A 64 -8.46 -5.79 -6.71
N ALA A 65 -9.08 -5.67 -7.88
CA ALA A 65 -10.54 -5.79 -7.99
C ALA A 65 -10.97 -7.24 -8.13
N ALA A 66 -10.16 -8.03 -8.83
CA ALA A 66 -10.46 -9.43 -9.05
C ALA A 66 -10.39 -10.21 -7.74
N ASP A 67 -9.27 -10.09 -7.04
CA ASP A 67 -9.08 -10.78 -5.77
C ASP A 67 -10.19 -10.45 -4.79
N GLY A 68 -10.68 -9.20 -4.86
CA GLY A 68 -11.74 -8.77 -3.97
C GLY A 68 -11.29 -8.67 -2.53
N ARG A 69 -10.10 -8.13 -2.33
CA ARG A 69 -9.54 -7.98 -0.98
C ARG A 69 -9.33 -6.50 -0.64
N MET A 70 -8.53 -5.83 -1.46
CA MET A 70 -8.23 -4.41 -1.25
C MET A 70 -9.51 -3.58 -1.34
N ARG A 71 -9.55 -2.48 -0.59
CA ARG A 71 -10.70 -1.60 -0.58
C ARG A 71 -10.27 -0.14 -0.58
N ILE A 72 -11.25 0.76 -0.68
CA ILE A 72 -10.97 2.20 -0.69
C ILE A 72 -10.77 2.72 0.72
N GLY A 73 -9.59 3.29 0.98
CA GLY A 73 -9.29 3.82 2.29
C GLY A 73 -8.01 3.25 2.87
N ASP A 74 -7.60 2.09 2.36
CA ASP A 74 -6.40 1.43 2.83
C ASP A 74 -5.18 2.33 2.66
N GLU A 75 -4.39 2.47 3.73
CA GLU A 75 -3.20 3.31 3.70
C GLU A 75 -1.95 2.46 3.46
N LEU A 76 -1.56 2.32 2.19
CA LEU A 76 -0.39 1.54 1.83
C LEU A 76 0.77 1.84 2.77
N LEU A 77 1.47 0.80 3.21
CA LEU A 77 2.62 0.96 4.11
C LEU A 77 3.89 0.43 3.46
N GLU A 78 3.75 -0.64 2.69
CA GLU A 78 4.89 -1.25 2.01
C GLU A 78 4.46 -1.95 0.72
N ILE A 79 5.38 -2.04 -0.22
CA ILE A 79 5.09 -2.69 -1.51
C ILE A 79 6.36 -3.29 -2.11
N ASN A 80 6.27 -4.56 -2.51
CA ASN A 80 7.40 -5.25 -3.11
C ASN A 80 8.66 -5.08 -2.25
N ASN A 81 8.46 -4.99 -0.94
CA ASN A 81 9.58 -4.82 -0.01
C ASN A 81 10.13 -3.40 -0.07
N GLN A 82 9.22 -2.43 -0.06
CA GLN A 82 9.62 -1.02 -0.11
C GLN A 82 8.67 -0.17 0.73
N ILE A 83 9.15 0.26 1.89
CA ILE A 83 8.35 1.10 2.79
C ILE A 83 8.03 2.44 2.15
N LEU A 84 6.74 2.75 2.07
CA LEU A 84 6.30 4.02 1.47
C LEU A 84 6.11 5.08 2.55
N TYR A 85 5.82 4.63 3.77
CA TYR A 85 5.60 5.55 4.89
C TYR A 85 6.63 6.67 4.87
N GLY A 86 6.26 7.80 4.28
CA GLY A 86 7.17 8.93 4.22
C GLY A 86 7.49 9.33 2.79
N ARG A 87 6.72 8.81 1.84
CA ARG A 87 6.93 9.11 0.43
C ARG A 87 5.62 9.49 -0.25
N SER A 88 5.71 10.14 -1.41
CA SER A 88 4.54 10.57 -2.14
C SER A 88 3.94 9.41 -2.93
N HIS A 89 2.64 9.49 -3.21
CA HIS A 89 1.96 8.45 -3.97
C HIS A 89 2.65 8.18 -5.30
N GLN A 90 3.06 9.26 -5.97
CA GLN A 90 3.74 9.15 -7.25
C GLN A 90 4.88 8.14 -7.18
N ASN A 91 5.63 8.17 -6.09
CA ASN A 91 6.75 7.25 -5.89
C ASN A 91 6.26 5.81 -5.83
N ALA A 92 5.23 5.57 -5.02
CA ALA A 92 4.68 4.23 -4.87
C ALA A 92 4.50 3.56 -6.22
N SER A 93 3.73 4.19 -7.10
CA SER A 93 3.48 3.64 -8.43
C SER A 93 4.79 3.18 -9.08
N ALA A 94 5.81 4.04 -9.02
CA ALA A 94 7.10 3.72 -9.60
C ALA A 94 7.60 2.37 -9.12
N ILE A 95 7.50 2.13 -7.82
CA ILE A 95 7.95 0.87 -7.23
C ILE A 95 7.24 -0.32 -7.88
N ILE A 96 5.92 -0.20 -8.04
CA ILE A 96 5.13 -1.26 -8.64
C ILE A 96 5.57 -1.52 -10.08
N LYS A 97 5.72 -0.45 -10.85
CA LYS A 97 6.15 -0.56 -12.23
C LYS A 97 7.42 -1.40 -12.35
N THR A 98 8.31 -1.25 -11.38
CA THR A 98 9.57 -1.99 -11.38
C THR A 98 9.41 -3.34 -10.70
N ALA A 99 8.40 -3.45 -9.84
CA ALA A 99 8.15 -4.68 -9.12
C ALA A 99 7.62 -5.77 -10.07
N PRO A 100 7.94 -7.04 -9.75
CA PRO A 100 7.51 -8.18 -10.56
C PRO A 100 6.01 -8.42 -10.46
N SER A 101 5.53 -9.43 -11.20
CA SER A 101 4.11 -9.77 -11.19
C SER A 101 3.58 -9.90 -9.77
N LYS A 102 4.11 -10.88 -9.04
CA LYS A 102 3.69 -11.11 -7.66
C LYS A 102 4.26 -10.04 -6.73
N VAL A 103 3.39 -9.16 -6.25
CA VAL A 103 3.80 -8.09 -5.36
C VAL A 103 3.02 -8.13 -4.06
N LYS A 104 3.67 -7.79 -2.96
CA LYS A 104 3.04 -7.78 -1.64
C LYS A 104 2.60 -6.37 -1.25
N LEU A 105 1.30 -6.21 -1.03
CA LEU A 105 0.75 -4.91 -0.65
C LEU A 105 0.37 -4.89 0.82
N VAL A 106 1.24 -4.31 1.65
CA VAL A 106 0.99 -4.22 3.09
C VAL A 106 0.30 -2.91 3.45
N PHE A 107 -0.98 -3.01 3.81
CA PHE A 107 -1.76 -1.84 4.17
C PHE A 107 -2.59 -2.10 5.42
N ILE A 108 -3.39 -1.12 5.81
CA ILE A 108 -4.24 -1.25 6.99
C ILE A 108 -5.71 -1.05 6.65
N ARG A 109 -6.56 -1.91 7.19
CA ARG A 109 -7.99 -1.84 6.94
C ARG A 109 -8.70 -1.05 8.05
N ASN A 110 -9.20 0.12 7.71
CA ASN A 110 -9.89 0.97 8.67
C ASN A 110 -11.03 1.73 8.01
N GLU A 111 -12.09 1.98 8.76
CA GLU A 111 -13.25 2.70 8.25
C GLU A 111 -13.03 4.21 8.34
N ASP A 112 -12.26 4.63 9.33
CA ASP A 112 -11.98 6.05 9.53
C ASP A 112 -10.99 6.56 8.47
N ALA A 113 -10.22 5.64 7.90
CA ALA A 113 -9.25 5.99 6.88
C ALA A 113 -9.88 6.81 5.77
N VAL A 114 -11.03 6.36 5.29
CA VAL A 114 -11.74 7.06 4.22
C VAL A 114 -11.93 8.53 4.56
N ASN A 115 -11.87 8.86 5.85
CA ASN A 115 -12.04 10.23 6.31
C ASN A 115 -10.69 10.96 6.32
N GLN A 116 -9.61 10.19 6.41
CA GLN A 116 -8.27 10.76 6.43
C GLN A 116 -7.70 10.87 5.02
N MET A 117 -8.10 9.96 4.15
CA MET A 117 -7.63 9.95 2.77
C MET A 117 -8.31 11.04 1.95
N ALA A 118 -7.54 11.68 1.07
CA ALA A 118 -8.08 12.74 0.23
C ALA A 118 -8.95 12.18 -0.88
N SER A 119 -9.41 13.06 -1.77
CA SER A 119 -10.27 12.64 -2.88
C SER A 119 -9.98 13.47 -4.12
N GLY A 120 -9.47 12.81 -5.16
CA GLY A 120 -9.15 13.50 -6.39
C GLY A 120 -7.75 13.18 -6.90
N PRO A 121 -7.61 12.06 -7.63
CA PRO A 121 -6.33 11.62 -8.17
C PRO A 121 -5.83 12.53 -9.29
N SER A 122 -6.58 13.59 -9.56
CA SER A 122 -6.23 14.54 -10.61
C SER A 122 -5.65 15.82 -10.00
N SER A 123 -4.35 15.83 -9.77
CA SER A 123 -3.67 17.00 -9.20
C SER A 123 -3.70 18.17 -10.17
N GLY A 124 -3.36 17.89 -11.43
CA GLY A 124 -3.35 18.93 -12.44
C GLY A 124 -4.37 18.70 -13.53
N GLY A 1 27.01 -17.70 0.74
CA GLY A 1 26.05 -18.62 1.32
C GLY A 1 24.63 -18.34 0.88
N SER A 2 24.01 -19.30 0.21
CA SER A 2 22.64 -19.15 -0.28
C SER A 2 21.71 -18.72 0.85
N SER A 3 21.68 -19.51 1.91
CA SER A 3 20.82 -19.22 3.06
C SER A 3 21.54 -18.29 4.04
N GLY A 4 20.84 -17.25 4.48
CA GLY A 4 21.41 -16.31 5.42
C GLY A 4 20.71 -14.97 5.40
N SER A 5 19.54 -14.91 6.04
CA SER A 5 18.76 -13.67 6.09
C SER A 5 19.44 -12.65 6.99
N SER A 6 20.17 -11.72 6.38
CA SER A 6 20.87 -10.69 7.12
C SER A 6 19.89 -9.66 7.68
N GLY A 7 18.94 -9.24 6.85
CA GLY A 7 17.95 -8.26 7.28
C GLY A 7 16.55 -8.81 7.24
N ASP A 8 16.14 -9.50 8.30
CA ASP A 8 14.80 -10.08 8.37
C ASP A 8 13.84 -9.13 9.08
N ALA A 9 14.19 -7.84 9.09
CA ALA A 9 13.36 -6.84 9.73
C ALA A 9 12.10 -6.56 8.91
N PHE A 10 11.96 -7.28 7.80
CA PHE A 10 10.80 -7.12 6.93
C PHE A 10 9.89 -8.35 7.00
N THR A 11 10.05 -9.14 8.07
CA THR A 11 9.24 -10.33 8.26
C THR A 11 7.83 -9.98 8.72
N ASP A 12 6.85 -10.74 8.26
CA ASP A 12 5.46 -10.52 8.62
C ASP A 12 5.33 -10.21 10.12
N GLN A 13 5.81 -11.14 10.94
CA GLN A 13 5.75 -10.97 12.39
C GLN A 13 6.19 -9.57 12.79
N LYS A 14 7.16 -9.02 12.07
CA LYS A 14 7.67 -7.69 12.36
C LYS A 14 6.76 -6.62 11.76
N ILE A 15 6.20 -6.91 10.59
CA ILE A 15 5.30 -5.98 9.91
C ILE A 15 4.04 -5.73 10.73
N ARG A 16 3.45 -6.82 11.23
CA ARG A 16 2.24 -6.72 12.03
C ARG A 16 2.52 -6.04 13.37
N GLN A 17 3.64 -6.40 13.99
CA GLN A 17 4.02 -5.82 15.27
C GLN A 17 4.45 -4.37 15.10
N ARG A 18 5.04 -4.06 13.95
CA ARG A 18 5.50 -2.71 13.67
C ARG A 18 4.31 -1.75 13.49
N TYR A 19 3.29 -2.22 12.78
CA TYR A 19 2.10 -1.41 12.53
C TYR A 19 0.94 -1.85 13.43
N ALA A 20 1.26 -2.64 14.45
CA ALA A 20 0.25 -3.13 15.38
C ALA A 20 -0.37 -1.99 16.18
N ASP A 21 0.35 -0.87 16.25
CA ASP A 21 -0.11 0.30 16.98
C ASP A 21 -1.29 0.96 16.26
N LEU A 22 -1.27 0.89 14.93
CA LEU A 22 -2.32 1.49 14.12
C LEU A 22 -3.69 1.04 14.60
N PRO A 23 -4.70 1.92 14.43
CA PRO A 23 -6.08 1.63 14.83
C PRO A 23 -6.73 0.56 13.96
N GLY A 24 -6.64 0.72 12.65
CA GLY A 24 -7.22 -0.24 11.74
C GLY A 24 -6.61 -1.63 11.89
N GLU A 25 -6.83 -2.47 10.89
CA GLU A 25 -6.29 -3.83 10.91
C GLU A 25 -5.38 -4.09 9.71
N LEU A 26 -4.16 -4.51 9.99
CA LEU A 26 -3.19 -4.80 8.94
C LEU A 26 -3.67 -5.92 8.03
N HIS A 27 -3.72 -5.65 6.73
CA HIS A 27 -4.17 -6.64 5.76
C HIS A 27 -3.14 -6.81 4.64
N ILE A 28 -2.36 -7.88 4.72
CA ILE A 28 -1.34 -8.15 3.71
C ILE A 28 -1.85 -9.14 2.67
N ILE A 29 -2.06 -8.65 1.45
CA ILE A 29 -2.55 -9.49 0.35
C ILE A 29 -1.70 -9.32 -0.89
N GLU A 30 -1.58 -10.38 -1.68
CA GLU A 30 -0.79 -10.35 -2.89
C GLU A 30 -1.70 -10.29 -4.12
N LEU A 31 -1.23 -9.59 -5.16
CA LEU A 31 -2.00 -9.44 -6.39
C LEU A 31 -1.09 -9.50 -7.61
N GLU A 32 -1.34 -10.47 -8.49
CA GLU A 32 -0.54 -10.62 -9.70
C GLU A 32 -0.86 -9.52 -10.71
N LYS A 33 0.10 -8.63 -10.93
CA LYS A 33 -0.07 -7.53 -11.87
C LYS A 33 -0.82 -8.00 -13.12
N ASP A 34 -1.93 -7.33 -13.42
CA ASP A 34 -2.73 -7.68 -14.59
C ASP A 34 -2.13 -7.07 -15.85
N LYS A 35 -2.76 -7.34 -16.99
CA LYS A 35 -2.29 -6.82 -18.27
C LYS A 35 -1.77 -5.40 -18.11
N ASN A 36 -2.30 -4.67 -17.14
CA ASN A 36 -1.88 -3.30 -16.89
C ASN A 36 -1.19 -3.18 -15.53
N GLY A 37 -1.43 -4.15 -14.66
CA GLY A 37 -0.83 -4.14 -13.34
C GLY A 37 -1.82 -3.78 -12.26
N LEU A 38 -1.30 -3.47 -11.07
CA LEU A 38 -2.14 -3.09 -9.94
C LEU A 38 -2.79 -1.73 -10.17
N GLY A 39 -4.10 -1.74 -10.43
CA GLY A 39 -4.81 -0.50 -10.66
C GLY A 39 -5.49 0.02 -9.41
N LEU A 40 -4.96 1.11 -8.86
CA LEU A 40 -5.51 1.70 -7.65
C LEU A 40 -5.30 3.22 -7.65
N SER A 41 -6.34 3.95 -7.25
CA SER A 41 -6.27 5.40 -7.20
C SER A 41 -5.73 5.87 -5.86
N LEU A 42 -4.50 6.39 -5.88
CA LEU A 42 -3.86 6.88 -4.65
C LEU A 42 -4.04 8.39 -4.53
N ALA A 43 -4.03 8.87 -3.28
CA ALA A 43 -4.17 10.30 -3.02
C ALA A 43 -3.47 10.69 -1.72
N GLY A 44 -2.62 11.70 -1.80
CA GLY A 44 -1.89 12.16 -0.63
C GLY A 44 -2.81 12.48 0.52
N ASN A 45 -2.25 12.52 1.73
CA ASN A 45 -3.04 12.81 2.93
C ASN A 45 -3.55 14.25 2.90
N LYS A 46 -4.82 14.42 3.24
CA LYS A 46 -5.44 15.73 3.25
C LYS A 46 -4.46 16.79 3.79
N ASP A 47 -3.76 16.44 4.86
CA ASP A 47 -2.80 17.35 5.47
C ASP A 47 -1.43 17.21 4.82
N ARG A 48 -1.04 18.22 4.04
CA ARG A 48 0.24 18.20 3.35
C ARG A 48 1.37 17.80 4.31
N SER A 49 1.51 18.56 5.39
CA SER A 49 2.55 18.28 6.38
C SER A 49 2.76 16.78 6.54
N ARG A 50 1.67 16.03 6.50
CA ARG A 50 1.72 14.58 6.64
C ARG A 50 2.00 13.91 5.30
N MET A 51 2.58 12.71 5.35
CA MET A 51 2.91 11.97 4.14
C MET A 51 2.41 10.53 4.23
N SER A 52 1.29 10.25 3.58
CA SER A 52 0.72 8.92 3.60
C SER A 52 -0.03 8.62 2.30
N ILE A 53 -0.06 7.35 1.92
CA ILE A 53 -0.75 6.93 0.70
C ILE A 53 -1.99 6.11 1.01
N PHE A 54 -3.12 6.52 0.43
CA PHE A 54 -4.38 5.83 0.65
C PHE A 54 -4.95 5.32 -0.68
N VAL A 55 -6.05 4.58 -0.60
CA VAL A 55 -6.70 4.03 -1.78
C VAL A 55 -8.11 4.57 -1.94
N VAL A 56 -8.26 5.64 -2.71
CA VAL A 56 -9.56 6.26 -2.94
C VAL A 56 -10.21 5.72 -4.21
N GLY A 57 -9.80 4.52 -4.62
CA GLY A 57 -10.36 3.91 -5.81
C GLY A 57 -9.63 2.63 -6.20
N ILE A 58 -10.37 1.69 -6.78
CA ILE A 58 -9.81 0.42 -7.20
C ILE A 58 -10.20 0.07 -8.63
N ASN A 59 -9.28 0.30 -9.56
CA ASN A 59 -9.54 0.02 -10.97
C ASN A 59 -10.23 -1.33 -11.14
N PRO A 60 -11.42 -1.32 -11.76
CA PRO A 60 -12.19 -2.53 -12.00
C PRO A 60 -11.54 -3.45 -13.04
N GLU A 61 -10.59 -2.90 -13.78
CA GLU A 61 -9.90 -3.67 -14.80
C GLU A 61 -8.62 -4.30 -14.25
N GLY A 62 -8.09 -3.70 -13.18
CA GLY A 62 -6.87 -4.21 -12.57
C GLY A 62 -7.12 -5.44 -11.72
N PRO A 63 -6.05 -5.97 -11.13
CA PRO A 63 -6.13 -7.16 -10.27
C PRO A 63 -6.85 -6.88 -8.96
N ALA A 64 -6.46 -5.80 -8.29
CA ALA A 64 -7.06 -5.43 -7.03
C ALA A 64 -8.58 -5.60 -7.06
N ALA A 65 -9.17 -5.41 -8.24
CA ALA A 65 -10.61 -5.55 -8.41
C ALA A 65 -10.99 -7.01 -8.64
N ALA A 66 -10.14 -7.73 -9.36
CA ALA A 66 -10.38 -9.13 -9.66
C ALA A 66 -10.38 -9.97 -8.39
N ASP A 67 -9.31 -9.86 -7.60
CA ASP A 67 -9.19 -10.60 -6.36
C ASP A 67 -10.37 -10.32 -5.43
N GLY A 68 -10.78 -9.05 -5.40
CA GLY A 68 -11.90 -8.66 -4.54
C GLY A 68 -11.51 -8.58 -3.08
N ARG A 69 -10.32 -8.03 -2.81
CA ARG A 69 -9.84 -7.90 -1.45
C ARG A 69 -9.62 -6.44 -1.07
N MET A 70 -8.69 -5.79 -1.77
CA MET A 70 -8.39 -4.39 -1.51
C MET A 70 -9.66 -3.54 -1.52
N ARG A 71 -9.74 -2.59 -0.60
CA ARG A 71 -10.90 -1.72 -0.49
C ARG A 71 -10.48 -0.25 -0.42
N ILE A 72 -11.47 0.64 -0.49
CA ILE A 72 -11.19 2.07 -0.43
C ILE A 72 -10.90 2.52 0.99
N GLY A 73 -9.79 3.23 1.17
CA GLY A 73 -9.41 3.70 2.48
C GLY A 73 -8.11 3.09 2.97
N ASP A 74 -7.78 1.92 2.44
CA ASP A 74 -6.56 1.22 2.83
C ASP A 74 -5.35 2.13 2.68
N GLU A 75 -4.46 2.10 3.67
CA GLU A 75 -3.26 2.91 3.65
C GLU A 75 -2.02 2.06 3.40
N LEU A 76 -1.51 2.10 2.17
CA LEU A 76 -0.33 1.33 1.81
C LEU A 76 0.84 1.65 2.73
N LEU A 77 1.60 0.63 3.11
CA LEU A 77 2.75 0.81 3.99
C LEU A 77 4.01 0.28 3.33
N GLU A 78 3.89 -0.85 2.64
CA GLU A 78 5.03 -1.46 1.96
C GLU A 78 4.59 -2.15 0.68
N ILE A 79 5.49 -2.20 -0.30
CA ILE A 79 5.20 -2.83 -1.58
C ILE A 79 6.46 -3.42 -2.21
N ASN A 80 6.51 -4.74 -2.30
CA ASN A 80 7.66 -5.43 -2.88
C ASN A 80 8.91 -5.21 -2.03
N ASN A 81 8.76 -5.36 -0.72
CA ASN A 81 9.88 -5.18 0.21
C ASN A 81 10.40 -3.75 0.15
N GLN A 82 9.48 -2.79 0.13
CA GLN A 82 9.85 -1.38 0.08
C GLN A 82 8.87 -0.53 0.89
N ILE A 83 9.40 0.13 1.92
CA ILE A 83 8.57 0.97 2.77
C ILE A 83 8.23 2.28 2.08
N LEU A 84 6.94 2.60 2.03
CA LEU A 84 6.48 3.83 1.39
C LEU A 84 6.21 4.91 2.43
N TYR A 85 5.92 4.49 3.65
CA TYR A 85 5.63 5.41 4.74
C TYR A 85 6.58 6.61 4.69
N GLY A 86 6.10 7.72 4.13
CA GLY A 86 6.92 8.92 4.04
C GLY A 86 7.32 9.23 2.61
N ARG A 87 6.46 8.87 1.67
CA ARG A 87 6.74 9.12 0.26
C ARG A 87 5.45 9.46 -0.50
N SER A 88 5.61 10.20 -1.60
CA SER A 88 4.46 10.60 -2.41
C SER A 88 3.86 9.41 -3.15
N HIS A 89 2.54 9.36 -3.21
CA HIS A 89 1.85 8.27 -3.89
C HIS A 89 2.55 7.91 -5.20
N GLN A 90 2.82 8.92 -6.01
CA GLN A 90 3.49 8.72 -7.29
C GLN A 90 4.64 7.73 -7.14
N ASN A 91 5.41 7.87 -6.06
CA ASN A 91 6.55 7.00 -5.81
C ASN A 91 6.10 5.53 -5.74
N ALA A 92 5.15 5.26 -4.85
CA ALA A 92 4.63 3.91 -4.68
C ALA A 92 4.46 3.21 -6.02
N SER A 93 3.64 3.80 -6.89
CA SER A 93 3.39 3.23 -8.21
C SER A 93 4.69 2.85 -8.90
N ALA A 94 5.67 3.76 -8.85
CA ALA A 94 6.96 3.53 -9.47
C ALA A 94 7.54 2.19 -9.02
N ILE A 95 7.57 1.96 -7.70
CA ILE A 95 8.10 0.73 -7.15
C ILE A 95 7.40 -0.49 -7.75
N ILE A 96 6.09 -0.38 -7.94
CA ILE A 96 5.31 -1.48 -8.52
C ILE A 96 5.73 -1.74 -9.96
N LYS A 97 5.85 -0.68 -10.74
CA LYS A 97 6.24 -0.80 -12.14
C LYS A 97 7.51 -1.64 -12.28
N THR A 98 8.48 -1.36 -11.43
CA THR A 98 9.75 -2.09 -11.47
C THR A 98 9.61 -3.46 -10.82
N ALA A 99 8.57 -3.62 -10.00
CA ALA A 99 8.32 -4.88 -9.32
C ALA A 99 7.84 -5.95 -10.30
N PRO A 100 8.11 -7.22 -9.96
CA PRO A 100 7.72 -8.36 -10.80
C PRO A 100 6.21 -8.58 -10.79
N SER A 101 5.74 -9.41 -11.72
CA SER A 101 4.31 -9.71 -11.83
C SER A 101 3.66 -9.73 -10.45
N LYS A 102 4.18 -10.60 -9.58
CA LYS A 102 3.66 -10.74 -8.23
C LYS A 102 4.23 -9.67 -7.31
N VAL A 103 3.34 -8.88 -6.71
CA VAL A 103 3.75 -7.81 -5.81
C VAL A 103 3.00 -7.89 -4.49
N LYS A 104 3.74 -7.86 -3.38
CA LYS A 104 3.15 -7.93 -2.05
C LYS A 104 2.73 -6.55 -1.58
N LEU A 105 1.44 -6.39 -1.29
CA LEU A 105 0.91 -5.11 -0.83
C LEU A 105 0.55 -5.18 0.66
N VAL A 106 1.13 -4.29 1.44
CA VAL A 106 0.87 -4.23 2.87
C VAL A 106 0.17 -2.94 3.27
N PHE A 107 -1.13 -3.03 3.50
CA PHE A 107 -1.92 -1.86 3.88
C PHE A 107 -2.77 -2.16 5.11
N ILE A 108 -3.38 -1.12 5.66
CA ILE A 108 -4.22 -1.26 6.85
C ILE A 108 -5.68 -0.90 6.53
N ARG A 109 -6.60 -1.69 7.06
CA ARG A 109 -8.02 -1.46 6.84
C ARG A 109 -8.63 -0.65 8.00
N ASN A 110 -8.69 0.67 7.83
CA ASN A 110 -9.24 1.54 8.85
C ASN A 110 -10.44 2.31 8.33
N GLU A 111 -11.58 2.17 9.01
CA GLU A 111 -12.81 2.85 8.61
C GLU A 111 -12.65 4.37 8.74
N ASP A 112 -11.57 4.80 9.39
CA ASP A 112 -11.31 6.20 9.58
C ASP A 112 -10.35 6.73 8.52
N ALA A 113 -9.64 5.82 7.87
CA ALA A 113 -8.69 6.20 6.82
C ALA A 113 -9.42 6.69 5.57
N VAL A 114 -10.70 6.36 5.47
CA VAL A 114 -11.51 6.77 4.33
C VAL A 114 -11.83 8.26 4.39
N ASN A 115 -11.63 8.86 5.56
CA ASN A 115 -11.90 10.28 5.75
C ASN A 115 -10.60 11.08 5.80
N GLN A 116 -9.50 10.38 6.07
CA GLN A 116 -8.20 11.03 6.13
C GLN A 116 -7.62 11.27 4.73
N MET A 117 -7.93 10.36 3.82
CA MET A 117 -7.46 10.48 2.44
C MET A 117 -8.19 11.59 1.70
N ALA A 118 -7.43 12.51 1.13
CA ALA A 118 -8.00 13.63 0.39
C ALA A 118 -9.20 13.18 -0.44
N SER A 119 -9.10 12.00 -1.02
CA SER A 119 -10.17 11.45 -1.84
C SER A 119 -10.44 12.34 -3.05
N GLY A 120 -9.36 12.83 -3.66
CA GLY A 120 -9.49 13.70 -4.83
C GLY A 120 -8.27 13.65 -5.72
N PRO A 121 -8.22 12.65 -6.60
CA PRO A 121 -7.09 12.47 -7.53
C PRO A 121 -7.06 13.56 -8.61
N SER A 122 -6.34 14.63 -8.34
CA SER A 122 -6.24 15.74 -9.29
C SER A 122 -4.98 15.61 -10.14
N SER A 123 -5.05 16.07 -11.39
CA SER A 123 -3.92 16.00 -12.30
C SER A 123 -2.73 16.79 -11.75
N GLY A 124 -1.61 16.71 -12.45
CA GLY A 124 -0.42 17.42 -12.03
C GLY A 124 0.03 18.47 -13.03
N GLY A 1 29.14 -21.89 5.92
CA GLY A 1 27.80 -21.71 5.40
C GLY A 1 27.33 -20.27 5.50
N SER A 2 26.90 -19.70 4.38
CA SER A 2 26.43 -18.32 4.36
C SER A 2 25.10 -18.19 5.12
N SER A 3 24.96 -17.10 5.85
CA SER A 3 23.76 -16.85 6.64
C SER A 3 22.51 -17.11 5.81
N GLY A 4 22.43 -16.47 4.64
CA GLY A 4 21.29 -16.65 3.76
C GLY A 4 20.24 -15.58 3.97
N SER A 5 19.85 -15.37 5.23
CA SER A 5 18.84 -14.37 5.56
C SER A 5 19.47 -13.16 6.23
N SER A 6 19.38 -12.02 5.56
CA SER A 6 19.94 -10.77 6.09
C SER A 6 18.87 -9.69 6.17
N GLY A 7 18.76 -9.09 7.36
CA GLY A 7 17.77 -8.04 7.56
C GLY A 7 16.35 -8.57 7.54
N ASP A 8 15.91 -9.17 8.64
CA ASP A 8 14.57 -9.72 8.73
C ASP A 8 13.61 -8.69 9.31
N ALA A 9 14.00 -7.42 9.27
CA ALA A 9 13.17 -6.34 9.78
C ALA A 9 11.93 -6.15 8.92
N PHE A 10 11.90 -6.82 7.77
CA PHE A 10 10.76 -6.72 6.87
C PHE A 10 9.88 -7.96 6.96
N THR A 11 10.27 -8.89 7.84
CA THR A 11 9.51 -10.12 8.02
C THR A 11 8.09 -9.83 8.51
N ASP A 12 7.12 -10.51 7.92
CA ASP A 12 5.72 -10.33 8.29
C ASP A 12 5.59 -10.05 9.79
N GLN A 13 6.01 -11.01 10.60
CA GLN A 13 5.94 -10.88 12.05
C GLN A 13 6.32 -9.47 12.49
N LYS A 14 7.44 -8.98 11.94
CA LYS A 14 7.92 -7.64 12.28
C LYS A 14 7.00 -6.57 11.71
N ILE A 15 6.40 -6.86 10.55
CA ILE A 15 5.48 -5.92 9.91
C ILE A 15 4.22 -5.73 10.74
N ARG A 16 3.58 -6.84 11.10
CA ARG A 16 2.36 -6.80 11.89
C ARG A 16 2.62 -6.15 13.24
N GLN A 17 3.84 -6.31 13.75
CA GLN A 17 4.21 -5.75 15.05
C GLN A 17 4.60 -4.29 14.91
N ARG A 18 5.21 -3.95 13.77
CA ARG A 18 5.64 -2.57 13.52
C ARG A 18 4.43 -1.64 13.40
N TYR A 19 3.43 -2.07 12.64
CA TYR A 19 2.23 -1.27 12.44
C TYR A 19 1.10 -1.75 13.36
N ALA A 20 1.46 -2.56 14.35
CA ALA A 20 0.48 -3.08 15.30
C ALA A 20 -0.05 -1.96 16.20
N ASP A 21 0.54 -0.79 16.09
CA ASP A 21 0.12 0.36 16.89
C ASP A 21 -1.03 1.11 16.21
N LEU A 22 -1.17 0.90 14.91
CA LEU A 22 -2.23 1.55 14.15
C LEU A 22 -3.61 1.10 14.62
N PRO A 23 -4.61 1.99 14.47
CA PRO A 23 -5.98 1.70 14.87
C PRO A 23 -6.64 0.65 13.98
N GLY A 24 -6.57 0.86 12.67
CA GLY A 24 -7.16 -0.07 11.73
C GLY A 24 -6.56 -1.46 11.84
N GLU A 25 -6.89 -2.33 10.89
CA GLU A 25 -6.38 -3.69 10.88
C GLU A 25 -5.45 -3.92 9.69
N LEU A 26 -4.28 -4.51 9.96
CA LEU A 26 -3.30 -4.77 8.92
C LEU A 26 -3.73 -5.97 8.06
N HIS A 27 -3.70 -5.78 6.75
CA HIS A 27 -4.09 -6.84 5.82
C HIS A 27 -3.09 -6.96 4.68
N ILE A 28 -2.32 -8.05 4.68
CA ILE A 28 -1.33 -8.27 3.64
C ILE A 28 -1.84 -9.25 2.58
N ILE A 29 -2.07 -8.73 1.38
CA ILE A 29 -2.56 -9.56 0.28
C ILE A 29 -1.62 -9.50 -0.92
N GLU A 30 -1.56 -10.59 -1.67
CA GLU A 30 -0.70 -10.66 -2.85
C GLU A 30 -1.52 -10.67 -4.13
N LEU A 31 -1.43 -9.59 -4.90
CA LEU A 31 -2.17 -9.48 -6.15
C LEU A 31 -1.23 -9.57 -7.36
N GLU A 32 -1.57 -10.45 -8.30
CA GLU A 32 -0.76 -10.63 -9.49
C GLU A 32 -1.10 -9.58 -10.55
N LYS A 33 -0.15 -8.69 -10.82
CA LYS A 33 -0.36 -7.64 -11.81
C LYS A 33 -1.12 -8.18 -13.02
N ASP A 34 -2.14 -7.44 -13.44
CA ASP A 34 -2.95 -7.84 -14.59
C ASP A 34 -2.40 -7.24 -15.87
N LYS A 35 -2.98 -7.63 -17.00
CA LYS A 35 -2.56 -7.13 -18.30
C LYS A 35 -2.07 -5.69 -18.21
N ASN A 36 -2.77 -4.89 -17.41
CA ASN A 36 -2.42 -3.49 -17.22
C ASN A 36 -1.65 -3.28 -15.93
N GLY A 37 -1.90 -4.16 -14.96
CA GLY A 37 -1.21 -4.05 -13.67
C GLY A 37 -2.18 -3.97 -12.51
N LEU A 38 -1.65 -3.66 -11.34
CA LEU A 38 -2.48 -3.54 -10.13
C LEU A 38 -3.61 -2.53 -10.34
N GLY A 39 -3.26 -1.36 -10.85
CA GLY A 39 -4.25 -0.33 -11.09
C GLY A 39 -4.99 0.07 -9.83
N LEU A 40 -4.44 1.05 -9.11
CA LEU A 40 -5.05 1.53 -7.87
C LEU A 40 -4.89 3.04 -7.74
N SER A 41 -5.97 3.70 -7.32
CA SER A 41 -5.95 5.15 -7.15
C SER A 41 -5.38 5.52 -5.79
N LEU A 42 -4.40 6.42 -5.79
CA LEU A 42 -3.77 6.87 -4.56
C LEU A 42 -3.93 8.38 -4.38
N ALA A 43 -4.04 8.81 -3.13
CA ALA A 43 -4.20 10.22 -2.82
C ALA A 43 -3.61 10.56 -1.45
N GLY A 44 -2.63 11.46 -1.43
CA GLY A 44 -2.01 11.84 -0.18
C GLY A 44 -3.02 12.27 0.87
N ASN A 45 -2.61 12.21 2.14
CA ASN A 45 -3.49 12.58 3.23
C ASN A 45 -4.00 14.01 3.06
N LYS A 46 -5.23 14.25 3.52
CA LYS A 46 -5.83 15.58 3.41
C LYS A 46 -4.79 16.67 3.65
N ASP A 47 -3.96 16.49 4.68
CA ASP A 47 -2.92 17.46 5.00
C ASP A 47 -1.61 17.08 4.34
N ARG A 48 -1.19 17.89 3.37
CA ARG A 48 0.07 17.65 2.66
C ARG A 48 1.20 17.36 3.63
N SER A 49 1.41 18.29 4.56
CA SER A 49 2.48 18.14 5.56
C SER A 49 2.65 16.69 5.96
N ARG A 50 1.54 15.95 5.98
CA ARG A 50 1.56 14.54 6.35
C ARG A 50 1.91 13.67 5.15
N MET A 51 2.82 12.72 5.36
CA MET A 51 3.25 11.82 4.30
C MET A 51 2.61 10.44 4.46
N SER A 52 1.51 10.20 3.76
CA SER A 52 0.82 8.93 3.83
C SER A 52 0.06 8.65 2.54
N ILE A 53 0.09 7.39 2.10
CA ILE A 53 -0.59 6.99 0.89
C ILE A 53 -1.82 6.13 1.19
N PHE A 54 -2.93 6.45 0.53
CA PHE A 54 -4.17 5.71 0.75
C PHE A 54 -4.71 5.17 -0.58
N VAL A 55 -5.88 4.53 -0.53
CA VAL A 55 -6.50 3.97 -1.72
C VAL A 55 -7.91 4.51 -1.91
N VAL A 56 -8.03 5.56 -2.71
CA VAL A 56 -9.32 6.18 -2.98
C VAL A 56 -9.91 5.68 -4.29
N GLY A 57 -9.47 4.50 -4.72
CA GLY A 57 -9.96 3.93 -5.96
C GLY A 57 -9.26 2.64 -6.33
N ILE A 58 -10.00 1.70 -6.91
CA ILE A 58 -9.43 0.42 -7.31
C ILE A 58 -9.84 0.07 -8.74
N ASN A 59 -8.90 0.23 -9.67
CA ASN A 59 -9.15 -0.08 -11.07
C ASN A 59 -10.00 -1.34 -11.20
N PRO A 60 -11.19 -1.18 -11.82
CA PRO A 60 -12.11 -2.30 -12.02
C PRO A 60 -11.61 -3.29 -13.06
N GLU A 61 -10.53 -2.92 -13.74
CA GLU A 61 -9.94 -3.78 -14.76
C GLU A 61 -8.66 -4.44 -14.25
N GLY A 62 -8.21 -3.99 -13.09
CA GLY A 62 -6.99 -4.54 -12.51
C GLY A 62 -7.25 -5.76 -11.66
N PRO A 63 -6.17 -6.34 -11.09
CA PRO A 63 -6.27 -7.52 -10.23
C PRO A 63 -6.94 -7.23 -8.90
N ALA A 64 -6.55 -6.12 -8.27
CA ALA A 64 -7.11 -5.72 -6.99
C ALA A 64 -8.63 -5.74 -7.03
N ALA A 65 -9.19 -5.60 -8.22
CA ALA A 65 -10.63 -5.61 -8.41
C ALA A 65 -11.17 -7.02 -8.59
N ALA A 66 -10.34 -7.88 -9.16
CA ALA A 66 -10.72 -9.28 -9.40
C ALA A 66 -10.60 -10.10 -8.11
N ASP A 67 -9.62 -9.76 -7.30
CA ASP A 67 -9.39 -10.47 -6.03
C ASP A 67 -10.47 -10.13 -5.02
N GLY A 68 -10.99 -8.90 -5.10
CA GLY A 68 -12.03 -8.47 -4.19
C GLY A 68 -11.54 -8.40 -2.75
N ARG A 69 -10.26 -8.06 -2.59
CA ARG A 69 -9.68 -7.95 -1.25
C ARG A 69 -9.43 -6.49 -0.89
N MET A 70 -8.71 -5.78 -1.74
CA MET A 70 -8.40 -4.37 -1.50
C MET A 70 -9.67 -3.52 -1.59
N ARG A 71 -9.80 -2.57 -0.67
CA ARG A 71 -10.96 -1.69 -0.66
C ARG A 71 -10.54 -0.22 -0.55
N ILE A 72 -11.49 0.68 -0.74
CA ILE A 72 -11.20 2.11 -0.66
C ILE A 72 -11.01 2.55 0.78
N GLY A 73 -9.82 3.06 1.08
CA GLY A 73 -9.52 3.52 2.43
C GLY A 73 -8.26 2.90 2.99
N ASP A 74 -7.74 1.89 2.29
CA ASP A 74 -6.52 1.22 2.72
C ASP A 74 -5.32 2.17 2.67
N GLU A 75 -4.37 1.98 3.59
CA GLU A 75 -3.19 2.82 3.65
C GLU A 75 -1.93 2.00 3.38
N LEU A 76 -1.41 2.11 2.17
CA LEU A 76 -0.20 1.38 1.80
C LEU A 76 0.96 1.69 2.74
N LEU A 77 1.53 0.65 3.33
CA LEU A 77 2.64 0.82 4.26
C LEU A 77 3.95 0.33 3.64
N GLU A 78 3.87 -0.76 2.89
CA GLU A 78 5.04 -1.32 2.23
C GLU A 78 4.65 -2.06 0.95
N ILE A 79 5.58 -2.13 0.00
CA ILE A 79 5.34 -2.80 -1.26
C ILE A 79 6.62 -3.38 -1.84
N ASN A 80 6.55 -4.60 -2.35
CA ASN A 80 7.71 -5.26 -2.93
C ASN A 80 8.98 -4.93 -2.14
N ASN A 81 8.89 -5.03 -0.82
CA ASN A 81 10.02 -4.75 0.04
C ASN A 81 10.44 -3.28 -0.08
N GLN A 82 9.49 -2.38 0.11
CA GLN A 82 9.76 -0.95 0.02
C GLN A 82 8.73 -0.16 0.82
N ILE A 83 9.16 0.38 1.96
CA ILE A 83 8.29 1.16 2.82
C ILE A 83 7.73 2.37 2.08
N LEU A 84 6.49 2.73 2.38
CA LEU A 84 5.85 3.87 1.74
C LEU A 84 5.26 4.81 2.78
N TYR A 85 5.59 4.57 4.05
CA TYR A 85 5.09 5.41 5.14
C TYR A 85 5.88 6.71 5.22
N GLY A 86 6.71 6.96 4.21
CA GLY A 86 7.50 8.19 4.19
C GLY A 86 7.80 8.66 2.78
N ARG A 87 6.97 8.22 1.83
CA ARG A 87 7.16 8.60 0.44
C ARG A 87 5.84 9.07 -0.18
N SER A 88 5.94 9.72 -1.33
CA SER A 88 4.75 10.22 -2.02
C SER A 88 4.07 9.12 -2.83
N HIS A 89 2.75 9.21 -2.94
CA HIS A 89 1.99 8.22 -3.69
C HIS A 89 2.54 8.05 -5.10
N GLN A 90 3.25 9.06 -5.57
CA GLN A 90 3.85 9.03 -6.90
C GLN A 90 4.94 7.98 -6.99
N ASN A 91 5.62 7.74 -5.86
CA ASN A 91 6.70 6.76 -5.80
C ASN A 91 6.14 5.34 -5.73
N ALA A 92 5.04 5.19 -5.02
CA ALA A 92 4.40 3.88 -4.86
C ALA A 92 4.16 3.23 -6.21
N SER A 93 3.41 3.91 -7.07
CA SER A 93 3.09 3.39 -8.40
C SER A 93 4.37 2.95 -9.12
N ALA A 94 5.40 3.77 -9.03
CA ALA A 94 6.68 3.46 -9.66
C ALA A 94 7.21 2.11 -9.22
N ILE A 95 7.24 1.89 -7.91
CA ILE A 95 7.73 0.64 -7.34
C ILE A 95 7.00 -0.56 -7.96
N ILE A 96 5.68 -0.42 -8.10
CA ILE A 96 4.86 -1.48 -8.68
C ILE A 96 5.28 -1.79 -10.11
N LYS A 97 5.43 -0.74 -10.91
CA LYS A 97 5.83 -0.89 -12.30
C LYS A 97 7.12 -1.69 -12.42
N THR A 98 8.08 -1.38 -11.56
CA THR A 98 9.36 -2.09 -11.57
C THR A 98 9.25 -3.45 -10.88
N ALA A 99 8.15 -3.64 -10.15
CA ALA A 99 7.92 -4.90 -9.44
C ALA A 99 7.40 -5.97 -10.40
N PRO A 100 7.71 -7.24 -10.08
CA PRO A 100 7.29 -8.38 -10.90
C PRO A 100 5.79 -8.63 -10.81
N SER A 101 5.29 -9.54 -11.65
CA SER A 101 3.88 -9.86 -11.67
C SER A 101 3.30 -9.91 -10.26
N LYS A 102 3.74 -10.90 -9.48
CA LYS A 102 3.27 -11.05 -8.11
C LYS A 102 3.89 -9.99 -7.20
N VAL A 103 3.06 -9.07 -6.71
CA VAL A 103 3.53 -8.00 -5.83
C VAL A 103 2.84 -8.07 -4.48
N LYS A 104 3.63 -7.98 -3.42
CA LYS A 104 3.09 -8.04 -2.07
C LYS A 104 2.77 -6.63 -1.55
N LEU A 105 1.50 -6.42 -1.21
CA LEU A 105 1.06 -5.11 -0.70
C LEU A 105 0.65 -5.21 0.76
N VAL A 106 1.22 -4.34 1.59
CA VAL A 106 0.92 -4.33 3.02
C VAL A 106 0.24 -3.02 3.41
N PHE A 107 -1.08 -3.06 3.57
CA PHE A 107 -1.84 -1.87 3.96
C PHE A 107 -2.71 -2.15 5.19
N ILE A 108 -3.35 -1.11 5.69
CA ILE A 108 -4.21 -1.25 6.86
C ILE A 108 -5.62 -0.74 6.57
N ARG A 109 -6.60 -1.60 6.79
CA ARG A 109 -8.00 -1.23 6.55
C ARG A 109 -8.57 -0.47 7.74
N ASN A 110 -9.25 0.63 7.45
CA ASN A 110 -9.85 1.46 8.50
C ASN A 110 -11.02 2.28 7.95
N GLU A 111 -12.19 2.08 8.55
CA GLU A 111 -13.39 2.79 8.12
C GLU A 111 -13.24 4.29 8.34
N ASP A 112 -12.19 4.67 9.08
CA ASP A 112 -11.92 6.08 9.36
C ASP A 112 -10.93 6.66 8.35
N ALA A 113 -10.17 5.79 7.71
CA ALA A 113 -9.17 6.21 6.73
C ALA A 113 -9.85 6.83 5.52
N VAL A 114 -11.03 6.33 5.18
CA VAL A 114 -11.78 6.84 4.03
C VAL A 114 -11.95 8.36 4.11
N ASN A 115 -11.83 8.89 5.31
CA ASN A 115 -11.97 10.34 5.52
C ASN A 115 -10.60 10.99 5.66
N GLN A 116 -9.65 10.26 6.22
CA GLN A 116 -8.29 10.77 6.41
C GLN A 116 -7.66 11.16 5.08
N MET A 117 -7.79 10.29 4.09
CA MET A 117 -7.24 10.54 2.77
C MET A 117 -7.96 11.70 2.09
N ALA A 118 -7.23 12.45 1.27
CA ALA A 118 -7.80 13.59 0.56
C ALA A 118 -9.00 13.16 -0.29
N SER A 119 -8.90 12.00 -0.91
CA SER A 119 -9.98 11.49 -1.75
C SER A 119 -10.22 12.40 -2.94
N GLY A 120 -9.13 12.89 -3.55
CA GLY A 120 -9.25 13.77 -4.69
C GLY A 120 -7.94 13.94 -5.43
N PRO A 121 -7.64 12.99 -6.33
CA PRO A 121 -6.40 13.01 -7.11
C PRO A 121 -6.41 14.13 -8.15
N SER A 122 -5.21 14.59 -8.52
CA SER A 122 -5.06 15.66 -9.50
C SER A 122 -5.91 15.37 -10.74
N SER A 123 -6.24 16.43 -11.48
CA SER A 123 -7.04 16.29 -12.69
C SER A 123 -6.15 16.20 -13.92
N GLY A 124 -6.50 15.30 -14.84
CA GLY A 124 -5.72 15.13 -16.05
C GLY A 124 -5.57 13.68 -16.44
N GLY A 1 34.18 -14.99 6.16
CA GLY A 1 33.33 -14.97 7.33
C GLY A 1 31.86 -14.87 6.99
N SER A 2 31.02 -14.68 8.01
CA SER A 2 29.59 -14.57 7.80
C SER A 2 28.94 -13.75 8.92
N SER A 3 28.13 -12.77 8.52
CA SER A 3 27.46 -11.90 9.49
C SER A 3 26.04 -11.58 9.02
N GLY A 4 25.27 -10.95 9.90
CA GLY A 4 23.90 -10.60 9.58
C GLY A 4 23.13 -10.06 10.77
N SER A 5 22.54 -8.88 10.60
CA SER A 5 21.78 -8.25 11.68
C SER A 5 20.88 -7.15 11.13
N SER A 6 19.70 -7.00 11.72
CA SER A 6 18.74 -5.99 11.30
C SER A 6 18.44 -6.13 9.81
N GLY A 7 18.23 -7.37 9.38
CA GLY A 7 17.92 -7.62 7.98
C GLY A 7 16.56 -8.26 7.80
N ASP A 8 16.10 -8.99 8.80
CA ASP A 8 14.80 -9.64 8.75
C ASP A 8 13.70 -8.74 9.28
N ALA A 9 13.99 -7.44 9.30
CA ALA A 9 13.02 -6.46 9.79
C ALA A 9 11.85 -6.30 8.81
N PHE A 10 11.90 -7.06 7.71
CA PHE A 10 10.86 -6.99 6.71
C PHE A 10 9.99 -8.25 6.75
N THR A 11 10.06 -8.98 7.85
CA THR A 11 9.29 -10.20 8.01
C THR A 11 7.87 -9.90 8.48
N ASP A 12 6.92 -10.71 8.03
CA ASP A 12 5.52 -10.52 8.41
C ASP A 12 5.39 -10.22 9.89
N GLN A 13 6.07 -11.01 10.72
CA GLN A 13 6.03 -10.83 12.16
C GLN A 13 6.44 -9.41 12.54
N LYS A 14 7.43 -8.88 11.84
CA LYS A 14 7.92 -7.53 12.09
C LYS A 14 6.97 -6.49 11.54
N ILE A 15 6.39 -6.78 10.37
CA ILE A 15 5.45 -5.86 9.74
C ILE A 15 4.22 -5.64 10.61
N ARG A 16 3.59 -6.73 11.02
CA ARG A 16 2.40 -6.66 11.85
C ARG A 16 2.71 -5.97 13.18
N GLN A 17 3.81 -6.37 13.81
CA GLN A 17 4.21 -5.80 15.08
C GLN A 17 4.61 -4.33 14.91
N ARG A 18 5.18 -4.00 13.75
CA ARG A 18 5.60 -2.64 13.46
C ARG A 18 4.39 -1.70 13.37
N TYR A 19 3.40 -2.11 12.60
CA TYR A 19 2.19 -1.30 12.43
C TYR A 19 1.06 -1.81 13.31
N ALA A 20 1.41 -2.68 14.26
CA ALA A 20 0.42 -3.24 15.18
C ALA A 20 -0.20 -2.15 16.06
N ASP A 21 0.42 -0.98 16.07
CA ASP A 21 -0.06 0.14 16.86
C ASP A 21 -1.23 0.84 16.16
N LEU A 22 -1.26 0.74 14.84
CA LEU A 22 -2.31 1.36 14.04
C LEU A 22 -3.69 0.90 14.51
N PRO A 23 -4.69 1.76 14.32
CA PRO A 23 -6.07 1.47 14.72
C PRO A 23 -6.71 0.39 13.85
N GLY A 24 -6.59 0.54 12.54
CA GLY A 24 -7.16 -0.43 11.63
C GLY A 24 -6.51 -1.78 11.74
N GLU A 25 -6.91 -2.72 10.89
CA GLU A 25 -6.36 -4.06 10.90
C GLU A 25 -5.46 -4.30 9.69
N LEU A 26 -4.21 -4.68 9.95
CA LEU A 26 -3.25 -4.94 8.88
C LEU A 26 -3.72 -6.08 7.99
N HIS A 27 -3.67 -5.86 6.68
CA HIS A 27 -4.08 -6.87 5.72
C HIS A 27 -3.07 -6.99 4.58
N ILE A 28 -2.32 -8.09 4.59
CA ILE A 28 -1.31 -8.32 3.56
C ILE A 28 -1.82 -9.29 2.50
N ILE A 29 -2.08 -8.77 1.31
CA ILE A 29 -2.57 -9.59 0.21
C ILE A 29 -1.61 -9.55 -0.98
N GLU A 30 -1.46 -10.68 -1.66
CA GLU A 30 -0.57 -10.77 -2.82
C GLU A 30 -1.36 -10.58 -4.11
N LEU A 31 -1.07 -9.50 -4.82
CA LEU A 31 -1.75 -9.20 -6.07
C LEU A 31 -0.79 -9.38 -7.26
N GLU A 32 -1.29 -10.01 -8.32
CA GLU A 32 -0.49 -10.25 -9.51
C GLU A 32 -0.73 -9.16 -10.55
N LYS A 33 0.35 -8.51 -10.98
CA LYS A 33 0.26 -7.45 -11.97
C LYS A 33 -0.41 -7.95 -13.25
N ASP A 34 -1.61 -7.47 -13.51
CA ASP A 34 -2.35 -7.87 -14.70
C ASP A 34 -1.77 -7.21 -15.95
N LYS A 35 -2.38 -7.48 -17.10
CA LYS A 35 -1.93 -6.92 -18.37
C LYS A 35 -1.43 -5.49 -18.18
N ASN A 36 -2.12 -4.74 -17.32
CA ASN A 36 -1.75 -3.35 -17.06
C ASN A 36 -1.07 -3.23 -15.71
N GLY A 37 -1.31 -4.20 -14.84
CA GLY A 37 -0.71 -4.18 -13.51
C GLY A 37 -1.73 -3.92 -12.42
N LEU A 38 -1.26 -3.38 -11.30
CA LEU A 38 -2.13 -3.07 -10.17
C LEU A 38 -2.85 -1.74 -10.38
N GLY A 39 -4.14 -1.81 -10.71
CA GLY A 39 -4.92 -0.60 -10.92
C GLY A 39 -5.50 -0.04 -9.64
N LEU A 40 -4.86 0.99 -9.10
CA LEU A 40 -5.32 1.61 -7.87
C LEU A 40 -5.11 3.12 -7.91
N SER A 41 -6.11 3.86 -7.44
CA SER A 41 -6.05 5.32 -7.44
C SER A 41 -5.55 5.83 -6.08
N LEU A 42 -4.37 6.43 -6.07
CA LEU A 42 -3.78 6.96 -4.85
C LEU A 42 -4.09 8.44 -4.70
N ALA A 43 -4.01 8.94 -3.47
CA ALA A 43 -4.27 10.34 -3.19
C ALA A 43 -3.68 10.76 -1.85
N GLY A 44 -2.80 11.76 -1.89
CA GLY A 44 -2.17 12.24 -0.67
C GLY A 44 -3.18 12.60 0.40
N ASN A 45 -2.80 12.39 1.66
CA ASN A 45 -3.69 12.70 2.78
C ASN A 45 -4.26 14.10 2.66
N LYS A 46 -5.48 14.28 3.14
CA LYS A 46 -6.14 15.58 3.10
C LYS A 46 -5.14 16.71 3.31
N ASP A 47 -4.27 16.54 4.31
CA ASP A 47 -3.27 17.55 4.60
C ASP A 47 -1.93 17.19 3.97
N ARG A 48 -1.47 18.04 3.05
CA ARG A 48 -0.20 17.81 2.36
C ARG A 48 0.91 17.53 3.37
N SER A 49 1.05 18.40 4.36
CA SER A 49 2.09 18.24 5.38
C SER A 49 2.17 16.78 5.84
N ARG A 50 1.07 16.06 5.69
CA ARG A 50 1.02 14.65 6.10
C ARG A 50 1.39 13.74 4.94
N MET A 51 2.64 13.30 4.91
CA MET A 51 3.12 12.43 3.85
C MET A 51 2.60 11.00 4.05
N SER A 52 1.51 10.67 3.38
CA SER A 52 0.91 9.34 3.49
C SER A 52 0.12 9.00 2.24
N ILE A 53 0.08 7.71 1.91
CA ILE A 53 -0.65 7.24 0.74
C ILE A 53 -2.00 6.63 1.12
N PHE A 54 -2.99 6.83 0.27
CA PHE A 54 -4.33 6.29 0.53
C PHE A 54 -5.00 5.87 -0.77
N VAL A 55 -5.95 4.95 -0.67
CA VAL A 55 -6.67 4.46 -1.84
C VAL A 55 -8.04 5.11 -1.95
N VAL A 56 -8.19 6.03 -2.91
CA VAL A 56 -9.45 6.72 -3.13
C VAL A 56 -10.20 6.14 -4.32
N GLY A 57 -9.71 5.01 -4.82
CA GLY A 57 -10.35 4.38 -5.96
C GLY A 57 -9.66 3.09 -6.37
N ILE A 58 -10.44 2.13 -6.84
CA ILE A 58 -9.88 0.84 -7.27
C ILE A 58 -10.49 0.39 -8.59
N ASN A 59 -9.69 0.43 -9.65
CA ASN A 59 -10.14 0.03 -10.97
C ASN A 59 -10.88 -1.30 -10.91
N PRO A 60 -12.15 -1.30 -11.32
CA PRO A 60 -13.00 -2.50 -11.32
C PRO A 60 -12.56 -3.51 -12.38
N GLU A 61 -11.64 -3.09 -13.26
CA GLU A 61 -11.14 -3.96 -14.30
C GLU A 61 -9.73 -4.43 -14.00
N GLY A 62 -9.14 -3.87 -12.94
CA GLY A 62 -7.79 -4.26 -12.56
C GLY A 62 -7.77 -5.45 -11.62
N PRO A 63 -6.56 -5.90 -11.27
CA PRO A 63 -6.38 -7.05 -10.37
C PRO A 63 -6.78 -6.72 -8.93
N ALA A 64 -6.49 -5.51 -8.50
CA ALA A 64 -6.82 -5.07 -7.15
C ALA A 64 -8.31 -5.23 -6.88
N ALA A 65 -9.12 -5.13 -7.92
CA ALA A 65 -10.56 -5.27 -7.80
C ALA A 65 -11.00 -6.72 -7.90
N ALA A 66 -10.33 -7.47 -8.78
CA ALA A 66 -10.64 -8.88 -8.96
C ALA A 66 -10.55 -9.65 -7.65
N ASP A 67 -9.38 -9.63 -7.03
CA ASP A 67 -9.16 -10.31 -5.77
C ASP A 67 -10.27 -9.98 -4.77
N GLY A 68 -10.71 -8.72 -4.79
CA GLY A 68 -11.76 -8.29 -3.88
C GLY A 68 -11.29 -8.24 -2.43
N ARG A 69 -10.12 -7.68 -2.21
CA ARG A 69 -9.56 -7.58 -0.87
C ARG A 69 -9.21 -6.13 -0.53
N MET A 70 -8.74 -5.39 -1.53
CA MET A 70 -8.38 -4.00 -1.35
C MET A 70 -9.58 -3.09 -1.52
N ARG A 71 -9.89 -2.31 -0.48
CA ARG A 71 -11.02 -1.40 -0.52
C ARG A 71 -10.56 0.05 -0.59
N ILE A 72 -11.50 0.98 -0.53
CA ILE A 72 -11.19 2.40 -0.60
C ILE A 72 -10.87 2.96 0.79
N GLY A 73 -9.69 3.53 0.94
CA GLY A 73 -9.29 4.10 2.21
C GLY A 73 -8.00 3.49 2.74
N ASP A 74 -7.73 2.26 2.32
CA ASP A 74 -6.52 1.56 2.76
C ASP A 74 -5.29 2.45 2.61
N GLU A 75 -4.35 2.31 3.54
CA GLU A 75 -3.12 3.11 3.52
C GLU A 75 -1.91 2.22 3.28
N LEU A 76 -1.43 2.19 2.04
CA LEU A 76 -0.26 1.38 1.68
C LEU A 76 0.91 1.69 2.61
N LEU A 77 1.49 0.64 3.18
CA LEU A 77 2.63 0.79 4.08
C LEU A 77 3.91 0.26 3.44
N GLU A 78 3.80 -0.87 2.75
CA GLU A 78 4.95 -1.48 2.09
C GLU A 78 4.55 -2.05 0.73
N ILE A 79 5.51 -2.13 -0.17
CA ILE A 79 5.27 -2.66 -1.50
C ILE A 79 6.54 -3.26 -2.11
N ASN A 80 6.51 -4.57 -2.35
CA ASN A 80 7.66 -5.27 -2.91
C ASN A 80 8.90 -5.05 -2.06
N ASN A 81 8.76 -5.29 -0.76
CA ASN A 81 9.87 -5.13 0.17
C ASN A 81 10.39 -3.70 0.16
N GLN A 82 9.48 -2.74 0.30
CA GLN A 82 9.84 -1.33 0.30
C GLN A 82 8.81 -0.50 1.07
N ILE A 83 9.22 0.02 2.23
CA ILE A 83 8.33 0.83 3.05
C ILE A 83 8.07 2.18 2.41
N LEU A 84 6.80 2.50 2.22
CA LEU A 84 6.42 3.77 1.61
C LEU A 84 6.14 4.82 2.68
N TYR A 85 5.82 4.35 3.89
CA TYR A 85 5.53 5.24 5.01
C TYR A 85 6.51 6.41 5.04
N GLY A 86 6.14 7.52 4.40
CA GLY A 86 7.00 8.69 4.38
C GLY A 86 7.47 9.02 2.97
N ARG A 87 6.68 8.64 1.97
CA ARG A 87 7.04 8.89 0.58
C ARG A 87 5.82 9.41 -0.19
N SER A 88 6.05 9.77 -1.46
CA SER A 88 4.97 10.29 -2.30
C SER A 88 4.25 9.15 -3.01
N HIS A 89 2.92 9.24 -3.06
CA HIS A 89 2.11 8.23 -3.71
C HIS A 89 2.65 7.90 -5.09
N GLN A 90 3.15 8.92 -5.79
CA GLN A 90 3.70 8.74 -7.13
C GLN A 90 4.80 7.69 -7.12
N ASN A 91 5.59 7.67 -6.05
CA ASN A 91 6.68 6.72 -5.92
C ASN A 91 6.16 5.29 -5.82
N ALA A 92 5.22 5.08 -4.90
CA ALA A 92 4.63 3.76 -4.70
C ALA A 92 4.32 3.09 -6.03
N SER A 93 3.55 3.78 -6.87
CA SER A 93 3.17 3.25 -8.18
C SER A 93 4.40 2.85 -8.97
N ALA A 94 5.47 3.63 -8.85
CA ALA A 94 6.71 3.35 -9.55
C ALA A 94 7.34 2.05 -9.07
N ILE A 95 7.38 1.87 -7.75
CA ILE A 95 7.96 0.67 -7.17
C ILE A 95 7.27 -0.58 -7.69
N ILE A 96 5.96 -0.51 -7.86
CA ILE A 96 5.19 -1.63 -8.38
C ILE A 96 5.56 -1.96 -9.81
N LYS A 97 5.65 -0.92 -10.65
CA LYS A 97 6.00 -1.10 -12.05
C LYS A 97 7.30 -1.88 -12.19
N THR A 98 8.29 -1.53 -11.37
CA THR A 98 9.58 -2.20 -11.41
C THR A 98 9.49 -3.59 -10.79
N ALA A 99 8.54 -3.77 -9.88
CA ALA A 99 8.34 -5.06 -9.21
C ALA A 99 7.86 -6.12 -10.20
N PRO A 100 8.14 -7.39 -9.89
CA PRO A 100 7.74 -8.52 -10.74
C PRO A 100 6.24 -8.75 -10.71
N SER A 101 5.76 -9.62 -11.59
CA SER A 101 4.34 -9.93 -11.67
C SER A 101 3.72 -9.98 -10.29
N LYS A 102 4.16 -10.94 -9.48
CA LYS A 102 3.65 -11.10 -8.12
C LYS A 102 4.27 -10.07 -7.18
N VAL A 103 3.43 -9.20 -6.62
CA VAL A 103 3.90 -8.18 -5.70
C VAL A 103 3.16 -8.25 -4.37
N LYS A 104 3.90 -8.12 -3.27
CA LYS A 104 3.32 -8.16 -1.94
C LYS A 104 2.98 -6.76 -1.45
N LEU A 105 1.70 -6.53 -1.18
CA LEU A 105 1.24 -5.23 -0.69
C LEU A 105 0.81 -5.32 0.77
N VAL A 106 1.41 -4.47 1.61
CA VAL A 106 1.08 -4.46 3.04
C VAL A 106 0.37 -3.16 3.41
N PHE A 107 -0.95 -3.24 3.55
CA PHE A 107 -1.74 -2.07 3.91
C PHE A 107 -2.61 -2.36 5.13
N ILE A 108 -3.31 -1.33 5.61
CA ILE A 108 -4.18 -1.48 6.77
C ILE A 108 -5.65 -1.30 6.40
N ARG A 109 -6.53 -1.93 7.16
CA ARG A 109 -7.96 -1.84 6.91
C ARG A 109 -8.66 -1.01 7.99
N ASN A 110 -8.98 0.24 7.67
CA ASN A 110 -9.64 1.12 8.61
C ASN A 110 -10.78 1.88 7.94
N GLU A 111 -12.00 1.54 8.30
CA GLU A 111 -13.19 2.18 7.73
C GLU A 111 -13.18 3.67 8.03
N ASP A 112 -12.35 4.09 8.98
CA ASP A 112 -12.24 5.49 9.35
C ASP A 112 -11.30 6.24 8.41
N ALA A 113 -10.30 5.53 7.90
CA ALA A 113 -9.32 6.12 6.98
C ALA A 113 -10.02 6.89 5.87
N VAL A 114 -11.16 6.38 5.42
CA VAL A 114 -11.93 7.04 4.36
C VAL A 114 -11.96 8.54 4.56
N ASN A 115 -11.89 8.97 5.82
CA ASN A 115 -11.93 10.39 6.14
C ASN A 115 -10.52 10.98 6.13
N GLN A 116 -9.55 10.21 6.61
CA GLN A 116 -8.16 10.66 6.65
C GLN A 116 -7.61 10.84 5.24
N MET A 117 -8.04 9.97 4.33
CA MET A 117 -7.58 10.03 2.94
C MET A 117 -8.28 11.16 2.19
N ALA A 118 -7.53 11.85 1.35
CA ALA A 118 -8.08 12.95 0.56
C ALA A 118 -8.86 12.44 -0.64
N SER A 119 -9.35 13.37 -1.46
CA SER A 119 -10.12 13.00 -2.65
C SER A 119 -9.67 13.82 -3.85
N GLY A 120 -8.77 13.24 -4.65
CA GLY A 120 -8.26 13.93 -5.83
C GLY A 120 -6.93 13.39 -6.29
N PRO A 121 -6.97 12.39 -7.19
CA PRO A 121 -5.76 11.78 -7.73
C PRO A 121 -4.98 12.71 -8.65
N SER A 122 -5.46 13.94 -8.78
CA SER A 122 -4.82 14.94 -9.63
C SER A 122 -4.56 16.22 -8.86
N SER A 123 -3.42 16.85 -9.14
CA SER A 123 -3.04 18.09 -8.47
C SER A 123 -2.32 19.02 -9.42
N GLY A 124 -2.41 20.32 -9.16
CA GLY A 124 -1.76 21.30 -10.01
C GLY A 124 -0.26 21.14 -10.02
N GLY A 1 23.35 -15.77 19.63
CA GLY A 1 22.08 -15.43 19.03
C GLY A 1 21.96 -15.88 17.59
N SER A 2 21.86 -14.92 16.67
CA SER A 2 21.74 -15.23 15.26
C SER A 2 23.09 -15.09 14.55
N SER A 3 23.69 -16.23 14.20
CA SER A 3 24.98 -16.23 13.53
C SER A 3 25.04 -15.13 12.47
N GLY A 4 23.99 -15.02 11.67
CA GLY A 4 23.95 -14.01 10.63
C GLY A 4 23.80 -12.62 11.19
N SER A 5 23.17 -11.73 10.42
CA SER A 5 22.96 -10.35 10.84
C SER A 5 21.52 -9.91 10.59
N SER A 6 21.17 -8.74 11.13
CA SER A 6 19.82 -8.21 10.96
C SER A 6 19.36 -8.32 9.51
N GLY A 7 18.06 -8.41 9.32
CA GLY A 7 17.51 -8.52 7.99
C GLY A 7 16.05 -8.96 7.99
N ASP A 8 15.64 -9.65 9.05
CA ASP A 8 14.26 -10.12 9.17
C ASP A 8 13.36 -9.04 9.73
N ALA A 9 13.62 -7.80 9.33
CA ALA A 9 12.82 -6.66 9.78
C ALA A 9 11.67 -6.38 8.83
N PHE A 10 11.53 -7.22 7.82
CA PHE A 10 10.46 -7.06 6.83
C PHE A 10 9.52 -8.25 6.83
N THR A 11 9.69 -9.12 7.84
CA THR A 11 8.86 -10.32 7.95
C THR A 11 7.47 -9.97 8.49
N ASP A 12 6.46 -10.66 7.99
CA ASP A 12 5.09 -10.42 8.41
C ASP A 12 5.01 -10.22 9.92
N GLN A 13 5.76 -11.04 10.66
CA GLN A 13 5.78 -10.95 12.12
C GLN A 13 6.22 -9.56 12.57
N LYS A 14 7.19 -8.99 11.86
CA LYS A 14 7.71 -7.67 12.18
C LYS A 14 6.80 -6.58 11.62
N ILE A 15 6.18 -6.86 10.47
CA ILE A 15 5.28 -5.91 9.84
C ILE A 15 4.04 -5.68 10.68
N ARG A 16 3.45 -6.77 11.16
CA ARG A 16 2.24 -6.69 11.99
C ARG A 16 2.54 -6.00 13.32
N GLN A 17 3.68 -6.33 13.90
CA GLN A 17 4.07 -5.75 15.18
C GLN A 17 4.50 -4.30 15.00
N ARG A 18 5.12 -4.00 13.86
CA ARG A 18 5.59 -2.65 13.57
C ARG A 18 4.40 -1.70 13.35
N TYR A 19 3.39 -2.19 12.65
CA TYR A 19 2.20 -1.39 12.37
C TYR A 19 1.03 -1.83 13.25
N ALA A 20 1.33 -2.61 14.27
CA ALA A 20 0.30 -3.09 15.19
C ALA A 20 -0.29 -1.94 16.01
N ASP A 21 0.43 -0.82 16.05
CA ASP A 21 -0.02 0.34 16.80
C ASP A 21 -1.17 1.03 16.08
N LEU A 22 -1.19 0.93 14.77
CA LEU A 22 -2.24 1.54 13.96
C LEU A 22 -3.62 1.09 14.43
N PRO A 23 -4.63 1.95 14.23
CA PRO A 23 -6.01 1.66 14.62
C PRO A 23 -6.64 0.57 13.76
N GLY A 24 -6.53 0.72 12.45
CA GLY A 24 -7.09 -0.26 11.54
C GLY A 24 -6.44 -1.62 11.67
N GLU A 25 -6.90 -2.58 10.87
CA GLU A 25 -6.35 -3.93 10.91
C GLU A 25 -5.46 -4.20 9.70
N LEU A 26 -4.22 -4.59 9.95
CA LEU A 26 -3.27 -4.87 8.88
C LEU A 26 -3.80 -5.97 7.96
N HIS A 27 -3.71 -5.74 6.66
CA HIS A 27 -4.18 -6.71 5.67
C HIS A 27 -3.12 -6.92 4.58
N ILE A 28 -2.40 -8.03 4.67
CA ILE A 28 -1.37 -8.35 3.69
C ILE A 28 -1.89 -9.32 2.64
N ILE A 29 -2.05 -8.83 1.41
CA ILE A 29 -2.54 -9.65 0.32
C ILE A 29 -1.63 -9.54 -0.91
N GLU A 30 -1.37 -10.68 -1.55
CA GLU A 30 -0.52 -10.70 -2.74
C GLU A 30 -1.36 -10.61 -4.01
N LEU A 31 -1.18 -9.52 -4.75
CA LEU A 31 -1.92 -9.32 -5.99
C LEU A 31 -0.99 -9.38 -7.19
N GLU A 32 -1.33 -10.23 -8.16
CA GLU A 32 -0.52 -10.38 -9.36
C GLU A 32 -0.83 -9.28 -10.37
N LYS A 33 0.18 -8.51 -10.72
CA LYS A 33 0.02 -7.42 -11.68
C LYS A 33 -0.78 -7.87 -12.90
N ASP A 34 -2.01 -7.37 -13.02
CA ASP A 34 -2.86 -7.73 -14.14
C ASP A 34 -2.30 -7.18 -15.45
N LYS A 35 -2.95 -7.52 -16.56
CA LYS A 35 -2.53 -7.07 -17.87
C LYS A 35 -2.04 -5.62 -17.81
N ASN A 36 -2.57 -4.86 -16.85
CA ASN A 36 -2.18 -3.46 -16.69
C ASN A 36 -1.39 -3.27 -15.39
N GLY A 37 -1.61 -4.17 -14.43
CA GLY A 37 -0.91 -4.08 -13.17
C GLY A 37 -1.84 -3.69 -12.02
N LEU A 38 -1.25 -3.42 -10.86
CA LEU A 38 -2.03 -3.04 -9.69
C LEU A 38 -2.64 -1.65 -9.87
N GLY A 39 -3.86 -1.62 -10.40
CA GLY A 39 -4.54 -0.35 -10.61
C GLY A 39 -5.25 0.15 -9.36
N LEU A 40 -4.74 1.23 -8.78
CA LEU A 40 -5.34 1.80 -7.59
C LEU A 40 -5.19 3.32 -7.58
N SER A 41 -6.26 4.01 -7.20
CA SER A 41 -6.25 5.47 -7.15
C SER A 41 -5.65 5.97 -5.84
N LEU A 42 -4.44 6.50 -5.91
CA LEU A 42 -3.76 7.01 -4.73
C LEU A 42 -3.92 8.53 -4.61
N ALA A 43 -4.22 8.98 -3.40
CA ALA A 43 -4.39 10.42 -3.16
C ALA A 43 -3.76 10.83 -1.84
N GLY A 44 -2.77 11.71 -1.92
CA GLY A 44 -2.09 12.17 -0.72
C GLY A 44 -3.05 12.61 0.36
N ASN A 45 -2.80 12.20 1.59
CA ASN A 45 -3.65 12.56 2.72
C ASN A 45 -4.16 13.99 2.57
N LYS A 46 -5.36 14.23 3.11
CA LYS A 46 -5.96 15.56 3.04
C LYS A 46 -4.92 16.65 3.28
N ASP A 47 -4.14 16.49 4.35
CA ASP A 47 -3.10 17.45 4.68
C ASP A 47 -1.79 17.12 3.97
N ARG A 48 -1.24 18.11 3.27
CA ARG A 48 0.01 17.91 2.54
C ARG A 48 1.18 17.70 3.50
N SER A 49 1.01 18.15 4.74
CA SER A 49 2.05 18.01 5.75
C SER A 49 2.19 16.57 6.20
N ARG A 50 1.14 15.78 5.96
CA ARG A 50 1.15 14.37 6.34
C ARG A 50 1.32 13.48 5.11
N MET A 51 2.55 13.10 4.83
CA MET A 51 2.85 12.24 3.68
C MET A 51 2.34 10.82 3.91
N SER A 52 1.24 10.48 3.25
CA SER A 52 0.65 9.16 3.38
C SER A 52 -0.06 8.75 2.09
N ILE A 53 -0.12 7.44 1.85
CA ILE A 53 -0.77 6.92 0.65
C ILE A 53 -2.06 6.18 1.01
N PHE A 54 -3.15 6.55 0.35
CA PHE A 54 -4.44 5.92 0.60
C PHE A 54 -5.08 5.47 -0.71
N VAL A 55 -6.01 4.53 -0.61
CA VAL A 55 -6.71 4.01 -1.78
C VAL A 55 -8.10 4.62 -1.91
N VAL A 56 -8.21 5.67 -2.72
CA VAL A 56 -9.48 6.34 -2.94
C VAL A 56 -10.21 5.77 -4.16
N GLY A 57 -9.71 4.65 -4.67
CA GLY A 57 -10.31 4.03 -5.83
C GLY A 57 -9.65 2.72 -6.20
N ILE A 58 -10.41 1.82 -6.81
CA ILE A 58 -9.88 0.53 -7.22
C ILE A 58 -10.33 0.17 -8.63
N ASN A 59 -9.48 0.49 -9.61
CA ASN A 59 -9.78 0.20 -11.01
C ASN A 59 -10.29 -1.22 -11.17
N PRO A 60 -11.48 -1.36 -11.78
CA PRO A 60 -12.10 -2.67 -12.01
C PRO A 60 -11.36 -3.49 -13.06
N GLU A 61 -10.35 -2.88 -13.68
CA GLU A 61 -9.57 -3.55 -14.71
C GLU A 61 -8.32 -4.18 -14.11
N GLY A 62 -7.83 -3.61 -13.02
CA GLY A 62 -6.66 -4.14 -12.36
C GLY A 62 -6.96 -5.36 -11.51
N PRO A 63 -5.92 -5.90 -10.85
CA PRO A 63 -6.07 -7.08 -9.99
C PRO A 63 -6.84 -6.77 -8.72
N ALA A 64 -6.45 -5.70 -8.03
CA ALA A 64 -7.12 -5.30 -6.79
C ALA A 64 -8.62 -5.52 -6.89
N ALA A 65 -9.20 -5.21 -8.04
CA ALA A 65 -10.63 -5.38 -8.25
C ALA A 65 -11.01 -6.86 -8.29
N ALA A 66 -10.17 -7.66 -8.96
CA ALA A 66 -10.42 -9.10 -9.06
C ALA A 66 -10.36 -9.77 -7.69
N ASP A 67 -9.42 -9.32 -6.87
CA ASP A 67 -9.24 -9.89 -5.53
C ASP A 67 -10.47 -9.61 -4.67
N GLY A 68 -10.96 -8.37 -4.72
CA GLY A 68 -12.12 -8.01 -3.94
C GLY A 68 -11.79 -7.71 -2.49
N ARG A 69 -10.58 -8.10 -2.09
CA ARG A 69 -10.13 -7.89 -0.71
C ARG A 69 -9.82 -6.41 -0.47
N MET A 70 -9.04 -5.82 -1.37
CA MET A 70 -8.67 -4.42 -1.25
C MET A 70 -9.90 -3.52 -1.39
N ARG A 71 -10.01 -2.53 -0.52
CA ARG A 71 -11.14 -1.60 -0.54
C ARG A 71 -10.66 -0.16 -0.48
N ILE A 72 -11.59 0.78 -0.63
CA ILE A 72 -11.25 2.20 -0.58
C ILE A 72 -11.00 2.66 0.86
N GLY A 73 -9.79 3.15 1.11
CA GLY A 73 -9.45 3.63 2.43
C GLY A 73 -8.15 3.03 2.94
N ASP A 74 -7.74 1.92 2.34
CA ASP A 74 -6.50 1.25 2.74
C ASP A 74 -5.31 2.19 2.59
N GLU A 75 -4.28 1.96 3.41
CA GLU A 75 -3.08 2.79 3.37
C GLU A 75 -1.83 1.93 3.17
N LEU A 76 -1.28 1.96 1.97
CA LEU A 76 -0.09 1.19 1.65
C LEU A 76 1.06 1.55 2.59
N LEU A 77 1.68 0.52 3.18
CA LEU A 77 2.79 0.72 4.10
C LEU A 77 4.10 0.24 3.48
N GLU A 78 4.04 -0.89 2.78
CA GLU A 78 5.22 -1.46 2.14
C GLU A 78 4.84 -2.16 0.84
N ILE A 79 5.78 -2.17 -0.11
CA ILE A 79 5.55 -2.80 -1.41
C ILE A 79 6.85 -3.40 -1.95
N ASN A 80 6.74 -4.58 -2.54
CA ASN A 80 7.89 -5.26 -3.12
C ASN A 80 9.15 -4.98 -2.30
N ASN A 81 9.04 -5.16 -0.99
CA ASN A 81 10.18 -4.93 -0.09
C ASN A 81 10.63 -3.48 -0.15
N GLN A 82 9.69 -2.55 0.06
CA GLN A 82 9.99 -1.14 0.02
C GLN A 82 8.93 -0.33 0.76
N ILE A 83 9.32 0.23 1.91
CA ILE A 83 8.39 1.03 2.71
C ILE A 83 8.01 2.32 2.00
N LEU A 84 6.71 2.60 1.95
CA LEU A 84 6.22 3.81 1.29
C LEU A 84 5.95 4.90 2.32
N TYR A 85 5.77 4.51 3.57
CA TYR A 85 5.52 5.47 4.64
C TYR A 85 6.55 6.59 4.63
N GLY A 86 6.15 7.74 4.10
CA GLY A 86 7.05 8.87 4.04
C GLY A 86 7.22 9.42 2.64
N ARG A 87 7.09 8.53 1.65
CA ARG A 87 7.24 8.92 0.25
C ARG A 87 5.89 9.31 -0.34
N SER A 88 5.93 9.92 -1.52
CA SER A 88 4.71 10.36 -2.19
C SER A 88 4.12 9.23 -3.04
N HIS A 89 2.79 9.20 -3.14
CA HIS A 89 2.11 8.18 -3.92
C HIS A 89 2.78 7.99 -5.28
N GLN A 90 3.27 9.09 -5.86
CA GLN A 90 3.93 9.04 -7.16
C GLN A 90 5.05 8.00 -7.16
N ASN A 91 5.79 7.93 -6.05
CA ASN A 91 6.89 6.97 -5.93
C ASN A 91 6.37 5.54 -5.88
N ALA A 92 5.38 5.31 -5.02
CA ALA A 92 4.79 3.98 -4.88
C ALA A 92 4.58 3.34 -6.25
N SER A 93 3.73 3.94 -7.07
CA SER A 93 3.44 3.43 -8.39
C SER A 93 4.72 3.04 -9.12
N ALA A 94 5.77 3.81 -8.89
CA ALA A 94 7.06 3.55 -9.52
C ALA A 94 7.63 2.20 -9.07
N ILE A 95 7.56 1.94 -7.77
CA ILE A 95 8.08 0.69 -7.22
C ILE A 95 7.38 -0.51 -7.84
N ILE A 96 6.06 -0.42 -7.99
CA ILE A 96 5.28 -1.50 -8.58
C ILE A 96 5.71 -1.77 -10.01
N LYS A 97 5.90 -0.70 -10.78
CA LYS A 97 6.31 -0.82 -12.18
C LYS A 97 7.58 -1.65 -12.30
N THR A 98 8.54 -1.40 -11.41
CA THR A 98 9.80 -2.13 -11.42
C THR A 98 9.63 -3.53 -10.83
N ALA A 99 8.65 -3.68 -9.95
CA ALA A 99 8.38 -4.96 -9.32
C ALA A 99 7.85 -5.97 -10.33
N PRO A 100 8.15 -7.26 -10.10
CA PRO A 100 7.72 -8.34 -10.98
C PRO A 100 6.21 -8.58 -10.91
N SER A 101 5.71 -9.44 -11.79
CA SER A 101 4.28 -9.75 -11.83
C SER A 101 3.71 -9.84 -10.41
N LYS A 102 4.17 -10.83 -9.65
CA LYS A 102 3.70 -11.02 -8.28
C LYS A 102 4.34 -10.00 -7.34
N VAL A 103 3.51 -9.22 -6.66
CA VAL A 103 3.98 -8.21 -5.73
C VAL A 103 3.25 -8.30 -4.40
N LYS A 104 3.96 -8.04 -3.31
CA LYS A 104 3.37 -8.09 -1.98
C LYS A 104 2.93 -6.69 -1.53
N LEU A 105 1.67 -6.58 -1.13
CA LEU A 105 1.12 -5.30 -0.69
C LEU A 105 0.74 -5.37 0.78
N VAL A 106 1.29 -4.46 1.57
CA VAL A 106 1.00 -4.41 3.01
C VAL A 106 0.30 -3.11 3.38
N PHE A 107 -1.02 -3.17 3.52
CA PHE A 107 -1.80 -1.99 3.89
C PHE A 107 -2.63 -2.25 5.14
N ILE A 108 -3.31 -1.22 5.62
CA ILE A 108 -4.14 -1.33 6.81
C ILE A 108 -5.60 -1.08 6.49
N ARG A 109 -6.50 -1.70 7.26
CA ARG A 109 -7.92 -1.53 7.05
C ARG A 109 -8.55 -0.74 8.19
N ASN A 110 -8.84 0.53 7.93
CA ASN A 110 -9.44 1.40 8.94
C ASN A 110 -10.66 2.13 8.39
N GLU A 111 -11.72 2.16 9.16
CA GLU A 111 -12.96 2.83 8.74
C GLU A 111 -12.79 4.35 8.77
N ASP A 112 -11.75 4.81 9.44
CA ASP A 112 -11.48 6.23 9.55
C ASP A 112 -10.64 6.72 8.37
N ALA A 113 -9.87 5.80 7.79
CA ALA A 113 -9.03 6.14 6.65
C ALA A 113 -9.82 6.88 5.57
N VAL A 114 -10.98 6.33 5.21
CA VAL A 114 -11.82 6.95 4.20
C VAL A 114 -12.04 8.43 4.48
N ASN A 115 -11.95 8.80 5.75
CA ASN A 115 -12.14 10.19 6.16
C ASN A 115 -10.82 10.94 6.11
N GLN A 116 -9.74 10.26 6.50
CA GLN A 116 -8.42 10.87 6.51
C GLN A 116 -7.93 11.16 5.09
N MET A 117 -7.88 10.12 4.26
CA MET A 117 -7.45 10.26 2.88
C MET A 117 -8.21 11.37 2.18
N ALA A 118 -7.50 12.17 1.38
CA ALA A 118 -8.11 13.27 0.65
C ALA A 118 -9.38 12.81 -0.07
N SER A 119 -9.32 11.62 -0.66
CA SER A 119 -10.46 11.07 -1.39
C SER A 119 -10.89 12.02 -2.51
N GLY A 120 -9.92 12.53 -3.26
CA GLY A 120 -10.22 13.44 -4.35
C GLY A 120 -8.97 13.86 -5.11
N PRO A 121 -8.53 13.03 -6.05
CA PRO A 121 -7.34 13.32 -6.87
C PRO A 121 -7.55 14.47 -7.84
N SER A 122 -8.75 15.05 -7.80
CA SER A 122 -9.09 16.16 -8.68
C SER A 122 -9.04 17.49 -7.93
N SER A 123 -8.34 18.45 -8.49
CA SER A 123 -8.21 19.77 -7.87
C SER A 123 -8.98 20.82 -8.65
N GLY A 124 -10.13 21.23 -8.12
CA GLY A 124 -10.95 22.23 -8.78
C GLY A 124 -10.71 23.62 -8.23
N GLY A 1 25.82 -24.23 9.48
CA GLY A 1 26.50 -23.72 10.66
C GLY A 1 25.88 -22.45 11.18
N SER A 2 26.01 -21.37 10.43
CA SER A 2 25.46 -20.08 10.82
C SER A 2 24.65 -19.46 9.69
N SER A 3 23.76 -18.54 10.03
CA SER A 3 22.92 -17.88 9.04
C SER A 3 23.28 -16.40 8.92
N GLY A 4 22.76 -15.75 7.88
CA GLY A 4 23.04 -14.34 7.66
C GLY A 4 21.80 -13.48 7.77
N SER A 5 21.70 -12.71 8.86
CA SER A 5 20.56 -11.85 9.08
C SER A 5 20.78 -10.48 8.43
N SER A 6 20.47 -10.39 7.14
CA SER A 6 20.64 -9.14 6.41
C SER A 6 19.35 -8.33 6.40
N GLY A 7 19.26 -7.37 7.32
CA GLY A 7 18.08 -6.55 7.42
C GLY A 7 16.80 -7.31 7.18
N ASP A 8 16.29 -7.96 8.23
CA ASP A 8 15.07 -8.74 8.13
C ASP A 8 13.88 -7.98 8.70
N ALA A 9 13.96 -6.65 8.67
CA ALA A 9 12.90 -5.81 9.18
C ALA A 9 11.73 -5.73 8.20
N PHE A 10 11.80 -6.53 7.14
CA PHE A 10 10.75 -6.54 6.13
C PHE A 10 9.99 -7.86 6.17
N THR A 11 10.19 -8.64 7.24
CA THR A 11 9.53 -9.92 7.40
C THR A 11 8.10 -9.73 7.89
N ASP A 12 7.20 -10.58 7.40
CA ASP A 12 5.79 -10.52 7.79
C ASP A 12 5.66 -10.24 9.29
N GLN A 13 6.28 -11.08 10.09
CA GLN A 13 6.23 -10.93 11.55
C GLN A 13 6.64 -9.52 11.96
N LYS A 14 7.65 -8.99 11.30
CA LYS A 14 8.14 -7.65 11.59
C LYS A 14 7.17 -6.58 11.07
N ILE A 15 6.50 -6.90 9.97
CA ILE A 15 5.54 -5.97 9.38
C ILE A 15 4.28 -5.85 10.23
N ARG A 16 3.69 -6.99 10.57
CA ARG A 16 2.49 -7.02 11.39
C ARG A 16 2.76 -6.45 12.78
N GLN A 17 4.00 -6.62 13.24
CA GLN A 17 4.39 -6.14 14.56
C GLN A 17 4.76 -4.67 14.50
N ARG A 18 5.28 -4.23 13.35
CA ARG A 18 5.68 -2.84 13.17
C ARG A 18 4.46 -1.92 13.16
N TYR A 19 3.44 -2.31 12.42
CA TYR A 19 2.21 -1.52 12.32
C TYR A 19 1.13 -2.07 13.23
N ALA A 20 1.53 -2.98 14.13
CA ALA A 20 0.58 -3.58 15.07
C ALA A 20 0.03 -2.53 16.03
N ASP A 21 0.59 -1.33 15.99
CA ASP A 21 0.15 -0.25 16.85
C ASP A 21 -0.98 0.54 16.21
N LEU A 22 -1.11 0.42 14.89
CA LEU A 22 -2.15 1.12 14.15
C LEU A 22 -3.54 0.69 14.62
N PRO A 23 -4.50 1.62 14.55
CA PRO A 23 -5.89 1.36 14.96
C PRO A 23 -6.60 0.40 14.00
N GLY A 24 -6.52 0.70 12.70
CA GLY A 24 -7.16 -0.14 11.71
C GLY A 24 -6.65 -1.57 11.74
N GLU A 25 -7.15 -2.39 10.83
CA GLU A 25 -6.75 -3.80 10.76
C GLU A 25 -5.78 -4.03 9.60
N LEU A 26 -4.60 -4.52 9.92
CA LEU A 26 -3.58 -4.80 8.91
C LEU A 26 -3.98 -5.98 8.04
N HIS A 27 -4.03 -5.76 6.72
CA HIS A 27 -4.39 -6.82 5.79
C HIS A 27 -3.35 -6.96 4.69
N ILE A 28 -2.56 -8.03 4.76
CA ILE A 28 -1.53 -8.28 3.77
C ILE A 28 -2.00 -9.25 2.70
N ILE A 29 -2.20 -8.75 1.49
CA ILE A 29 -2.67 -9.58 0.39
C ILE A 29 -1.67 -9.54 -0.78
N GLU A 30 -1.62 -10.64 -1.53
CA GLU A 30 -0.70 -10.73 -2.68
C GLU A 30 -1.48 -10.64 -3.99
N LEU A 31 -1.21 -9.60 -4.76
CA LEU A 31 -1.88 -9.39 -6.04
C LEU A 31 -0.88 -9.48 -7.19
N GLU A 32 -1.19 -10.33 -8.17
CA GLU A 32 -0.32 -10.51 -9.33
C GLU A 32 -0.63 -9.47 -10.40
N LYS A 33 0.32 -8.55 -10.61
CA LYS A 33 0.15 -7.50 -11.61
C LYS A 33 -0.59 -8.03 -12.84
N ASP A 34 -1.62 -7.30 -13.26
CA ASP A 34 -2.40 -7.70 -14.44
C ASP A 34 -1.85 -7.06 -15.70
N LYS A 35 -2.48 -7.34 -16.83
CA LYS A 35 -2.06 -6.79 -18.10
C LYS A 35 -1.52 -5.38 -17.94
N ASN A 36 -2.23 -4.57 -17.16
CA ASN A 36 -1.81 -3.19 -16.91
C ASN A 36 -1.07 -3.08 -15.59
N GLY A 37 -1.49 -3.87 -14.60
CA GLY A 37 -0.85 -3.83 -13.30
C GLY A 37 -1.85 -3.59 -12.18
N LEU A 38 -1.32 -3.29 -10.99
CA LEU A 38 -2.17 -3.03 -9.83
C LEU A 38 -2.90 -1.71 -9.98
N GLY A 39 -3.87 -1.66 -10.89
CA GLY A 39 -4.63 -0.45 -11.10
C GLY A 39 -5.30 0.05 -9.84
N LEU A 40 -4.64 0.97 -9.14
CA LEU A 40 -5.17 1.53 -7.91
C LEU A 40 -5.02 3.05 -7.88
N SER A 41 -6.03 3.74 -7.37
CA SER A 41 -6.01 5.19 -7.29
C SER A 41 -5.46 5.65 -5.94
N LEU A 42 -4.30 6.31 -5.97
CA LEU A 42 -3.67 6.81 -4.76
C LEU A 42 -3.87 8.31 -4.60
N ALA A 43 -3.94 8.77 -3.37
CA ALA A 43 -4.12 10.19 -3.09
C ALA A 43 -3.48 10.58 -1.76
N GLY A 44 -2.47 11.44 -1.82
CA GLY A 44 -1.78 11.87 -0.63
C GLY A 44 -2.74 12.36 0.44
N ASN A 45 -2.36 12.17 1.70
CA ASN A 45 -3.19 12.60 2.83
C ASN A 45 -3.71 14.02 2.62
N LYS A 46 -5.00 14.21 2.89
CA LYS A 46 -5.62 15.52 2.73
C LYS A 46 -4.63 16.63 3.09
N ASP A 47 -3.84 16.40 4.12
CA ASP A 47 -2.86 17.38 4.57
C ASP A 47 -1.49 17.10 3.95
N ARG A 48 -1.12 17.92 2.97
CA ARG A 48 0.16 17.76 2.29
C ARG A 48 1.30 17.61 3.30
N SER A 49 1.22 18.35 4.39
CA SER A 49 2.24 18.31 5.42
C SER A 49 2.52 16.87 5.84
N ARG A 50 1.49 16.04 5.78
CA ARG A 50 1.64 14.64 6.17
C ARG A 50 2.09 13.79 4.97
N MET A 51 2.77 12.69 5.26
CA MET A 51 3.26 11.80 4.21
C MET A 51 2.64 10.41 4.35
N SER A 52 1.57 10.17 3.61
CA SER A 52 0.89 8.88 3.65
C SER A 52 0.12 8.63 2.35
N ILE A 53 0.04 7.36 1.96
CA ILE A 53 -0.65 6.98 0.73
C ILE A 53 -1.91 6.17 1.04
N PHE A 54 -2.97 6.43 0.29
CA PHE A 54 -4.23 5.72 0.49
C PHE A 54 -4.79 5.24 -0.84
N VAL A 55 -5.96 4.60 -0.80
CA VAL A 55 -6.61 4.10 -2.00
C VAL A 55 -7.99 4.70 -2.18
N VAL A 56 -8.06 5.79 -2.93
CA VAL A 56 -9.33 6.46 -3.19
C VAL A 56 -10.04 5.87 -4.40
N GLY A 57 -9.58 4.70 -4.83
CA GLY A 57 -10.19 4.04 -5.97
C GLY A 57 -9.48 2.74 -6.33
N ILE A 58 -10.22 1.81 -6.90
CA ILE A 58 -9.66 0.52 -7.30
C ILE A 58 -10.12 0.13 -8.70
N ASN A 59 -9.26 0.37 -9.68
CA ASN A 59 -9.57 0.04 -11.07
C ASN A 59 -10.31 -1.29 -11.16
N PRO A 60 -11.51 -1.26 -11.75
CA PRO A 60 -12.34 -2.46 -11.93
C PRO A 60 -11.75 -3.43 -12.93
N GLU A 61 -10.73 -3.00 -13.65
CA GLU A 61 -10.09 -3.83 -14.65
C GLU A 61 -8.75 -4.36 -14.14
N GLY A 62 -8.32 -3.85 -12.99
CA GLY A 62 -7.07 -4.29 -12.40
C GLY A 62 -7.23 -5.50 -11.51
N PRO A 63 -6.11 -5.98 -10.94
CA PRO A 63 -6.10 -7.15 -10.06
C PRO A 63 -6.78 -6.87 -8.72
N ALA A 64 -6.37 -5.77 -8.08
CA ALA A 64 -6.94 -5.38 -6.79
C ALA A 64 -8.46 -5.51 -6.80
N ALA A 65 -9.08 -5.07 -7.88
CA ALA A 65 -10.53 -5.13 -8.02
C ALA A 65 -11.01 -6.57 -8.07
N ALA A 66 -10.28 -7.41 -8.81
CA ALA A 66 -10.63 -8.82 -8.94
C ALA A 66 -10.46 -9.55 -7.62
N ASP A 67 -9.45 -9.15 -6.84
CA ASP A 67 -9.18 -9.78 -5.56
C ASP A 67 -10.28 -9.46 -4.56
N GLY A 68 -10.69 -8.20 -4.50
CA GLY A 68 -11.74 -7.79 -3.59
C GLY A 68 -11.21 -7.49 -2.20
N ARG A 69 -10.03 -8.02 -1.88
CA ARG A 69 -9.42 -7.81 -0.58
C ARG A 69 -9.17 -6.32 -0.34
N MET A 70 -8.67 -5.64 -1.36
CA MET A 70 -8.38 -4.20 -1.26
C MET A 70 -9.66 -3.38 -1.41
N ARG A 71 -9.77 -2.33 -0.60
CA ARG A 71 -10.94 -1.46 -0.64
C ARG A 71 -10.54 0.01 -0.61
N ILE A 72 -11.51 0.89 -0.77
CA ILE A 72 -11.25 2.32 -0.77
C ILE A 72 -11.03 2.83 0.66
N GLY A 73 -9.83 3.33 0.94
CA GLY A 73 -9.52 3.84 2.25
C GLY A 73 -8.31 3.16 2.87
N ASP A 74 -7.82 2.12 2.21
CA ASP A 74 -6.66 1.38 2.69
C ASP A 74 -5.38 2.18 2.49
N GLU A 75 -4.58 2.30 3.55
CA GLU A 75 -3.34 3.05 3.48
C GLU A 75 -2.15 2.11 3.26
N LEU A 76 -1.56 2.18 2.07
CA LEU A 76 -0.42 1.34 1.73
C LEU A 76 0.78 1.66 2.62
N LEU A 77 1.27 0.65 3.33
CA LEU A 77 2.41 0.82 4.20
C LEU A 77 3.69 0.31 3.54
N GLU A 78 3.61 -0.88 2.96
CA GLU A 78 4.77 -1.48 2.30
C GLU A 78 4.35 -2.12 0.98
N ILE A 79 5.29 -2.18 0.04
CA ILE A 79 5.03 -2.77 -1.27
C ILE A 79 6.31 -3.31 -1.91
N ASN A 80 6.43 -4.63 -1.97
CA ASN A 80 7.61 -5.25 -2.56
C ASN A 80 8.86 -4.91 -1.77
N ASN A 81 8.77 -5.06 -0.44
CA ASN A 81 9.90 -4.77 0.43
C ASN A 81 10.31 -3.30 0.33
N GLN A 82 9.31 -2.42 0.33
CA GLN A 82 9.56 -0.99 0.24
C GLN A 82 8.53 -0.21 1.08
N ILE A 83 9.04 0.55 2.04
CA ILE A 83 8.16 1.34 2.91
C ILE A 83 7.56 2.51 2.15
N LEU A 84 6.31 2.85 2.48
CA LEU A 84 5.63 3.96 1.83
C LEU A 84 5.00 4.89 2.86
N TYR A 85 5.23 4.59 4.13
CA TYR A 85 4.68 5.39 5.22
C TYR A 85 5.46 6.70 5.38
N GLY A 86 6.37 6.96 4.44
CA GLY A 86 7.16 8.17 4.50
C GLY A 86 7.53 8.69 3.12
N ARG A 87 6.80 8.23 2.10
CA ARG A 87 7.06 8.64 0.73
C ARG A 87 5.78 9.15 0.07
N SER A 88 5.92 9.66 -1.16
CA SER A 88 4.78 10.18 -1.89
C SER A 88 4.12 9.09 -2.72
N HIS A 89 2.85 9.29 -3.06
CA HIS A 89 2.10 8.32 -3.85
C HIS A 89 2.72 8.14 -5.24
N GLN A 90 3.45 9.16 -5.68
CA GLN A 90 4.10 9.11 -6.98
C GLN A 90 5.19 8.05 -7.01
N ASN A 91 5.71 7.70 -5.84
CA ASN A 91 6.76 6.70 -5.72
C ASN A 91 6.16 5.30 -5.68
N ALA A 92 5.07 5.15 -4.92
CA ALA A 92 4.40 3.86 -4.79
C ALA A 92 4.21 3.20 -6.14
N SER A 93 3.58 3.92 -7.07
CA SER A 93 3.33 3.40 -8.41
C SER A 93 4.63 2.97 -9.08
N ALA A 94 5.69 3.75 -8.87
CA ALA A 94 6.99 3.45 -9.45
C ALA A 94 7.54 2.15 -8.90
N ILE A 95 7.34 1.92 -7.60
CA ILE A 95 7.82 0.71 -6.96
C ILE A 95 7.15 -0.53 -7.54
N ILE A 96 5.83 -0.46 -7.69
CA ILE A 96 5.07 -1.58 -8.24
C ILE A 96 5.53 -1.93 -9.65
N LYS A 97 5.68 -0.90 -10.48
CA LYS A 97 6.11 -1.09 -11.86
C LYS A 97 7.41 -1.90 -11.91
N THR A 98 8.37 -1.52 -11.08
CA THR A 98 9.65 -2.21 -11.01
C THR A 98 9.52 -3.57 -10.36
N ALA A 99 8.47 -3.74 -9.57
CA ALA A 99 8.23 -5.00 -8.88
C ALA A 99 7.76 -6.08 -9.85
N PRO A 100 8.05 -7.35 -9.51
CA PRO A 100 7.68 -8.50 -10.34
C PRO A 100 6.17 -8.73 -10.36
N SER A 101 5.73 -9.65 -11.22
CA SER A 101 4.32 -9.98 -11.33
C SER A 101 3.67 -10.06 -9.95
N LYS A 102 4.12 -11.02 -9.15
CA LYS A 102 3.59 -11.21 -7.81
C LYS A 102 4.16 -10.17 -6.84
N VAL A 103 3.29 -9.27 -6.37
CA VAL A 103 3.71 -8.23 -5.44
C VAL A 103 3.01 -8.38 -4.09
N LYS A 104 3.67 -7.96 -3.03
CA LYS A 104 3.11 -8.04 -1.69
C LYS A 104 2.72 -6.65 -1.17
N LEU A 105 1.42 -6.44 -1.04
CA LEU A 105 0.91 -5.16 -0.55
C LEU A 105 0.49 -5.25 0.91
N VAL A 106 0.97 -4.32 1.72
CA VAL A 106 0.65 -4.29 3.14
C VAL A 106 -0.05 -2.99 3.53
N PHE A 107 -1.37 -3.04 3.65
CA PHE A 107 -2.16 -1.87 4.02
C PHE A 107 -2.98 -2.14 5.28
N ILE A 108 -3.70 -1.12 5.73
CA ILE A 108 -4.52 -1.25 6.92
C ILE A 108 -5.94 -0.76 6.66
N ARG A 109 -6.92 -1.61 6.95
CA ARG A 109 -8.32 -1.27 6.74
C ARG A 109 -8.88 -0.53 7.96
N ASN A 110 -9.41 0.66 7.72
CA ASN A 110 -9.98 1.48 8.78
C ASN A 110 -11.07 2.39 8.26
N GLU A 111 -12.20 2.43 8.96
CA GLU A 111 -13.32 3.26 8.56
C GLU A 111 -12.99 4.75 8.74
N ASP A 112 -11.89 5.02 9.42
CA ASP A 112 -11.47 6.39 9.66
C ASP A 112 -10.46 6.84 8.61
N ALA A 113 -9.88 5.88 7.90
CA ALA A 113 -8.90 6.17 6.86
C ALA A 113 -9.56 6.80 5.64
N VAL A 114 -10.79 6.37 5.34
CA VAL A 114 -11.52 6.90 4.20
C VAL A 114 -11.76 8.40 4.34
N ASN A 115 -11.73 8.88 5.57
CA ASN A 115 -11.93 10.31 5.84
C ASN A 115 -10.61 11.07 5.75
N GLN A 116 -9.54 10.42 6.19
CA GLN A 116 -8.21 11.04 6.17
C GLN A 116 -7.68 11.11 4.74
N MET A 117 -7.85 10.03 3.99
CA MET A 117 -7.39 9.96 2.62
C MET A 117 -8.02 11.07 1.77
N ALA A 118 -7.19 11.83 1.07
CA ALA A 118 -7.67 12.90 0.22
C ALA A 118 -8.19 12.38 -1.11
N SER A 119 -9.50 12.25 -1.23
CA SER A 119 -10.12 11.74 -2.46
C SER A 119 -9.77 12.64 -3.64
N GLY A 120 -9.10 12.08 -4.62
CA GLY A 120 -8.72 12.84 -5.80
C GLY A 120 -7.25 12.67 -6.15
N PRO A 121 -6.93 11.63 -6.93
CA PRO A 121 -5.56 11.35 -7.36
C PRO A 121 -5.03 12.37 -8.35
N SER A 122 -4.47 13.45 -7.83
CA SER A 122 -3.92 14.52 -8.67
C SER A 122 -3.30 13.93 -9.94
N SER A 123 -3.86 14.30 -11.09
CA SER A 123 -3.37 13.81 -12.37
C SER A 123 -2.30 14.73 -12.93
N GLY A 124 -1.16 14.16 -13.32
CA GLY A 124 -0.08 14.95 -13.86
C GLY A 124 0.12 14.71 -15.35
N GLY A 1 21.20 -11.21 13.59
CA GLY A 1 22.60 -11.50 13.77
C GLY A 1 23.50 -10.34 13.36
N SER A 2 24.42 -10.59 12.44
CA SER A 2 25.33 -9.56 11.97
C SER A 2 24.73 -8.78 10.81
N SER A 3 24.26 -7.58 11.08
CA SER A 3 23.66 -6.74 10.06
C SER A 3 24.44 -6.83 8.74
N GLY A 4 23.76 -6.55 7.64
CA GLY A 4 24.40 -6.62 6.34
C GLY A 4 23.52 -7.23 5.28
N SER A 5 23.84 -8.44 4.85
CA SER A 5 23.06 -9.13 3.83
C SER A 5 21.72 -9.59 4.39
N SER A 6 21.75 -10.22 5.56
CA SER A 6 20.54 -10.71 6.19
C SER A 6 19.67 -9.56 6.67
N GLY A 7 18.46 -9.88 7.11
CA GLY A 7 17.54 -8.85 7.58
C GLY A 7 16.10 -9.32 7.59
N ASP A 8 15.68 -9.94 8.68
CA ASP A 8 14.32 -10.44 8.81
C ASP A 8 13.42 -9.40 9.47
N ALA A 9 13.56 -8.15 9.04
CA ALA A 9 12.77 -7.05 9.59
C ALA A 9 11.51 -6.81 8.76
N PHE A 10 11.46 -7.44 7.59
CA PHE A 10 10.32 -7.29 6.69
C PHE A 10 9.41 -8.51 6.77
N THR A 11 9.65 -9.37 7.76
CA THR A 11 8.86 -10.58 7.93
C THR A 11 7.44 -10.24 8.36
N ASP A 12 6.47 -10.88 7.71
CA ASP A 12 5.06 -10.65 8.02
C ASP A 12 4.87 -10.41 9.51
N GLN A 13 5.28 -11.39 10.32
CA GLN A 13 5.14 -11.30 11.76
C GLN A 13 5.68 -9.96 12.28
N LYS A 14 6.79 -9.51 11.70
CA LYS A 14 7.39 -8.24 12.09
C LYS A 14 6.60 -7.06 11.53
N ILE A 15 6.01 -7.26 10.35
CA ILE A 15 5.23 -6.21 9.72
C ILE A 15 3.99 -5.87 10.53
N ARG A 16 3.26 -6.90 10.94
CA ARG A 16 2.05 -6.71 11.73
C ARG A 16 2.37 -6.08 13.08
N GLN A 17 3.37 -6.62 13.76
CA GLN A 17 3.78 -6.11 15.06
C GLN A 17 4.30 -4.69 14.94
N ARG A 18 4.95 -4.39 13.81
CA ARG A 18 5.50 -3.05 13.57
C ARG A 18 4.39 -2.02 13.43
N TYR A 19 3.37 -2.37 12.65
CA TYR A 19 2.24 -1.47 12.42
C TYR A 19 1.05 -1.86 13.31
N ALA A 20 1.31 -2.65 14.33
CA ALA A 20 0.27 -3.08 15.26
C ALA A 20 -0.29 -1.91 16.05
N ASP A 21 0.48 -0.83 16.12
CA ASP A 21 0.06 0.35 16.85
C ASP A 21 -1.07 1.08 16.12
N LEU A 22 -1.07 0.96 14.80
CA LEU A 22 -2.11 1.61 13.98
C LEU A 22 -3.50 1.23 14.46
N PRO A 23 -4.47 2.14 14.27
CA PRO A 23 -5.86 1.92 14.67
C PRO A 23 -6.55 0.86 13.82
N GLY A 24 -6.43 1.00 12.51
CA GLY A 24 -7.06 0.06 11.60
C GLY A 24 -6.46 -1.33 11.72
N GLU A 25 -6.87 -2.23 10.83
CA GLU A 25 -6.38 -3.60 10.85
C GLU A 25 -5.46 -3.86 9.65
N LEU A 26 -4.27 -4.37 9.93
CA LEU A 26 -3.30 -4.67 8.88
C LEU A 26 -3.78 -5.83 8.01
N HIS A 27 -3.69 -5.65 6.70
CA HIS A 27 -4.11 -6.69 5.76
C HIS A 27 -3.06 -6.88 4.66
N ILE A 28 -2.35 -7.99 4.71
CA ILE A 28 -1.32 -8.30 3.72
C ILE A 28 -1.84 -9.28 2.68
N ILE A 29 -2.03 -8.80 1.46
CA ILE A 29 -2.52 -9.63 0.37
C ILE A 29 -1.55 -9.63 -0.80
N GLU A 30 -1.45 -10.75 -1.49
CA GLU A 30 -0.56 -10.88 -2.64
C GLU A 30 -1.33 -10.74 -3.95
N LEU A 31 -1.05 -9.68 -4.69
CA LEU A 31 -1.71 -9.44 -5.97
C LEU A 31 -0.71 -9.50 -7.12
N GLU A 32 -1.09 -10.20 -8.19
CA GLU A 32 -0.23 -10.34 -9.35
C GLU A 32 -0.60 -9.29 -10.41
N LYS A 33 0.35 -8.41 -10.72
CA LYS A 33 0.13 -7.37 -11.71
C LYS A 33 -0.63 -7.92 -12.92
N ASP A 34 -1.71 -7.25 -13.29
CA ASP A 34 -2.52 -7.67 -14.43
C ASP A 34 -1.98 -7.07 -15.72
N LYS A 35 -2.60 -7.44 -16.84
CA LYS A 35 -2.18 -6.94 -18.15
C LYS A 35 -1.68 -5.51 -18.05
N ASN A 36 -2.28 -4.73 -17.16
CA ASN A 36 -1.89 -3.34 -16.95
C ASN A 36 -1.17 -3.15 -15.63
N GLY A 37 -1.43 -4.06 -14.69
CA GLY A 37 -0.80 -3.99 -13.39
C GLY A 37 -1.76 -3.57 -12.30
N LEU A 38 -1.26 -3.42 -11.08
CA LEU A 38 -2.08 -3.01 -9.94
C LEU A 38 -2.74 -1.66 -10.20
N GLY A 39 -4.04 -1.67 -10.40
CA GLY A 39 -4.77 -0.43 -10.64
C GLY A 39 -5.48 0.08 -9.41
N LEU A 40 -4.92 1.13 -8.81
CA LEU A 40 -5.50 1.71 -7.61
C LEU A 40 -5.35 3.24 -7.62
N SER A 41 -6.43 3.94 -7.29
CA SER A 41 -6.41 5.40 -7.26
C SER A 41 -5.88 5.91 -5.93
N LEU A 42 -4.65 6.41 -5.94
CA LEU A 42 -4.03 6.93 -4.72
C LEU A 42 -4.27 8.43 -4.59
N ALA A 43 -4.28 8.91 -3.35
CA ALA A 43 -4.50 10.32 -3.08
C ALA A 43 -3.89 10.73 -1.75
N GLY A 44 -3.01 11.73 -1.79
CA GLY A 44 -2.36 12.20 -0.57
C GLY A 44 -3.36 12.55 0.52
N ASN A 45 -2.93 12.45 1.77
CA ASN A 45 -3.80 12.76 2.90
C ASN A 45 -4.40 14.15 2.76
N LYS A 46 -5.56 14.35 3.38
CA LYS A 46 -6.25 15.64 3.33
C LYS A 46 -5.25 16.79 3.38
N ASP A 47 -4.15 16.60 4.11
CA ASP A 47 -3.12 17.61 4.24
C ASP A 47 -1.89 17.24 3.43
N ARG A 48 -1.20 18.25 2.91
CA ARG A 48 0.00 18.02 2.12
C ARG A 48 1.24 17.91 3.02
N SER A 49 1.04 18.14 4.30
CA SER A 49 2.14 18.07 5.27
C SER A 49 2.34 16.64 5.76
N ARG A 50 1.27 15.85 5.71
CA ARG A 50 1.33 14.46 6.16
C ARG A 50 1.57 13.53 4.97
N MET A 51 2.83 13.20 4.74
CA MET A 51 3.20 12.31 3.64
C MET A 51 2.64 10.91 3.87
N SER A 52 1.50 10.63 3.25
CA SER A 52 0.86 9.32 3.38
C SER A 52 0.12 8.95 2.10
N ILE A 53 -0.01 7.65 1.86
CA ILE A 53 -0.70 7.17 0.67
C ILE A 53 -1.95 6.37 1.05
N PHE A 54 -3.05 6.65 0.35
CA PHE A 54 -4.31 5.96 0.62
C PHE A 54 -4.91 5.42 -0.67
N VAL A 55 -6.00 4.66 -0.54
CA VAL A 55 -6.67 4.08 -1.70
C VAL A 55 -8.11 4.59 -1.80
N VAL A 56 -8.30 5.64 -2.60
CA VAL A 56 -9.62 6.23 -2.79
C VAL A 56 -10.31 5.64 -4.01
N GLY A 57 -9.85 4.46 -4.44
CA GLY A 57 -10.43 3.82 -5.60
C GLY A 57 -9.70 2.55 -5.98
N ILE A 58 -10.42 1.61 -6.58
CA ILE A 58 -9.84 0.33 -6.99
C ILE A 58 -10.25 -0.02 -8.41
N ASN A 59 -9.35 0.18 -9.36
CA ASN A 59 -9.62 -0.13 -10.76
C ASN A 59 -10.37 -1.45 -10.89
N PRO A 60 -11.59 -1.38 -11.45
CA PRO A 60 -12.43 -2.57 -11.64
C PRO A 60 -11.88 -3.50 -12.72
N GLU A 61 -10.89 -3.01 -13.46
CA GLU A 61 -10.28 -3.80 -14.52
C GLU A 61 -8.91 -4.33 -14.10
N GLY A 62 -8.43 -3.85 -12.95
CA GLY A 62 -7.14 -4.29 -12.45
C GLY A 62 -7.24 -5.53 -11.58
N PRO A 63 -6.09 -5.99 -11.07
CA PRO A 63 -6.03 -7.18 -10.22
C PRO A 63 -6.67 -6.95 -8.86
N ALA A 64 -6.29 -5.86 -8.20
CA ALA A 64 -6.82 -5.54 -6.89
C ALA A 64 -8.33 -5.74 -6.84
N ALA A 65 -9.01 -5.31 -7.90
CA ALA A 65 -10.46 -5.46 -7.98
C ALA A 65 -10.87 -6.93 -8.00
N ALA A 66 -10.13 -7.73 -8.78
CA ALA A 66 -10.41 -9.15 -8.89
C ALA A 66 -10.22 -9.85 -7.55
N ASP A 67 -9.21 -9.44 -6.81
CA ASP A 67 -8.92 -10.02 -5.50
C ASP A 67 -10.05 -9.75 -4.51
N GLY A 68 -10.46 -8.49 -4.43
CA GLY A 68 -11.53 -8.11 -3.52
C GLY A 68 -11.02 -7.78 -2.14
N ARG A 69 -9.86 -8.32 -1.79
CA ARG A 69 -9.27 -8.08 -0.48
C ARG A 69 -9.07 -6.59 -0.23
N MET A 70 -8.54 -5.89 -1.23
CA MET A 70 -8.30 -4.46 -1.12
C MET A 70 -9.63 -3.69 -1.16
N ARG A 71 -9.68 -2.59 -0.42
CA ARG A 71 -10.88 -1.76 -0.37
C ARG A 71 -10.52 -0.28 -0.29
N ILE A 72 -11.51 0.58 -0.52
CA ILE A 72 -11.30 2.02 -0.47
C ILE A 72 -11.03 2.49 0.96
N GLY A 73 -9.84 3.05 1.17
CA GLY A 73 -9.48 3.54 2.49
C GLY A 73 -8.16 2.99 2.97
N ASP A 74 -7.75 1.86 2.39
CA ASP A 74 -6.48 1.22 2.76
C ASP A 74 -5.32 2.21 2.64
N GLU A 75 -4.27 1.97 3.41
CA GLU A 75 -3.10 2.85 3.40
C GLU A 75 -1.82 2.04 3.14
N LEU A 76 -1.38 2.02 1.89
CA LEU A 76 -0.18 1.29 1.51
C LEU A 76 0.99 1.65 2.42
N LEU A 77 1.57 0.64 3.05
CA LEU A 77 2.70 0.85 3.94
C LEU A 77 4.01 0.41 3.29
N GLU A 78 3.97 -0.76 2.64
CA GLU A 78 5.15 -1.29 1.97
C GLU A 78 4.77 -2.00 0.67
N ILE A 79 5.69 -2.02 -0.28
CA ILE A 79 5.46 -2.67 -1.56
C ILE A 79 6.75 -3.20 -2.16
N ASN A 80 6.76 -4.50 -2.46
CA ASN A 80 7.95 -5.13 -3.04
C ASN A 80 9.19 -4.83 -2.21
N ASN A 81 9.06 -5.00 -0.90
CA ASN A 81 10.19 -4.75 0.01
C ASN A 81 10.63 -3.29 -0.07
N GLN A 82 9.69 -2.38 0.11
CA GLN A 82 9.99 -0.96 0.04
C GLN A 82 8.96 -0.15 0.83
N ILE A 83 9.37 0.38 1.98
CA ILE A 83 8.47 1.17 2.82
C ILE A 83 8.14 2.50 2.15
N LEU A 84 6.86 2.85 2.15
CA LEU A 84 6.41 4.11 1.55
C LEU A 84 6.08 5.13 2.62
N TYR A 85 5.83 4.66 3.84
CA TYR A 85 5.50 5.53 4.95
C TYR A 85 6.45 6.73 4.99
N GLY A 86 6.01 7.84 4.39
CA GLY A 86 6.83 9.04 4.36
C GLY A 86 7.19 9.47 2.96
N ARG A 87 6.55 8.85 1.97
CA ARG A 87 6.82 9.17 0.57
C ARG A 87 5.53 9.56 -0.15
N SER A 88 5.67 10.00 -1.40
CA SER A 88 4.51 10.41 -2.20
C SER A 88 3.90 9.22 -2.92
N HIS A 89 2.61 9.31 -3.21
CA HIS A 89 1.89 8.23 -3.90
C HIS A 89 2.53 7.96 -5.25
N GLN A 90 2.94 9.01 -5.95
CA GLN A 90 3.56 8.87 -7.26
C GLN A 90 4.74 7.91 -7.21
N ASN A 91 5.45 7.91 -6.08
CA ASN A 91 6.60 7.03 -5.89
C ASN A 91 6.16 5.57 -5.80
N ALA A 92 5.09 5.32 -5.05
CA ALA A 92 4.57 3.98 -4.88
C ALA A 92 4.44 3.26 -6.22
N SER A 93 3.58 3.79 -7.09
CA SER A 93 3.36 3.19 -8.40
C SER A 93 4.69 2.83 -9.06
N ALA A 94 5.68 3.70 -8.90
CA ALA A 94 7.00 3.47 -9.47
C ALA A 94 7.58 2.14 -9.00
N ILE A 95 7.57 1.93 -7.68
CA ILE A 95 8.10 0.70 -7.11
C ILE A 95 7.41 -0.53 -7.70
N ILE A 96 6.11 -0.42 -7.91
CA ILE A 96 5.34 -1.52 -8.48
C ILE A 96 5.77 -1.81 -9.91
N LYS A 97 5.91 -0.76 -10.71
CA LYS A 97 6.31 -0.90 -12.11
C LYS A 97 7.59 -1.72 -12.21
N THR A 98 8.57 -1.41 -11.37
CA THR A 98 9.83 -2.13 -11.38
C THR A 98 9.69 -3.52 -10.77
N ALA A 99 8.73 -3.66 -9.86
CA ALA A 99 8.49 -4.94 -9.20
C ALA A 99 7.96 -5.97 -10.19
N PRO A 100 8.24 -7.25 -9.91
CA PRO A 100 7.80 -8.36 -10.77
C PRO A 100 6.29 -8.58 -10.71
N SER A 101 5.79 -9.44 -11.58
CA SER A 101 4.35 -9.73 -11.62
C SER A 101 3.76 -9.74 -10.22
N LYS A 102 4.21 -10.69 -9.40
CA LYS A 102 3.72 -10.81 -8.04
C LYS A 102 4.36 -9.75 -7.14
N VAL A 103 3.51 -8.89 -6.56
CA VAL A 103 3.98 -7.83 -5.67
C VAL A 103 3.25 -7.86 -4.34
N LYS A 104 4.01 -7.85 -3.26
CA LYS A 104 3.42 -7.88 -1.92
C LYS A 104 2.96 -6.49 -1.50
N LEU A 105 1.69 -6.38 -1.12
CA LEU A 105 1.12 -5.10 -0.70
C LEU A 105 0.68 -5.17 0.75
N VAL A 106 1.34 -4.37 1.60
CA VAL A 106 1.02 -4.32 3.02
C VAL A 106 0.33 -3.01 3.38
N PHE A 107 -0.98 -3.07 3.57
CA PHE A 107 -1.75 -1.87 3.92
C PHE A 107 -2.57 -2.12 5.18
N ILE A 108 -3.32 -1.11 5.61
CA ILE A 108 -4.15 -1.21 6.80
C ILE A 108 -5.59 -0.79 6.51
N ARG A 109 -6.52 -1.70 6.73
CA ARG A 109 -7.93 -1.44 6.49
C ARG A 109 -8.55 -0.66 7.66
N ASN A 110 -8.57 0.66 7.53
CA ASN A 110 -9.13 1.51 8.57
C ASN A 110 -10.37 2.25 8.07
N GLU A 111 -11.49 2.05 8.77
CA GLU A 111 -12.74 2.69 8.40
C GLU A 111 -12.64 4.20 8.53
N ASP A 112 -11.61 4.67 9.23
CA ASP A 112 -11.40 6.10 9.43
C ASP A 112 -10.45 6.66 8.38
N ALA A 113 -9.80 5.76 7.64
CA ALA A 113 -8.87 6.17 6.59
C ALA A 113 -9.60 6.74 5.39
N VAL A 114 -10.84 6.29 5.19
CA VAL A 114 -11.65 6.75 4.07
C VAL A 114 -11.73 8.28 4.05
N ASN A 115 -11.74 8.88 5.23
CA ASN A 115 -11.82 10.33 5.35
C ASN A 115 -10.43 10.95 5.39
N GLN A 116 -9.55 10.35 6.18
CA GLN A 116 -8.18 10.85 6.30
C GLN A 116 -7.58 11.13 4.94
N MET A 117 -8.03 10.38 3.93
CA MET A 117 -7.53 10.55 2.57
C MET A 117 -8.32 11.62 1.83
N ALA A 118 -7.62 12.64 1.35
CA ALA A 118 -8.25 13.73 0.62
C ALA A 118 -9.44 13.23 -0.20
N SER A 119 -9.31 12.03 -0.75
CA SER A 119 -10.36 11.43 -1.56
C SER A 119 -10.59 12.24 -2.83
N GLY A 120 -9.52 12.83 -3.35
CA GLY A 120 -9.64 13.63 -4.56
C GLY A 120 -8.31 13.73 -5.31
N PRO A 121 -8.06 12.76 -6.19
CA PRO A 121 -6.83 12.72 -6.99
C PRO A 121 -6.78 13.82 -8.03
N SER A 122 -7.95 14.24 -8.51
CA SER A 122 -8.05 15.28 -9.52
C SER A 122 -7.66 16.64 -8.94
N SER A 123 -7.50 17.61 -9.81
CA SER A 123 -7.13 18.97 -9.39
C SER A 123 -8.26 19.94 -9.65
N GLY A 124 -8.81 19.89 -10.86
CA GLY A 124 -9.90 20.79 -11.22
C GLY A 124 -9.61 22.23 -10.85
N GLY A 1 34.15 -17.17 5.66
CA GLY A 1 34.39 -15.93 6.37
C GLY A 1 33.11 -15.19 6.71
N SER A 2 33.24 -14.02 7.32
CA SER A 2 32.07 -13.23 7.70
C SER A 2 31.38 -12.66 6.47
N SER A 3 30.50 -13.45 5.88
CA SER A 3 29.77 -13.03 4.69
C SER A 3 28.34 -13.54 4.72
N GLY A 4 27.43 -12.79 4.11
CA GLY A 4 26.03 -13.19 4.07
C GLY A 4 25.09 -12.01 4.25
N SER A 5 24.05 -11.94 3.41
CA SER A 5 23.08 -10.87 3.48
C SER A 5 21.91 -11.25 4.37
N SER A 6 21.77 -10.53 5.49
CA SER A 6 20.69 -10.80 6.44
C SER A 6 19.84 -9.56 6.63
N GLY A 7 18.57 -9.77 7.00
CA GLY A 7 17.67 -8.65 7.22
C GLY A 7 16.21 -9.10 7.30
N ASP A 8 15.89 -9.86 8.35
CA ASP A 8 14.52 -10.34 8.53
C ASP A 8 13.66 -9.28 9.23
N ALA A 9 13.86 -8.02 8.86
CA ALA A 9 13.11 -6.93 9.43
C ALA A 9 11.86 -6.63 8.61
N PHE A 10 11.76 -7.26 7.45
CA PHE A 10 10.61 -7.06 6.56
C PHE A 10 9.67 -8.25 6.61
N THR A 11 9.83 -9.08 7.64
CA THR A 11 8.99 -10.26 7.81
C THR A 11 7.63 -9.89 8.39
N ASP A 12 6.57 -10.50 7.84
CA ASP A 12 5.22 -10.24 8.32
C ASP A 12 5.20 -10.04 9.83
N GLN A 13 5.59 -11.07 10.57
CA GLN A 13 5.62 -11.00 12.02
C GLN A 13 6.06 -9.62 12.50
N LYS A 14 7.12 -9.10 11.88
CA LYS A 14 7.64 -7.78 12.24
C LYS A 14 6.76 -6.68 11.68
N ILE A 15 6.20 -6.91 10.50
CA ILE A 15 5.34 -5.93 9.86
C ILE A 15 4.09 -5.67 10.69
N ARG A 16 3.41 -6.74 11.10
CA ARG A 16 2.20 -6.62 11.90
C ARG A 16 2.50 -5.95 13.24
N GLN A 17 3.65 -6.28 13.82
CA GLN A 17 4.05 -5.71 15.10
C GLN A 17 4.50 -4.25 14.92
N ARG A 18 5.10 -3.96 13.77
CA ARG A 18 5.58 -2.62 13.48
C ARG A 18 4.41 -1.65 13.30
N TYR A 19 3.40 -2.10 12.57
CA TYR A 19 2.22 -1.28 12.31
C TYR A 19 1.05 -1.70 13.20
N ALA A 20 1.35 -2.46 14.24
CA ALA A 20 0.33 -2.93 15.17
C ALA A 20 -0.25 -1.77 15.98
N ASP A 21 0.53 -0.72 16.15
CA ASP A 21 0.09 0.45 16.90
C ASP A 21 -1.09 1.14 16.20
N LEU A 22 -1.12 1.04 14.88
CA LEU A 22 -2.19 1.65 14.10
C LEU A 22 -3.56 1.20 14.60
N PRO A 23 -4.56 2.05 14.43
CA PRO A 23 -5.94 1.76 14.85
C PRO A 23 -6.59 0.68 14.00
N GLY A 24 -6.51 0.84 12.67
CA GLY A 24 -7.09 -0.13 11.77
C GLY A 24 -6.48 -1.51 11.93
N GLU A 25 -6.74 -2.38 10.97
CA GLU A 25 -6.21 -3.75 11.00
C GLU A 25 -5.33 -4.02 9.77
N LEU A 26 -4.10 -4.44 10.02
CA LEU A 26 -3.16 -4.73 8.95
C LEU A 26 -3.66 -5.90 8.10
N HIS A 27 -3.66 -5.70 6.78
CA HIS A 27 -4.11 -6.73 5.85
C HIS A 27 -3.12 -6.90 4.71
N ILE A 28 -2.43 -8.04 4.70
CA ILE A 28 -1.45 -8.33 3.65
C ILE A 28 -2.03 -9.25 2.59
N ILE A 29 -2.15 -8.74 1.37
CA ILE A 29 -2.68 -9.51 0.27
C ILE A 29 -1.76 -9.48 -0.94
N GLU A 30 -1.60 -10.62 -1.59
CA GLU A 30 -0.74 -10.72 -2.77
C GLU A 30 -1.55 -10.62 -4.05
N LEU A 31 -1.24 -9.61 -4.86
CA LEU A 31 -1.94 -9.39 -6.12
C LEU A 31 -0.97 -9.44 -7.30
N GLU A 32 -1.25 -10.32 -8.26
CA GLU A 32 -0.40 -10.44 -9.45
C GLU A 32 -0.73 -9.37 -10.46
N LYS A 33 0.23 -8.48 -10.70
CA LYS A 33 0.06 -7.39 -11.67
C LYS A 33 -0.70 -7.88 -12.89
N ASP A 34 -1.83 -7.22 -13.19
CA ASP A 34 -2.64 -7.58 -14.34
C ASP A 34 -2.07 -7.00 -15.62
N LYS A 35 -2.67 -7.35 -16.75
CA LYS A 35 -2.22 -6.85 -18.05
C LYS A 35 -1.68 -5.43 -17.93
N ASN A 36 -2.33 -4.62 -17.12
CA ASN A 36 -1.92 -3.23 -16.92
C ASN A 36 -1.15 -3.08 -15.62
N GLY A 37 -1.53 -3.87 -14.62
CA GLY A 37 -0.87 -3.80 -13.32
C GLY A 37 -1.82 -3.43 -12.20
N LEU A 38 -1.28 -3.31 -10.99
CA LEU A 38 -2.10 -2.95 -9.83
C LEU A 38 -2.74 -1.58 -10.02
N GLY A 39 -3.97 -1.56 -10.50
CA GLY A 39 -4.67 -0.31 -10.72
C GLY A 39 -5.35 0.19 -9.45
N LEU A 40 -4.75 1.20 -8.84
CA LEU A 40 -5.29 1.78 -7.61
C LEU A 40 -5.14 3.29 -7.61
N SER A 41 -6.22 4.00 -7.25
CA SER A 41 -6.20 5.45 -7.20
C SER A 41 -5.69 5.96 -5.86
N LEU A 42 -4.50 6.54 -5.86
CA LEU A 42 -3.90 7.07 -4.64
C LEU A 42 -4.17 8.57 -4.50
N ALA A 43 -4.24 9.04 -3.26
CA ALA A 43 -4.48 10.45 -2.99
C ALA A 43 -3.88 10.86 -1.66
N GLY A 44 -2.87 11.73 -1.71
CA GLY A 44 -2.22 12.18 -0.50
C GLY A 44 -3.21 12.50 0.60
N ASN A 45 -2.71 12.60 1.83
CA ASN A 45 -3.56 12.89 2.97
C ASN A 45 -4.18 14.29 2.85
N LYS A 46 -5.40 14.43 3.36
CA LYS A 46 -6.09 15.71 3.31
C LYS A 46 -5.12 16.86 3.54
N ASP A 47 -4.27 16.73 4.54
CA ASP A 47 -3.29 17.76 4.87
C ASP A 47 -1.96 17.46 4.20
N ARG A 48 -1.63 18.23 3.16
CA ARG A 48 -0.38 18.05 2.44
C ARG A 48 0.77 17.81 3.40
N SER A 49 0.91 18.69 4.38
CA SER A 49 1.98 18.57 5.38
C SER A 49 2.24 17.11 5.72
N ARG A 50 1.17 16.33 5.80
CA ARG A 50 1.28 14.92 6.13
C ARG A 50 1.64 14.09 4.89
N MET A 51 2.38 13.01 5.11
CA MET A 51 2.79 12.15 4.02
C MET A 51 2.29 10.72 4.22
N SER A 52 1.26 10.34 3.48
CA SER A 52 0.68 9.01 3.59
C SER A 52 -0.06 8.63 2.31
N ILE A 53 0.01 7.35 1.95
CA ILE A 53 -0.65 6.86 0.75
C ILE A 53 -1.96 6.16 1.09
N PHE A 54 -3.03 6.56 0.39
CA PHE A 54 -4.35 5.96 0.62
C PHE A 54 -4.93 5.43 -0.68
N VAL A 55 -6.00 4.65 -0.56
CA VAL A 55 -6.66 4.07 -1.73
C VAL A 55 -8.07 4.61 -1.89
N VAL A 56 -8.21 5.71 -2.61
CA VAL A 56 -9.51 6.33 -2.84
C VAL A 56 -10.15 5.80 -4.12
N GLY A 57 -9.72 4.61 -4.55
CA GLY A 57 -10.27 4.01 -5.75
C GLY A 57 -9.54 2.74 -6.14
N ILE A 58 -10.25 1.84 -6.80
CA ILE A 58 -9.66 0.57 -7.24
C ILE A 58 -10.05 0.25 -8.68
N ASN A 59 -9.16 0.57 -9.61
CA ASN A 59 -9.40 0.32 -11.02
C ASN A 59 -10.03 -1.06 -11.23
N PRO A 60 -11.24 -1.07 -11.79
CA PRO A 60 -11.98 -2.31 -12.06
C PRO A 60 -11.35 -3.14 -13.18
N GLU A 61 -10.25 -2.63 -13.74
CA GLU A 61 -9.55 -3.32 -14.81
C GLU A 61 -8.29 -4.01 -14.28
N GLY A 62 -7.76 -3.49 -13.18
CA GLY A 62 -6.56 -4.08 -12.60
C GLY A 62 -6.87 -5.30 -11.75
N PRO A 63 -5.83 -5.85 -11.10
CA PRO A 63 -5.97 -7.04 -10.25
C PRO A 63 -6.74 -6.75 -8.97
N ALA A 64 -6.35 -5.68 -8.28
CA ALA A 64 -7.00 -5.29 -7.04
C ALA A 64 -8.51 -5.48 -7.14
N ALA A 65 -9.07 -5.22 -8.31
CA ALA A 65 -10.50 -5.37 -8.54
C ALA A 65 -10.86 -6.82 -8.83
N ALA A 66 -9.97 -7.52 -9.53
CA ALA A 66 -10.19 -8.91 -9.87
C ALA A 66 -10.17 -9.80 -8.64
N ASP A 67 -9.10 -9.69 -7.85
CA ASP A 67 -8.96 -10.48 -6.63
C ASP A 67 -10.10 -10.19 -5.66
N GLY A 68 -10.53 -8.94 -5.62
CA GLY A 68 -11.61 -8.55 -4.73
C GLY A 68 -11.21 -8.65 -3.27
N ARG A 69 -10.06 -8.09 -2.93
CA ARG A 69 -9.57 -8.12 -1.56
C ARG A 69 -9.34 -6.71 -1.04
N MET A 70 -8.73 -5.86 -1.87
CA MET A 70 -8.46 -4.48 -1.49
C MET A 70 -9.73 -3.66 -1.45
N ARG A 71 -9.74 -2.60 -0.65
CA ARG A 71 -10.91 -1.73 -0.53
C ARG A 71 -10.48 -0.27 -0.47
N ILE A 72 -11.47 0.62 -0.48
CA ILE A 72 -11.20 2.06 -0.42
C ILE A 72 -10.94 2.51 1.01
N GLY A 73 -9.76 3.06 1.24
CA GLY A 73 -9.40 3.54 2.56
C GLY A 73 -8.10 2.95 3.07
N ASP A 74 -7.68 1.85 2.46
CA ASP A 74 -6.43 1.19 2.85
C ASP A 74 -5.24 2.12 2.65
N GLU A 75 -4.35 2.13 3.63
CA GLU A 75 -3.17 2.98 3.57
C GLU A 75 -1.91 2.14 3.36
N LEU A 76 -1.44 2.10 2.11
CA LEU A 76 -0.25 1.34 1.78
C LEU A 76 0.91 1.67 2.72
N LEU A 77 1.61 0.64 3.17
CA LEU A 77 2.74 0.84 4.08
C LEU A 77 4.03 0.32 3.45
N GLU A 78 3.94 -0.81 2.75
CA GLU A 78 5.09 -1.39 2.09
C GLU A 78 4.70 -2.12 0.81
N ILE A 79 5.62 -2.18 -0.14
CA ILE A 79 5.36 -2.84 -1.42
C ILE A 79 6.65 -3.39 -2.03
N ASN A 80 6.61 -4.65 -2.45
CA ASN A 80 7.78 -5.29 -3.05
C ASN A 80 9.02 -5.07 -2.19
N ASN A 81 8.86 -5.22 -0.88
CA ASN A 81 9.97 -5.04 0.05
C ASN A 81 10.50 -3.60 0.00
N GLN A 82 9.60 -2.64 0.18
CA GLN A 82 9.98 -1.23 0.16
C GLN A 82 9.01 -0.39 0.98
N ILE A 83 9.52 0.27 2.00
CA ILE A 83 8.70 1.12 2.87
C ILE A 83 8.32 2.42 2.16
N LEU A 84 7.03 2.71 2.13
CA LEU A 84 6.52 3.92 1.50
C LEU A 84 6.20 4.99 2.54
N TYR A 85 6.01 4.57 3.78
CA TYR A 85 5.69 5.48 4.86
C TYR A 85 6.63 6.67 4.86
N GLY A 86 6.20 7.77 4.24
CA GLY A 86 7.02 8.97 4.19
C GLY A 86 7.42 9.32 2.77
N ARG A 87 6.56 8.99 1.81
CA ARG A 87 6.83 9.28 0.41
C ARG A 87 5.54 9.62 -0.34
N SER A 88 5.69 10.17 -1.54
CA SER A 88 4.54 10.54 -2.35
C SER A 88 3.92 9.32 -3.02
N HIS A 89 2.60 9.34 -3.18
CA HIS A 89 1.89 8.24 -3.80
C HIS A 89 2.54 7.83 -5.12
N GLN A 90 2.87 8.83 -5.94
CA GLN A 90 3.52 8.57 -7.22
C GLN A 90 4.64 7.57 -7.08
N ASN A 91 5.43 7.71 -6.01
CA ASN A 91 6.55 6.81 -5.77
C ASN A 91 6.07 5.37 -5.63
N ALA A 92 5.05 5.17 -4.80
CA ALA A 92 4.49 3.84 -4.58
C ALA A 92 4.25 3.12 -5.90
N SER A 93 3.37 3.69 -6.72
CA SER A 93 3.05 3.10 -8.02
C SER A 93 4.31 2.75 -8.79
N ALA A 94 5.30 3.64 -8.73
CA ALA A 94 6.56 3.43 -9.43
C ALA A 94 7.22 2.13 -8.98
N ILE A 95 7.34 1.95 -7.66
CA ILE A 95 7.95 0.76 -7.10
C ILE A 95 7.29 -0.51 -7.64
N ILE A 96 5.96 -0.46 -7.78
CA ILE A 96 5.20 -1.59 -8.27
C ILE A 96 5.56 -1.89 -9.73
N LYS A 97 5.58 -0.85 -10.55
CA LYS A 97 5.92 -1.00 -11.97
C LYS A 97 7.22 -1.77 -12.14
N THR A 98 8.20 -1.45 -11.31
CA THR A 98 9.50 -2.13 -11.38
C THR A 98 9.43 -3.53 -10.78
N ALA A 99 8.47 -3.73 -9.88
CA ALA A 99 8.29 -5.03 -9.24
C ALA A 99 7.77 -6.06 -10.24
N PRO A 100 8.06 -7.35 -9.96
CA PRO A 100 7.64 -8.46 -10.82
C PRO A 100 6.13 -8.69 -10.77
N SER A 101 5.65 -9.61 -11.60
CA SER A 101 4.22 -9.91 -11.66
C SER A 101 3.63 -10.02 -10.24
N LYS A 102 4.21 -10.91 -9.44
CA LYS A 102 3.75 -11.11 -8.07
C LYS A 102 4.32 -10.05 -7.14
N VAL A 103 3.44 -9.23 -6.58
CA VAL A 103 3.85 -8.18 -5.66
C VAL A 103 3.12 -8.27 -4.33
N LYS A 104 3.83 -7.98 -3.24
CA LYS A 104 3.23 -8.04 -1.91
C LYS A 104 2.85 -6.64 -1.43
N LEU A 105 1.57 -6.43 -1.20
CA LEU A 105 1.06 -5.14 -0.74
C LEU A 105 0.66 -5.21 0.72
N VAL A 106 1.31 -4.39 1.56
CA VAL A 106 1.02 -4.35 2.98
C VAL A 106 0.33 -3.04 3.37
N PHE A 107 -0.99 -3.11 3.56
CA PHE A 107 -1.77 -1.94 3.93
C PHE A 107 -2.62 -2.22 5.16
N ILE A 108 -3.25 -1.18 5.70
CA ILE A 108 -4.10 -1.31 6.87
C ILE A 108 -5.56 -1.06 6.53
N ARG A 109 -6.46 -1.62 7.34
CA ARG A 109 -7.89 -1.45 7.12
C ARG A 109 -8.51 -0.61 8.22
N ASN A 110 -8.62 0.69 7.97
CA ASN A 110 -9.20 1.60 8.95
C ASN A 110 -10.37 2.38 8.34
N GLU A 111 -11.57 2.15 8.87
CA GLU A 111 -12.76 2.82 8.37
C GLU A 111 -12.55 4.34 8.32
N ASP A 112 -11.94 4.88 9.37
CA ASP A 112 -11.67 6.31 9.44
C ASP A 112 -10.77 6.76 8.29
N ALA A 113 -9.93 5.85 7.81
CA ALA A 113 -9.03 6.15 6.71
C ALA A 113 -9.79 6.68 5.50
N VAL A 114 -10.92 6.06 5.20
CA VAL A 114 -11.75 6.47 4.07
C VAL A 114 -11.88 7.99 4.02
N ASN A 115 -11.91 8.62 5.19
CA ASN A 115 -12.04 10.07 5.28
C ASN A 115 -10.67 10.74 5.31
N GLN A 116 -9.82 10.27 6.22
CA GLN A 116 -8.47 10.83 6.35
C GLN A 116 -7.81 11.01 4.99
N MET A 117 -8.06 10.05 4.10
CA MET A 117 -7.49 10.10 2.75
C MET A 117 -8.11 11.23 1.94
N ALA A 118 -7.27 12.11 1.42
CA ALA A 118 -7.73 13.24 0.63
C ALA A 118 -8.33 12.77 -0.69
N SER A 119 -9.66 12.65 -0.72
CA SER A 119 -10.36 12.20 -1.93
C SER A 119 -10.16 13.18 -3.08
N GLY A 120 -9.82 12.66 -4.25
CA GLY A 120 -9.61 13.51 -5.40
C GLY A 120 -8.29 13.22 -6.10
N PRO A 121 -8.31 12.29 -7.07
CA PRO A 121 -7.12 11.90 -7.83
C PRO A 121 -6.64 13.01 -8.76
N SER A 122 -7.37 14.13 -8.76
CA SER A 122 -7.02 15.26 -9.61
C SER A 122 -5.65 15.82 -9.23
N SER A 123 -5.57 16.47 -8.07
CA SER A 123 -4.33 17.05 -7.59
C SER A 123 -3.60 16.08 -6.68
N GLY A 124 -4.23 15.74 -5.56
CA GLY A 124 -3.62 14.83 -4.61
C GLY A 124 -3.27 13.49 -5.23
N GLY A 1 30.44 -6.84 22.49
CA GLY A 1 29.60 -7.67 21.64
C GLY A 1 28.82 -6.87 20.62
N SER A 2 27.60 -6.48 20.99
CA SER A 2 26.75 -5.71 20.09
C SER A 2 26.85 -6.22 18.65
N SER A 3 26.86 -7.55 18.52
CA SER A 3 26.96 -8.16 17.20
C SER A 3 25.63 -8.78 16.79
N GLY A 4 25.16 -8.44 15.59
CA GLY A 4 23.91 -8.97 15.09
C GLY A 4 23.19 -8.01 14.16
N SER A 5 23.48 -8.12 12.87
CA SER A 5 22.87 -7.25 11.88
C SER A 5 21.43 -7.68 11.59
N SER A 6 20.47 -6.98 12.18
CA SER A 6 19.06 -7.30 12.00
C SER A 6 18.68 -7.18 10.52
N GLY A 7 18.21 -8.28 9.95
CA GLY A 7 17.81 -8.28 8.55
C GLY A 7 16.38 -8.75 8.36
N ASP A 8 15.89 -9.55 9.30
CA ASP A 8 14.53 -10.07 9.23
C ASP A 8 13.53 -9.06 9.79
N ALA A 9 13.76 -7.78 9.50
CA ALA A 9 12.88 -6.72 9.98
C ALA A 9 11.75 -6.46 8.99
N PHE A 10 11.77 -7.19 7.88
CA PHE A 10 10.75 -7.03 6.85
C PHE A 10 9.84 -8.26 6.79
N THR A 11 9.87 -9.06 7.85
CA THR A 11 9.06 -10.26 7.92
C THR A 11 7.68 -9.96 8.48
N ASP A 12 6.66 -10.62 7.92
CA ASP A 12 5.28 -10.42 8.37
C ASP A 12 5.23 -10.19 9.87
N GLN A 13 5.61 -11.20 10.64
CA GLN A 13 5.61 -11.11 12.10
C GLN A 13 6.07 -9.73 12.55
N LYS A 14 7.11 -9.21 11.91
CA LYS A 14 7.65 -7.90 12.24
C LYS A 14 6.77 -6.79 11.69
N ILE A 15 6.25 -6.99 10.47
CA ILE A 15 5.39 -6.01 9.83
C ILE A 15 4.16 -5.73 10.68
N ARG A 16 3.49 -6.80 11.12
CA ARG A 16 2.29 -6.66 11.93
C ARG A 16 2.61 -6.01 13.27
N GLN A 17 3.75 -6.39 13.84
CA GLN A 17 4.18 -5.83 15.13
C GLN A 17 4.65 -4.40 14.97
N ARG A 18 5.14 -4.06 13.78
CA ARG A 18 5.63 -2.72 13.51
C ARG A 18 4.47 -1.74 13.34
N TYR A 19 3.41 -2.20 12.68
CA TYR A 19 2.24 -1.36 12.44
C TYR A 19 1.07 -1.81 13.32
N ALA A 20 1.37 -2.64 14.32
CA ALA A 20 0.35 -3.14 15.23
C ALA A 20 -0.26 -2.01 16.05
N ASP A 21 0.45 -0.89 16.12
CA ASP A 21 -0.01 0.26 16.89
C ASP A 21 -1.16 0.96 16.16
N LEU A 22 -1.17 0.83 14.84
CA LEU A 22 -2.22 1.45 14.03
C LEU A 22 -3.61 1.02 14.50
N PRO A 23 -4.61 1.89 14.28
CA PRO A 23 -5.99 1.62 14.67
C PRO A 23 -6.63 0.52 13.83
N GLY A 24 -6.51 0.65 12.52
CA GLY A 24 -7.08 -0.34 11.62
C GLY A 24 -6.40 -1.69 11.74
N GLU A 25 -6.80 -2.63 10.88
CA GLU A 25 -6.21 -3.97 10.90
C GLU A 25 -5.37 -4.20 9.64
N LEU A 26 -4.12 -4.61 9.85
CA LEU A 26 -3.21 -4.86 8.74
C LEU A 26 -3.77 -5.95 7.82
N HIS A 27 -3.70 -5.70 6.51
CA HIS A 27 -4.20 -6.65 5.53
C HIS A 27 -3.17 -6.88 4.43
N ILE A 28 -2.38 -7.93 4.56
CA ILE A 28 -1.36 -8.25 3.57
C ILE A 28 -1.90 -9.19 2.50
N ILE A 29 -2.15 -8.65 1.31
CA ILE A 29 -2.67 -9.45 0.20
C ILE A 29 -1.77 -9.35 -1.02
N GLU A 30 -1.53 -10.48 -1.66
CA GLU A 30 -0.68 -10.52 -2.85
C GLU A 30 -1.52 -10.44 -4.12
N LEU A 31 -1.22 -9.47 -4.96
CA LEU A 31 -1.95 -9.28 -6.21
C LEU A 31 -0.99 -9.33 -7.41
N GLU A 32 -1.30 -10.21 -8.37
CA GLU A 32 -0.47 -10.35 -9.56
C GLU A 32 -0.82 -9.29 -10.59
N LYS A 33 0.11 -8.37 -10.83
CA LYS A 33 -0.09 -7.30 -11.79
C LYS A 33 -0.82 -7.81 -13.03
N ASP A 34 -1.86 -7.10 -13.45
CA ASP A 34 -2.63 -7.48 -14.62
C ASP A 34 -2.08 -6.81 -15.88
N LYS A 35 -2.73 -7.07 -17.00
CA LYS A 35 -2.32 -6.49 -18.28
C LYS A 35 -1.78 -5.07 -18.08
N ASN A 36 -2.32 -4.36 -17.10
CA ASN A 36 -1.89 -3.00 -16.81
C ASN A 36 -1.23 -2.92 -15.44
N GLY A 37 -1.54 -3.90 -14.58
CA GLY A 37 -0.96 -3.92 -13.24
C GLY A 37 -1.98 -3.61 -12.17
N LEU A 38 -1.50 -3.33 -10.96
CA LEU A 38 -2.38 -3.02 -9.84
C LEU A 38 -3.02 -1.65 -10.01
N GLY A 39 -4.26 -1.64 -10.49
CA GLY A 39 -4.97 -0.39 -10.70
C GLY A 39 -5.65 0.11 -9.44
N LEU A 40 -5.00 1.04 -8.75
CA LEU A 40 -5.55 1.60 -7.52
C LEU A 40 -5.42 3.13 -7.50
N SER A 41 -6.46 3.80 -7.06
CA SER A 41 -6.46 5.26 -7.00
C SER A 41 -5.81 5.74 -5.71
N LEU A 42 -4.55 6.15 -5.80
CA LEU A 42 -3.81 6.64 -4.64
C LEU A 42 -3.93 8.16 -4.52
N ALA A 43 -4.00 8.64 -3.27
CA ALA A 43 -4.11 10.07 -3.01
C ALA A 43 -3.41 10.44 -1.72
N GLY A 44 -2.46 11.37 -1.81
CA GLY A 44 -1.72 11.81 -0.64
C GLY A 44 -2.65 12.27 0.48
N ASN A 45 -2.15 12.20 1.72
CA ASN A 45 -2.94 12.61 2.87
C ASN A 45 -3.49 14.02 2.69
N LYS A 46 -4.74 14.22 3.09
CA LYS A 46 -5.38 15.53 2.98
C LYS A 46 -4.46 16.63 3.47
N ASP A 47 -3.69 16.32 4.51
CA ASP A 47 -2.77 17.30 5.08
C ASP A 47 -1.37 17.15 4.48
N ARG A 48 -0.95 18.15 3.72
CA ARG A 48 0.36 18.12 3.08
C ARG A 48 1.45 17.75 4.08
N SER A 49 1.61 18.56 5.12
CA SER A 49 2.61 18.33 6.14
C SER A 49 2.74 16.83 6.43
N ARG A 50 1.62 16.12 6.32
CA ARG A 50 1.61 14.67 6.57
C ARG A 50 1.77 13.90 5.26
N MET A 51 2.56 12.83 5.32
CA MET A 51 2.79 11.99 4.15
C MET A 51 2.21 10.59 4.34
N SER A 52 1.45 10.13 3.36
CA SER A 52 0.83 8.81 3.43
C SER A 52 0.10 8.49 2.13
N ILE A 53 0.01 7.20 1.82
CA ILE A 53 -0.66 6.74 0.61
C ILE A 53 -1.89 5.91 0.93
N PHE A 54 -3.04 6.34 0.43
CA PHE A 54 -4.29 5.63 0.66
C PHE A 54 -4.90 5.14 -0.64
N VAL A 55 -6.03 4.46 -0.55
CA VAL A 55 -6.72 3.94 -1.72
C VAL A 55 -8.13 4.53 -1.83
N VAL A 56 -8.26 5.58 -2.63
CA VAL A 56 -9.54 6.23 -2.83
C VAL A 56 -10.26 5.68 -4.06
N GLY A 57 -9.85 4.49 -4.48
CA GLY A 57 -10.46 3.87 -5.64
C GLY A 57 -9.77 2.58 -6.05
N ILE A 58 -10.52 1.67 -6.66
CA ILE A 58 -9.97 0.39 -7.08
C ILE A 58 -10.44 0.04 -8.49
N ASN A 59 -9.60 0.33 -9.48
CA ASN A 59 -9.92 0.04 -10.87
C ASN A 59 -10.54 -1.35 -11.01
N PRO A 60 -11.77 -1.40 -11.56
CA PRO A 60 -12.49 -2.66 -11.76
C PRO A 60 -11.87 -3.52 -12.85
N GLU A 61 -10.97 -2.93 -13.63
CA GLU A 61 -10.30 -3.65 -14.70
C GLU A 61 -8.99 -4.26 -14.21
N GLY A 62 -8.44 -3.69 -13.15
CA GLY A 62 -7.19 -4.18 -12.60
C GLY A 62 -7.39 -5.45 -11.77
N PRO A 63 -6.29 -5.95 -11.21
CA PRO A 63 -6.31 -7.17 -10.38
C PRO A 63 -7.01 -6.94 -9.04
N ALA A 64 -6.62 -5.90 -8.34
CA ALA A 64 -7.21 -5.58 -7.05
C ALA A 64 -8.71 -5.84 -7.06
N ALA A 65 -9.37 -5.42 -8.12
CA ALA A 65 -10.82 -5.61 -8.25
C ALA A 65 -11.16 -7.09 -8.44
N ALA A 66 -10.30 -7.80 -9.17
CA ALA A 66 -10.51 -9.23 -9.42
C ALA A 66 -10.43 -10.03 -8.12
N ASP A 67 -9.34 -9.83 -7.38
CA ASP A 67 -9.15 -10.54 -6.12
C ASP A 67 -10.28 -10.25 -5.14
N GLY A 68 -10.82 -9.03 -5.22
CA GLY A 68 -11.91 -8.65 -4.34
C GLY A 68 -11.50 -8.65 -2.88
N ARG A 69 -10.35 -8.06 -2.58
CA ARG A 69 -9.84 -8.01 -1.22
C ARG A 69 -9.61 -6.57 -0.77
N MET A 70 -8.90 -5.81 -1.60
CA MET A 70 -8.60 -4.41 -1.29
C MET A 70 -9.89 -3.58 -1.28
N ARG A 71 -9.93 -2.57 -0.41
CA ARG A 71 -11.10 -1.72 -0.30
C ARG A 71 -10.69 -0.25 -0.33
N ILE A 72 -11.68 0.64 -0.30
CA ILE A 72 -11.42 2.07 -0.32
C ILE A 72 -11.07 2.60 1.06
N GLY A 73 -9.88 3.17 1.19
CA GLY A 73 -9.44 3.70 2.46
C GLY A 73 -8.14 3.09 2.94
N ASP A 74 -7.80 1.92 2.39
CA ASP A 74 -6.58 1.24 2.76
C ASP A 74 -5.37 2.17 2.65
N GLU A 75 -4.41 2.00 3.55
CA GLU A 75 -3.21 2.83 3.55
C GLU A 75 -1.96 1.99 3.30
N LEU A 76 -1.43 2.08 2.09
CA LEU A 76 -0.23 1.33 1.72
C LEU A 76 0.93 1.65 2.65
N LEU A 77 1.54 0.62 3.21
CA LEU A 77 2.68 0.79 4.11
C LEU A 77 3.97 0.29 3.48
N GLU A 78 3.91 -0.89 2.86
CA GLU A 78 5.07 -1.47 2.21
C GLU A 78 4.68 -2.14 0.89
N ILE A 79 5.64 -2.22 -0.02
CA ILE A 79 5.40 -2.83 -1.32
C ILE A 79 6.69 -3.36 -1.93
N ASN A 80 6.64 -4.61 -2.41
CA ASN A 80 7.82 -5.24 -3.00
C ASN A 80 9.04 -5.07 -2.12
N ASN A 81 8.81 -5.09 -0.80
CA ASN A 81 9.91 -4.94 0.16
C ASN A 81 10.43 -3.52 0.16
N GLN A 82 9.54 -2.55 0.35
CA GLN A 82 9.91 -1.15 0.38
C GLN A 82 8.91 -0.32 1.18
N ILE A 83 9.41 0.39 2.18
CA ILE A 83 8.56 1.22 3.03
C ILE A 83 8.18 2.52 2.33
N LEU A 84 6.88 2.81 2.27
CA LEU A 84 6.39 4.02 1.63
C LEU A 84 6.08 5.09 2.66
N TYR A 85 5.70 4.67 3.86
CA TYR A 85 5.38 5.59 4.93
C TYR A 85 6.31 6.81 4.91
N GLY A 86 5.76 7.96 4.54
CA GLY A 86 6.54 9.17 4.48
C GLY A 86 6.95 9.53 3.07
N ARG A 87 6.15 9.09 2.09
CA ARG A 87 6.42 9.37 0.69
C ARG A 87 5.13 9.67 -0.07
N SER A 88 5.27 10.15 -1.30
CA SER A 88 4.12 10.48 -2.12
C SER A 88 3.67 9.27 -2.94
N HIS A 89 2.39 9.23 -3.27
CA HIS A 89 1.84 8.12 -4.05
C HIS A 89 2.62 7.93 -5.35
N GLN A 90 3.02 9.03 -5.97
CA GLN A 90 3.78 8.98 -7.21
C GLN A 90 4.97 8.03 -7.09
N ASN A 91 5.46 7.88 -5.86
CA ASN A 91 6.60 7.00 -5.60
C ASN A 91 6.17 5.53 -5.60
N ALA A 92 5.02 5.26 -5.00
CA ALA A 92 4.49 3.90 -4.93
C ALA A 92 4.39 3.28 -6.32
N SER A 93 3.51 3.84 -7.15
CA SER A 93 3.30 3.33 -8.50
C SER A 93 4.64 2.96 -9.14
N ALA A 94 5.64 3.82 -8.94
CA ALA A 94 6.96 3.58 -9.51
C ALA A 94 7.52 2.24 -9.04
N ILE A 95 7.50 2.01 -7.73
CA ILE A 95 8.00 0.77 -7.16
C ILE A 95 7.32 -0.44 -7.79
N ILE A 96 6.01 -0.38 -7.88
CA ILE A 96 5.23 -1.48 -8.47
C ILE A 96 5.64 -1.72 -9.92
N LYS A 97 5.79 -0.63 -10.67
CA LYS A 97 6.19 -0.73 -12.08
C LYS A 97 7.45 -1.57 -12.23
N THR A 98 8.42 -1.34 -11.36
CA THR A 98 9.67 -2.07 -11.40
C THR A 98 9.51 -3.47 -10.83
N ALA A 99 8.52 -3.64 -9.96
CA ALA A 99 8.25 -4.93 -9.34
C ALA A 99 7.71 -5.93 -10.36
N PRO A 100 8.01 -7.22 -10.15
CA PRO A 100 7.56 -8.29 -11.03
C PRO A 100 6.06 -8.53 -10.94
N SER A 101 5.55 -9.36 -11.84
CA SER A 101 4.12 -9.66 -11.87
C SER A 101 3.57 -9.79 -10.46
N LYS A 102 4.18 -10.66 -9.66
CA LYS A 102 3.75 -10.87 -8.29
C LYS A 102 4.33 -9.82 -7.36
N VAL A 103 3.46 -9.02 -6.75
CA VAL A 103 3.90 -7.96 -5.84
C VAL A 103 3.17 -8.06 -4.50
N LYS A 104 3.90 -7.83 -3.42
CA LYS A 104 3.33 -7.88 -2.08
C LYS A 104 2.89 -6.49 -1.61
N LEU A 105 1.63 -6.37 -1.22
CA LEU A 105 1.10 -5.10 -0.75
C LEU A 105 0.71 -5.19 0.73
N VAL A 106 1.37 -4.38 1.55
CA VAL A 106 1.09 -4.37 2.98
C VAL A 106 0.43 -3.06 3.39
N PHE A 107 -0.89 -3.09 3.54
CA PHE A 107 -1.64 -1.91 3.94
C PHE A 107 -2.48 -2.18 5.18
N ILE A 108 -3.27 -1.19 5.60
CA ILE A 108 -4.13 -1.33 6.77
C ILE A 108 -5.59 -1.08 6.41
N ARG A 109 -6.48 -1.80 7.09
CA ARG A 109 -7.91 -1.64 6.84
C ARG A 109 -8.55 -0.78 7.92
N ASN A 110 -8.63 0.52 7.66
CA ASN A 110 -9.23 1.46 8.60
C ASN A 110 -10.32 2.29 7.93
N GLU A 111 -11.50 2.29 8.54
CA GLU A 111 -12.63 3.04 8.01
C GLU A 111 -12.40 4.54 8.13
N ASP A 112 -11.71 4.94 9.19
CA ASP A 112 -11.41 6.35 9.43
C ASP A 112 -10.46 6.89 8.37
N ALA A 113 -9.63 6.02 7.82
CA ALA A 113 -8.67 6.40 6.80
C ALA A 113 -9.37 7.09 5.63
N VAL A 114 -10.51 6.53 5.21
CA VAL A 114 -11.28 7.10 4.10
C VAL A 114 -11.54 8.58 4.32
N ASN A 115 -11.48 9.02 5.58
CA ASN A 115 -11.71 10.42 5.91
C ASN A 115 -10.40 11.19 5.94
N GLN A 116 -9.29 10.47 6.07
CA GLN A 116 -7.97 11.09 6.11
C GLN A 116 -7.40 11.25 4.70
N MET A 117 -7.63 10.26 3.86
CA MET A 117 -7.14 10.29 2.48
C MET A 117 -7.82 11.41 1.70
N ALA A 118 -7.04 12.12 0.89
CA ALA A 118 -7.57 13.21 0.08
C ALA A 118 -8.16 12.68 -1.22
N SER A 119 -9.45 12.35 -1.18
CA SER A 119 -10.14 11.83 -2.35
C SER A 119 -9.80 12.65 -3.60
N GLY A 120 -9.74 11.98 -4.74
CA GLY A 120 -9.42 12.66 -5.99
C GLY A 120 -7.93 12.66 -6.28
N PRO A 121 -7.45 11.57 -6.90
CA PRO A 121 -6.04 11.43 -7.25
C PRO A 121 -5.61 12.37 -8.38
N SER A 122 -6.50 12.56 -9.35
CA SER A 122 -6.22 13.44 -10.48
C SER A 122 -6.62 14.87 -10.16
N SER A 123 -5.61 15.75 -10.08
CA SER A 123 -5.86 17.15 -9.79
C SER A 123 -4.76 18.03 -10.36
N GLY A 124 -5.07 19.30 -10.58
CA GLY A 124 -4.08 20.23 -11.13
C GLY A 124 -4.10 21.57 -10.42
N GLY A 1 35.16 -10.31 9.35
CA GLY A 1 34.17 -10.47 10.40
C GLY A 1 32.87 -9.75 10.09
N SER A 2 32.41 -8.92 11.02
CA SER A 2 31.17 -8.17 10.84
C SER A 2 30.03 -9.11 10.46
N SER A 3 29.94 -10.24 11.16
CA SER A 3 28.90 -11.22 10.90
C SER A 3 27.69 -10.99 11.81
N GLY A 4 26.51 -11.40 11.34
CA GLY A 4 25.30 -11.23 12.13
C GLY A 4 24.05 -11.50 11.32
N SER A 5 22.90 -11.10 11.87
CA SER A 5 21.63 -11.30 11.19
C SER A 5 21.55 -10.48 9.91
N SER A 6 20.94 -11.06 8.88
CA SER A 6 20.81 -10.38 7.60
C SER A 6 19.85 -9.19 7.70
N GLY A 7 18.65 -9.46 8.20
CA GLY A 7 17.67 -8.40 8.35
C GLY A 7 16.24 -8.92 8.22
N ASP A 8 15.78 -9.63 9.24
CA ASP A 8 14.42 -10.18 9.23
C ASP A 8 13.42 -9.15 9.76
N ALA A 9 13.56 -7.91 9.33
CA ALA A 9 12.66 -6.84 9.77
C ALA A 9 11.49 -6.69 8.81
N PHE A 10 11.57 -7.35 7.67
CA PHE A 10 10.52 -7.28 6.66
C PHE A 10 9.60 -8.49 6.76
N THR A 11 9.75 -9.26 7.84
CA THR A 11 8.93 -10.44 8.05
C THR A 11 7.54 -10.07 8.54
N ASP A 12 6.52 -10.71 7.97
CA ASP A 12 5.13 -10.44 8.35
C ASP A 12 5.03 -10.18 9.85
N GLN A 13 5.80 -10.92 10.63
CA GLN A 13 5.80 -10.76 12.08
C GLN A 13 6.23 -9.36 12.49
N LYS A 14 7.35 -8.91 11.91
CA LYS A 14 7.88 -7.59 12.21
C LYS A 14 7.02 -6.50 11.57
N ILE A 15 6.30 -6.86 10.51
CA ILE A 15 5.45 -5.93 9.80
C ILE A 15 4.18 -5.64 10.61
N ARG A 16 3.55 -6.70 11.10
CA ARG A 16 2.32 -6.57 11.88
C ARG A 16 2.61 -5.87 13.20
N GLN A 17 3.75 -6.18 13.81
CA GLN A 17 4.13 -5.57 15.08
C GLN A 17 4.56 -4.11 14.89
N ARG A 18 5.16 -3.83 13.74
CA ARG A 18 5.61 -2.48 13.44
C ARG A 18 4.43 -1.55 13.20
N TYR A 19 3.41 -2.06 12.52
CA TYR A 19 2.22 -1.27 12.21
C TYR A 19 1.05 -1.70 13.10
N ALA A 20 1.35 -2.47 14.15
CA ALA A 20 0.33 -2.93 15.07
C ALA A 20 -0.27 -1.78 15.86
N ASP A 21 0.52 -0.73 16.06
CA ASP A 21 0.06 0.44 16.79
C ASP A 21 -1.09 1.13 16.06
N LEU A 22 -1.09 1.02 14.74
CA LEU A 22 -2.14 1.62 13.93
C LEU A 22 -3.53 1.23 14.43
N PRO A 23 -4.52 2.10 14.19
CA PRO A 23 -5.90 1.86 14.61
C PRO A 23 -6.57 0.75 13.81
N GLY A 24 -6.46 0.84 12.49
CA GLY A 24 -7.05 -0.16 11.62
C GLY A 24 -6.38 -1.52 11.76
N GLU A 25 -6.73 -2.45 10.88
CA GLU A 25 -6.15 -3.79 10.91
C GLU A 25 -5.30 -4.04 9.68
N LEU A 26 -4.12 -4.61 9.90
CA LEU A 26 -3.19 -4.91 8.81
C LEU A 26 -3.74 -6.01 7.91
N HIS A 27 -3.71 -5.78 6.60
CA HIS A 27 -4.21 -6.76 5.64
C HIS A 27 -3.18 -6.98 4.52
N ILE A 28 -2.35 -8.00 4.68
CA ILE A 28 -1.34 -8.32 3.68
C ILE A 28 -1.88 -9.26 2.62
N ILE A 29 -2.10 -8.73 1.41
CA ILE A 29 -2.62 -9.53 0.32
C ILE A 29 -1.72 -9.43 -0.91
N GLU A 30 -1.46 -10.58 -1.54
CA GLU A 30 -0.61 -10.62 -2.73
C GLU A 30 -1.45 -10.60 -4.00
N LEU A 31 -1.32 -9.53 -4.77
CA LEU A 31 -2.07 -9.39 -6.02
C LEU A 31 -1.14 -9.49 -7.22
N GLU A 32 -1.42 -10.45 -8.09
CA GLU A 32 -0.61 -10.66 -9.29
C GLU A 32 -0.89 -9.57 -10.33
N LYS A 33 0.15 -8.83 -10.68
CA LYS A 33 0.02 -7.76 -11.67
C LYS A 33 -0.55 -8.29 -12.98
N ASP A 34 -1.69 -7.74 -13.38
CA ASP A 34 -2.35 -8.15 -14.62
C ASP A 34 -1.67 -7.50 -15.83
N LYS A 35 -2.14 -7.87 -17.02
CA LYS A 35 -1.58 -7.33 -18.26
C LYS A 35 -1.21 -5.86 -18.09
N ASN A 36 -1.96 -5.16 -17.26
CA ASN A 36 -1.71 -3.74 -17.00
C ASN A 36 -0.94 -3.55 -15.70
N GLY A 37 -1.31 -4.31 -14.69
CA GLY A 37 -0.65 -4.21 -13.40
C GLY A 37 -1.60 -4.37 -12.23
N LEU A 38 -1.56 -3.42 -11.30
CA LEU A 38 -2.43 -3.46 -10.13
C LEU A 38 -3.61 -2.51 -10.30
N GLY A 39 -3.31 -1.27 -10.70
CA GLY A 39 -4.36 -0.28 -10.89
C GLY A 39 -5.04 0.10 -9.59
N LEU A 40 -4.53 1.13 -8.93
CA LEU A 40 -5.09 1.60 -7.67
C LEU A 40 -5.00 3.12 -7.56
N SER A 41 -6.08 3.73 -7.09
CA SER A 41 -6.13 5.18 -6.94
C SER A 41 -5.51 5.60 -5.61
N LEU A 42 -4.58 6.55 -5.68
CA LEU A 42 -3.91 7.04 -4.49
C LEU A 42 -4.14 8.54 -4.31
N ALA A 43 -4.19 8.99 -3.07
CA ALA A 43 -4.40 10.40 -2.76
C ALA A 43 -3.71 10.80 -1.47
N GLY A 44 -2.76 11.72 -1.56
CA GLY A 44 -2.03 12.16 -0.39
C GLY A 44 -2.95 12.60 0.73
N ASN A 45 -2.50 12.44 1.97
CA ASN A 45 -3.30 12.83 3.12
C ASN A 45 -3.91 14.21 2.94
N LYS A 46 -5.12 14.40 3.46
CA LYS A 46 -5.82 15.67 3.35
C LYS A 46 -4.83 16.83 3.41
N ASP A 47 -3.91 16.77 4.37
CA ASP A 47 -2.92 17.81 4.54
C ASP A 47 -1.59 17.41 3.90
N ARG A 48 -1.08 18.25 3.00
CA ARG A 48 0.17 17.98 2.32
C ARG A 48 1.27 17.62 3.31
N SER A 49 1.42 18.46 4.34
CA SER A 49 2.44 18.25 5.36
C SER A 49 2.53 16.76 5.73
N ARG A 50 1.38 16.08 5.71
CA ARG A 50 1.34 14.66 6.04
C ARG A 50 1.64 13.82 4.81
N MET A 51 2.38 12.73 5.02
CA MET A 51 2.75 11.83 3.92
C MET A 51 2.16 10.45 4.15
N SER A 52 1.06 10.15 3.46
CA SER A 52 0.39 8.86 3.58
C SER A 52 -0.28 8.47 2.26
N ILE A 53 -0.12 7.21 1.88
CA ILE A 53 -0.71 6.70 0.65
C ILE A 53 -1.99 5.93 0.93
N PHE A 54 -3.13 6.54 0.59
CA PHE A 54 -4.42 5.91 0.81
C PHE A 54 -5.01 5.40 -0.51
N VAL A 55 -6.06 4.60 -0.41
CA VAL A 55 -6.72 4.05 -1.59
C VAL A 55 -8.13 4.62 -1.76
N VAL A 56 -8.25 5.63 -2.61
CA VAL A 56 -9.53 6.27 -2.87
C VAL A 56 -10.21 5.67 -4.10
N GLY A 57 -9.62 4.61 -4.63
CA GLY A 57 -10.18 3.96 -5.80
C GLY A 57 -9.47 2.66 -6.14
N ILE A 58 -10.19 1.74 -6.78
CA ILE A 58 -9.62 0.45 -7.16
C ILE A 58 -9.99 0.09 -8.59
N ASN A 59 -9.02 0.21 -9.50
CA ASN A 59 -9.25 -0.11 -10.90
C ASN A 59 -10.02 -1.41 -11.04
N PRO A 60 -11.26 -1.32 -11.55
CA PRO A 60 -12.13 -2.47 -11.75
C PRO A 60 -11.64 -3.38 -12.88
N GLU A 61 -10.58 -2.95 -13.55
CA GLU A 61 -10.01 -3.72 -14.65
C GLU A 61 -8.75 -4.45 -14.22
N GLY A 62 -8.15 -3.98 -13.12
CA GLY A 62 -6.94 -4.60 -12.62
C GLY A 62 -7.22 -5.72 -11.64
N PRO A 63 -6.15 -6.27 -11.04
CA PRO A 63 -6.27 -7.37 -10.08
C PRO A 63 -6.91 -6.93 -8.76
N ALA A 64 -6.43 -5.82 -8.22
CA ALA A 64 -6.96 -5.28 -6.98
C ALA A 64 -8.48 -5.45 -6.92
N ALA A 65 -9.14 -5.23 -8.04
CA ALA A 65 -10.59 -5.35 -8.12
C ALA A 65 -11.02 -6.82 -8.24
N ALA A 66 -10.32 -7.56 -9.11
CA ALA A 66 -10.63 -8.96 -9.32
C ALA A 66 -10.57 -9.73 -8.01
N ASP A 67 -9.42 -9.68 -7.34
CA ASP A 67 -9.23 -10.37 -6.08
C ASP A 67 -10.40 -10.10 -5.13
N GLY A 68 -10.92 -8.88 -5.19
CA GLY A 68 -12.03 -8.51 -4.32
C GLY A 68 -11.65 -8.49 -2.86
N ARG A 69 -10.44 -7.99 -2.58
CA ARG A 69 -9.95 -7.91 -1.21
C ARG A 69 -9.68 -6.46 -0.81
N MET A 70 -8.91 -5.76 -1.64
CA MET A 70 -8.58 -4.37 -1.37
C MET A 70 -9.82 -3.49 -1.45
N ARG A 71 -9.96 -2.58 -0.49
CA ARG A 71 -11.11 -1.68 -0.45
C ARG A 71 -10.65 -0.23 -0.42
N ILE A 72 -11.61 0.69 -0.44
CA ILE A 72 -11.31 2.11 -0.41
C ILE A 72 -11.08 2.60 1.01
N GLY A 73 -9.88 3.13 1.26
CA GLY A 73 -9.56 3.63 2.59
C GLY A 73 -8.26 3.06 3.12
N ASP A 74 -7.79 1.98 2.50
CA ASP A 74 -6.55 1.34 2.90
C ASP A 74 -5.38 2.32 2.82
N GLU A 75 -4.30 2.00 3.53
CA GLU A 75 -3.12 2.85 3.54
C GLU A 75 -1.85 2.03 3.29
N LEU A 76 -1.39 2.03 2.04
CA LEU A 76 -0.20 1.29 1.66
C LEU A 76 0.97 1.62 2.60
N LEU A 77 1.69 0.59 3.04
CA LEU A 77 2.82 0.78 3.93
C LEU A 77 4.11 0.26 3.29
N GLU A 78 4.01 -0.93 2.68
CA GLU A 78 5.17 -1.54 2.03
C GLU A 78 4.76 -2.25 0.75
N ILE A 79 5.66 -2.28 -0.22
CA ILE A 79 5.39 -2.94 -1.50
C ILE A 79 6.66 -3.54 -2.09
N ASN A 80 6.55 -4.76 -2.58
CA ASN A 80 7.69 -5.45 -3.18
C ASN A 80 8.94 -5.30 -2.30
N ASN A 81 8.73 -5.28 -1.00
CA ASN A 81 9.84 -5.13 -0.05
C ASN A 81 10.39 -3.71 -0.08
N GLN A 82 9.50 -2.74 -0.14
CA GLN A 82 9.89 -1.33 -0.18
C GLN A 82 8.93 -0.47 0.63
N ILE A 83 9.39 0.01 1.78
CA ILE A 83 8.56 0.85 2.64
C ILE A 83 8.24 2.17 1.98
N LEU A 84 6.95 2.52 1.96
CA LEU A 84 6.51 3.77 1.35
C LEU A 84 6.28 4.84 2.40
N TYR A 85 6.08 4.40 3.64
CA TYR A 85 5.85 5.33 4.76
C TYR A 85 6.86 6.47 4.72
N GLY A 86 6.44 7.62 4.19
CA GLY A 86 7.31 8.77 4.11
C GLY A 86 7.67 9.13 2.69
N ARG A 87 6.77 8.82 1.76
CA ARG A 87 6.99 9.12 0.35
C ARG A 87 5.69 9.51 -0.35
N SER A 88 5.81 10.12 -1.52
CA SER A 88 4.64 10.55 -2.28
C SER A 88 4.01 9.37 -3.01
N HIS A 89 2.69 9.42 -3.16
CA HIS A 89 1.96 8.36 -3.84
C HIS A 89 2.59 8.04 -5.20
N GLN A 90 2.96 9.09 -5.93
CA GLN A 90 3.58 8.92 -7.24
C GLN A 90 4.72 7.92 -7.19
N ASN A 91 5.52 8.00 -6.13
CA ASN A 91 6.65 7.09 -5.96
C ASN A 91 6.18 5.65 -5.88
N ALA A 92 5.24 5.39 -4.99
CA ALA A 92 4.70 4.05 -4.81
C ALA A 92 4.50 3.35 -6.16
N SER A 93 3.61 3.91 -6.98
CA SER A 93 3.33 3.34 -8.29
C SER A 93 4.62 2.94 -9.00
N ALA A 94 5.65 3.78 -8.86
CA ALA A 94 6.93 3.51 -9.48
C ALA A 94 7.49 2.16 -9.05
N ILE A 95 7.62 1.98 -7.73
CA ILE A 95 8.14 0.74 -7.18
C ILE A 95 7.41 -0.47 -7.77
N ILE A 96 6.10 -0.37 -7.88
CA ILE A 96 5.30 -1.46 -8.44
C ILE A 96 5.67 -1.73 -9.89
N LYS A 97 5.78 -0.68 -10.69
CA LYS A 97 6.14 -0.81 -12.09
C LYS A 97 7.39 -1.66 -12.25
N THR A 98 8.38 -1.43 -11.39
CA THR A 98 9.64 -2.16 -11.44
C THR A 98 9.47 -3.56 -10.84
N ALA A 99 8.54 -3.68 -9.90
CA ALA A 99 8.28 -4.96 -9.25
C ALA A 99 7.79 -6.00 -10.25
N PRO A 100 8.11 -7.28 -9.98
CA PRO A 100 7.72 -8.40 -10.85
C PRO A 100 6.22 -8.66 -10.80
N SER A 101 5.74 -9.50 -11.71
CA SER A 101 4.32 -9.84 -11.78
C SER A 101 3.71 -9.91 -10.38
N LYS A 102 4.19 -10.83 -9.57
CA LYS A 102 3.70 -11.00 -8.21
C LYS A 102 4.28 -9.93 -7.29
N VAL A 103 3.40 -9.18 -6.64
CA VAL A 103 3.82 -8.12 -5.73
C VAL A 103 3.10 -8.22 -4.40
N LYS A 104 3.81 -7.92 -3.31
CA LYS A 104 3.23 -7.98 -1.97
C LYS A 104 2.85 -6.59 -1.49
N LEU A 105 1.57 -6.39 -1.19
CA LEU A 105 1.08 -5.10 -0.71
C LEU A 105 0.70 -5.18 0.76
N VAL A 106 1.33 -4.34 1.58
CA VAL A 106 1.05 -4.31 3.02
C VAL A 106 0.39 -2.99 3.42
N PHE A 107 -0.92 -3.04 3.63
CA PHE A 107 -1.66 -1.85 4.02
C PHE A 107 -2.58 -2.14 5.21
N ILE A 108 -3.23 -1.10 5.71
CA ILE A 108 -4.13 -1.25 6.85
C ILE A 108 -5.55 -0.84 6.48
N ARG A 109 -6.53 -1.57 7.01
CA ARG A 109 -7.93 -1.28 6.73
C ARG A 109 -8.56 -0.52 7.89
N ASN A 110 -8.86 0.75 7.67
CA ASN A 110 -9.48 1.58 8.68
C ASN A 110 -10.61 2.43 8.10
N GLU A 111 -11.84 2.06 8.43
CA GLU A 111 -13.01 2.77 7.93
C GLU A 111 -12.80 4.28 8.04
N ASP A 112 -12.24 4.72 9.16
CA ASP A 112 -11.98 6.15 9.38
C ASP A 112 -11.02 6.69 8.34
N ALA A 113 -10.08 5.85 7.91
CA ALA A 113 -9.10 6.25 6.90
C ALA A 113 -9.78 6.91 5.70
N VAL A 114 -10.88 6.31 5.24
CA VAL A 114 -11.62 6.83 4.10
C VAL A 114 -11.83 8.34 4.22
N ASN A 115 -11.89 8.82 5.47
CA ASN A 115 -12.10 10.24 5.72
C ASN A 115 -10.77 10.99 5.74
N GLN A 116 -9.80 10.44 6.45
CA GLN A 116 -8.49 11.05 6.55
C GLN A 116 -7.88 11.25 5.16
N MET A 117 -8.13 10.30 4.27
CA MET A 117 -7.61 10.38 2.91
C MET A 117 -8.33 11.47 2.11
N ALA A 118 -7.57 12.41 1.57
CA ALA A 118 -8.13 13.49 0.78
C ALA A 118 -9.34 13.02 -0.01
N SER A 119 -9.27 11.79 -0.52
CA SER A 119 -10.37 11.22 -1.29
C SER A 119 -10.74 12.15 -2.45
N GLY A 120 -9.72 12.70 -3.11
CA GLY A 120 -9.97 13.59 -4.23
C GLY A 120 -8.69 14.02 -4.92
N PRO A 121 -8.22 13.20 -5.86
CA PRO A 121 -6.99 13.48 -6.61
C PRO A 121 -7.15 14.65 -7.58
N SER A 122 -8.33 15.26 -7.56
CA SER A 122 -8.63 16.39 -8.44
C SER A 122 -7.79 17.60 -8.05
N SER A 123 -7.56 18.49 -9.02
CA SER A 123 -6.77 19.69 -8.77
C SER A 123 -5.64 19.42 -7.78
N GLY A 124 -5.04 18.23 -7.89
CA GLY A 124 -3.96 17.87 -7.00
C GLY A 124 -4.28 16.64 -6.17
N GLY A 1 24.62 -18.78 3.94
CA GLY A 1 25.20 -18.60 5.26
C GLY A 1 25.81 -17.22 5.44
N SER A 2 27.10 -17.19 5.76
CA SER A 2 27.80 -15.92 5.96
C SER A 2 27.82 -15.10 4.67
N SER A 3 27.65 -15.78 3.53
CA SER A 3 27.65 -15.11 2.25
C SER A 3 26.28 -15.23 1.57
N GLY A 4 25.41 -14.26 1.85
CA GLY A 4 24.08 -14.26 1.27
C GLY A 4 23.32 -12.97 1.52
N SER A 5 22.03 -13.08 1.76
CA SER A 5 21.20 -11.90 2.00
C SER A 5 20.53 -11.99 3.38
N SER A 6 21.06 -11.24 4.32
CA SER A 6 20.52 -11.22 5.69
C SER A 6 19.69 -9.97 5.93
N GLY A 7 18.54 -10.15 6.57
CA GLY A 7 17.66 -9.03 6.85
C GLY A 7 16.20 -9.43 6.85
N ASP A 8 15.78 -10.17 7.86
CA ASP A 8 14.39 -10.61 7.96
C ASP A 8 13.58 -9.65 8.83
N ALA A 9 14.03 -8.40 8.90
CA ALA A 9 13.34 -7.38 9.69
C ALA A 9 12.07 -6.92 8.99
N PHE A 10 11.79 -7.51 7.83
CA PHE A 10 10.59 -7.15 7.07
C PHE A 10 9.64 -8.34 6.97
N THR A 11 9.70 -9.22 7.96
CA THR A 11 8.85 -10.40 7.99
C THR A 11 7.45 -10.06 8.50
N ASP A 12 6.44 -10.72 7.94
CA ASP A 12 5.06 -10.49 8.34
C ASP A 12 4.97 -10.29 9.85
N GLN A 13 5.71 -11.09 10.60
CA GLN A 13 5.70 -10.99 12.05
C GLN A 13 6.18 -9.63 12.52
N LYS A 14 7.22 -9.12 11.87
CA LYS A 14 7.78 -7.82 12.21
C LYS A 14 6.93 -6.69 11.62
N ILE A 15 6.25 -6.99 10.52
CA ILE A 15 5.40 -6.00 9.87
C ILE A 15 4.14 -5.73 10.68
N ARG A 16 3.51 -6.80 11.16
CA ARG A 16 2.29 -6.68 11.95
C ARG A 16 2.58 -6.01 13.29
N GLN A 17 3.72 -6.36 13.88
CA GLN A 17 4.11 -5.79 15.17
C GLN A 17 4.58 -4.35 15.01
N ARG A 18 5.16 -4.05 13.85
CA ARG A 18 5.65 -2.70 13.58
C ARG A 18 4.49 -1.72 13.39
N TYR A 19 3.45 -2.16 12.71
CA TYR A 19 2.28 -1.34 12.46
C TYR A 19 1.13 -1.74 13.39
N ALA A 20 1.43 -2.57 14.37
CA ALA A 20 0.42 -3.02 15.32
C ALA A 20 -0.15 -1.86 16.12
N ASP A 21 0.61 -0.77 16.20
CA ASP A 21 0.18 0.42 16.93
C ASP A 21 -0.97 1.11 16.21
N LEU A 22 -0.98 1.02 14.89
CA LEU A 22 -2.03 1.64 14.09
C LEU A 22 -3.42 1.22 14.59
N PRO A 23 -4.41 2.10 14.38
CA PRO A 23 -5.79 1.83 14.79
C PRO A 23 -6.45 0.74 13.95
N GLY A 24 -6.36 0.87 12.63
CA GLY A 24 -6.95 -0.11 11.75
C GLY A 24 -6.31 -1.47 11.89
N GLU A 25 -6.68 -2.39 10.99
CA GLU A 25 -6.13 -3.74 11.02
C GLU A 25 -5.23 -3.99 9.81
N LEU A 26 -4.06 -4.58 10.06
CA LEU A 26 -3.11 -4.87 9.00
C LEU A 26 -3.61 -6.01 8.13
N HIS A 27 -3.52 -5.84 6.81
CA HIS A 27 -3.96 -6.85 5.87
C HIS A 27 -2.98 -6.99 4.71
N ILE A 28 -2.24 -8.09 4.69
CA ILE A 28 -1.26 -8.34 3.65
C ILE A 28 -1.82 -9.29 2.58
N ILE A 29 -1.99 -8.78 1.37
CA ILE A 29 -2.51 -9.58 0.27
C ILE A 29 -1.60 -9.50 -0.95
N GLU A 30 -1.37 -10.63 -1.60
CA GLU A 30 -0.52 -10.70 -2.78
C GLU A 30 -1.36 -10.67 -4.05
N LEU A 31 -1.31 -9.54 -4.76
CA LEU A 31 -2.06 -9.40 -6.00
C LEU A 31 -1.15 -9.51 -7.22
N GLU A 32 -1.49 -10.40 -8.14
CA GLU A 32 -0.70 -10.60 -9.35
C GLU A 32 -1.01 -9.53 -10.38
N LYS A 33 -0.03 -8.65 -10.62
CA LYS A 33 -0.20 -7.57 -11.58
C LYS A 33 -0.80 -8.09 -12.89
N ASP A 34 -1.96 -7.55 -13.26
CA ASP A 34 -2.63 -7.95 -14.48
C ASP A 34 -2.01 -7.29 -15.70
N LYS A 35 -2.55 -7.59 -16.87
CA LYS A 35 -2.03 -7.03 -18.12
C LYS A 35 -1.77 -5.53 -17.97
N ASN A 36 -2.43 -4.91 -17.00
CA ASN A 36 -2.26 -3.48 -16.74
C ASN A 36 -1.50 -3.24 -15.45
N GLY A 37 -1.79 -4.05 -14.44
CA GLY A 37 -1.13 -3.91 -13.15
C GLY A 37 -2.09 -3.63 -12.02
N LEU A 38 -1.55 -3.34 -10.84
CA LEU A 38 -2.37 -3.04 -9.67
C LEU A 38 -3.14 -1.75 -9.86
N GLY A 39 -4.19 -1.80 -10.68
CA GLY A 39 -4.99 -0.62 -10.93
C GLY A 39 -5.63 -0.07 -9.67
N LEU A 40 -4.96 0.88 -9.04
CA LEU A 40 -5.48 1.48 -7.81
C LEU A 40 -5.27 3.00 -7.82
N SER A 41 -6.27 3.72 -7.34
CA SER A 41 -6.21 5.19 -7.30
C SER A 41 -5.67 5.66 -5.95
N LEU A 42 -4.46 6.22 -5.98
CA LEU A 42 -3.82 6.72 -4.76
C LEU A 42 -4.06 8.21 -4.60
N ALA A 43 -4.10 8.68 -3.35
CA ALA A 43 -4.31 10.08 -3.06
C ALA A 43 -3.66 10.48 -1.73
N GLY A 44 -2.87 11.55 -1.78
CA GLY A 44 -2.19 12.01 -0.57
C GLY A 44 -3.15 12.51 0.48
N ASN A 45 -2.91 12.14 1.74
CA ASN A 45 -3.77 12.56 2.83
C ASN A 45 -4.29 13.98 2.61
N LYS A 46 -5.55 14.21 2.97
CA LYS A 46 -6.17 15.52 2.82
C LYS A 46 -5.14 16.63 3.04
N ASP A 47 -4.37 16.51 4.12
CA ASP A 47 -3.35 17.50 4.45
C ASP A 47 -2.02 17.15 3.78
N ARG A 48 -1.64 17.94 2.78
CA ARG A 48 -0.39 17.72 2.07
C ARG A 48 0.77 17.50 3.04
N SER A 49 0.86 18.36 4.04
CA SER A 49 1.92 18.26 5.04
C SER A 49 2.08 16.82 5.53
N ARG A 50 0.98 16.08 5.50
CA ARG A 50 0.98 14.68 5.94
C ARG A 50 1.32 13.75 4.78
N MET A 51 2.60 13.41 4.67
CA MET A 51 3.05 12.51 3.60
C MET A 51 2.57 11.09 3.84
N SER A 52 1.44 10.74 3.24
CA SER A 52 0.88 9.40 3.40
C SER A 52 0.10 8.99 2.15
N ILE A 53 0.08 7.70 1.87
CA ILE A 53 -0.62 7.18 0.72
C ILE A 53 -1.92 6.47 1.12
N PHE A 54 -2.94 6.61 0.30
CA PHE A 54 -4.24 5.99 0.58
C PHE A 54 -4.85 5.42 -0.70
N VAL A 55 -5.97 4.72 -0.55
CA VAL A 55 -6.66 4.13 -1.69
C VAL A 55 -8.03 4.76 -1.88
N VAL A 56 -8.12 5.69 -2.84
CA VAL A 56 -9.39 6.36 -3.12
C VAL A 56 -10.07 5.76 -4.34
N GLY A 57 -9.66 4.55 -4.71
CA GLY A 57 -10.25 3.88 -5.86
C GLY A 57 -9.53 2.59 -6.21
N ILE A 58 -10.26 1.65 -6.81
CA ILE A 58 -9.68 0.37 -7.20
C ILE A 58 -10.09 -0.01 -8.61
N ASN A 59 -9.21 0.24 -9.56
CA ASN A 59 -9.49 -0.08 -10.96
C ASN A 59 -10.31 -1.36 -11.07
N PRO A 60 -11.51 -1.24 -11.69
CA PRO A 60 -12.42 -2.38 -11.87
C PRO A 60 -11.88 -3.39 -12.88
N GLU A 61 -10.85 -2.99 -13.62
CA GLU A 61 -10.25 -3.88 -14.62
C GLU A 61 -8.91 -4.43 -14.12
N GLY A 62 -8.47 -3.94 -12.96
CA GLY A 62 -7.21 -4.40 -12.40
C GLY A 62 -7.38 -5.63 -11.53
N PRO A 63 -6.27 -6.10 -10.93
CA PRO A 63 -6.28 -7.27 -10.06
C PRO A 63 -6.99 -7.00 -8.74
N ALA A 64 -6.64 -5.89 -8.10
CA ALA A 64 -7.25 -5.53 -6.82
C ALA A 64 -8.76 -5.73 -6.85
N ALA A 65 -9.39 -5.37 -7.97
CA ALA A 65 -10.83 -5.54 -8.12
C ALA A 65 -11.21 -6.99 -8.34
N ALA A 66 -10.32 -7.73 -9.01
CA ALA A 66 -10.57 -9.15 -9.28
C ALA A 66 -10.53 -9.97 -8.00
N ASP A 67 -9.48 -9.78 -7.21
CA ASP A 67 -9.33 -10.51 -5.95
C ASP A 67 -10.42 -10.11 -4.96
N GLY A 68 -10.90 -8.88 -5.08
CA GLY A 68 -11.94 -8.39 -4.19
C GLY A 68 -11.49 -8.35 -2.74
N ARG A 69 -10.25 -7.94 -2.52
CA ARG A 69 -9.71 -7.87 -1.17
C ARG A 69 -9.45 -6.42 -0.76
N MET A 70 -8.63 -5.73 -1.55
CA MET A 70 -8.30 -4.33 -1.28
C MET A 70 -9.55 -3.46 -1.31
N ARG A 71 -9.66 -2.55 -0.35
CA ARG A 71 -10.81 -1.66 -0.27
C ARG A 71 -10.38 -0.19 -0.36
N ILE A 72 -11.35 0.71 -0.39
CA ILE A 72 -11.07 2.13 -0.48
C ILE A 72 -10.78 2.71 0.90
N GLY A 73 -9.59 3.32 1.05
CA GLY A 73 -9.22 3.91 2.32
C GLY A 73 -7.93 3.30 2.87
N ASP A 74 -7.56 2.14 2.35
CA ASP A 74 -6.35 1.46 2.81
C ASP A 74 -5.14 2.38 2.70
N GLU A 75 -4.23 2.29 3.67
CA GLU A 75 -3.03 3.11 3.68
C GLU A 75 -1.79 2.25 3.42
N LEU A 76 -1.38 2.18 2.16
CA LEU A 76 -0.21 1.39 1.79
C LEU A 76 0.97 1.69 2.71
N LEU A 77 1.66 0.63 3.13
CA LEU A 77 2.81 0.78 4.02
C LEU A 77 4.08 0.29 3.34
N GLU A 78 3.99 -0.85 2.65
CA GLU A 78 5.13 -1.41 1.96
C GLU A 78 4.69 -2.12 0.68
N ILE A 79 5.64 -2.28 -0.25
CA ILE A 79 5.36 -2.93 -1.52
C ILE A 79 6.61 -3.56 -2.10
N ASN A 80 6.64 -4.90 -2.12
CA ASN A 80 7.79 -5.62 -2.66
C ASN A 80 9.05 -5.34 -1.84
N ASN A 81 8.90 -5.36 -0.52
CA ASN A 81 10.02 -5.11 0.38
C ASN A 81 10.49 -3.67 0.26
N GLN A 82 9.56 -2.73 0.31
CA GLN A 82 9.88 -1.32 0.21
C GLN A 82 8.88 -0.47 0.98
N ILE A 83 9.34 0.12 2.09
CA ILE A 83 8.48 0.95 2.92
C ILE A 83 8.18 2.28 2.24
N LEU A 84 6.90 2.64 2.19
CA LEU A 84 6.48 3.89 1.58
C LEU A 84 6.19 4.96 2.63
N TYR A 85 5.92 4.51 3.85
CA TYR A 85 5.62 5.43 4.95
C TYR A 85 6.53 6.65 4.90
N GLY A 86 5.98 7.79 4.53
CA GLY A 86 6.75 9.02 4.45
C GLY A 86 7.15 9.35 3.02
N ARG A 87 6.32 8.95 2.06
CA ARG A 87 6.60 9.22 0.66
C ARG A 87 5.32 9.62 -0.08
N SER A 88 5.48 10.10 -1.31
CA SER A 88 4.34 10.51 -2.12
C SER A 88 3.77 9.34 -2.90
N HIS A 89 2.46 9.39 -3.17
CA HIS A 89 1.79 8.32 -3.91
C HIS A 89 2.42 8.15 -5.29
N GLN A 90 3.15 9.16 -5.73
CA GLN A 90 3.79 9.12 -7.04
C GLN A 90 4.97 8.16 -7.04
N ASN A 91 5.55 7.94 -5.86
CA ASN A 91 6.68 7.03 -5.72
C ASN A 91 6.22 5.58 -5.66
N ALA A 92 5.13 5.33 -4.93
CA ALA A 92 4.58 3.99 -4.80
C ALA A 92 4.38 3.35 -6.16
N SER A 93 3.75 4.09 -7.08
CA SER A 93 3.47 3.59 -8.42
C SER A 93 4.77 3.15 -9.11
N ALA A 94 5.82 3.95 -8.92
CA ALA A 94 7.11 3.64 -9.52
C ALA A 94 7.63 2.28 -9.06
N ILE A 95 7.56 2.04 -7.75
CA ILE A 95 8.02 0.79 -7.18
C ILE A 95 7.31 -0.40 -7.82
N ILE A 96 5.99 -0.29 -7.97
CA ILE A 96 5.20 -1.35 -8.58
C ILE A 96 5.61 -1.59 -10.03
N LYS A 97 5.80 -0.51 -10.77
CA LYS A 97 6.21 -0.60 -12.17
C LYS A 97 7.49 -1.41 -12.31
N THR A 98 8.39 -1.28 -11.33
CA THR A 98 9.65 -2.00 -11.35
C THR A 98 9.50 -3.38 -10.72
N ALA A 99 8.45 -3.56 -9.93
CA ALA A 99 8.20 -4.83 -9.27
C ALA A 99 7.70 -5.87 -10.26
N PRO A 100 7.98 -7.15 -9.97
CA PRO A 100 7.56 -8.27 -10.82
C PRO A 100 6.05 -8.50 -10.79
N SER A 101 5.58 -9.40 -11.63
CA SER A 101 4.15 -9.70 -11.70
C SER A 101 3.57 -9.88 -10.30
N LYS A 102 4.05 -10.89 -9.59
CA LYS A 102 3.57 -11.17 -8.24
C LYS A 102 4.18 -10.17 -7.24
N VAL A 103 3.32 -9.32 -6.68
CA VAL A 103 3.77 -8.33 -5.70
C VAL A 103 3.02 -8.48 -4.38
N LYS A 104 3.70 -8.17 -3.28
CA LYS A 104 3.11 -8.27 -1.96
C LYS A 104 2.82 -6.88 -1.38
N LEU A 105 1.55 -6.53 -1.32
CA LEU A 105 1.15 -5.23 -0.79
C LEU A 105 0.84 -5.32 0.71
N VAL A 106 1.26 -4.31 1.46
CA VAL A 106 1.04 -4.29 2.90
C VAL A 106 0.36 -2.98 3.32
N PHE A 107 -0.95 -3.07 3.58
CA PHE A 107 -1.72 -1.89 3.98
C PHE A 107 -2.52 -2.19 5.25
N ILE A 108 -3.25 -1.19 5.72
CA ILE A 108 -4.06 -1.33 6.92
C ILE A 108 -5.50 -0.90 6.67
N ARG A 109 -6.45 -1.81 6.95
CA ARG A 109 -7.86 -1.52 6.75
C ARG A 109 -8.41 -0.67 7.89
N ASN A 110 -9.27 0.29 7.56
CA ASN A 110 -9.86 1.17 8.57
C ASN A 110 -11.01 1.97 7.96
N GLU A 111 -12.13 2.00 8.67
CA GLU A 111 -13.31 2.72 8.22
C GLU A 111 -13.14 4.22 8.42
N ASP A 112 -12.24 4.59 9.32
CA ASP A 112 -11.97 5.99 9.61
C ASP A 112 -11.01 6.59 8.58
N ALA A 113 -10.22 5.73 7.95
CA ALA A 113 -9.27 6.17 6.93
C ALA A 113 -9.96 6.95 5.82
N VAL A 114 -11.03 6.36 5.28
CA VAL A 114 -11.78 7.00 4.20
C VAL A 114 -11.95 8.49 4.45
N ASN A 115 -12.10 8.86 5.73
CA ASN A 115 -12.27 10.26 6.11
C ASN A 115 -10.95 11.01 6.01
N GLN A 116 -9.87 10.35 6.43
CA GLN A 116 -8.54 10.96 6.39
C GLN A 116 -8.05 11.10 4.96
N MET A 117 -8.10 10.01 4.20
CA MET A 117 -7.66 10.01 2.81
C MET A 117 -8.37 11.10 2.03
N ALA A 118 -7.63 11.77 1.14
CA ALA A 118 -8.19 12.84 0.32
C ALA A 118 -8.97 12.27 -0.86
N SER A 119 -9.44 13.16 -1.72
CA SER A 119 -10.22 12.74 -2.89
C SER A 119 -9.81 13.56 -4.12
N GLY A 120 -9.18 12.91 -5.08
CA GLY A 120 -8.76 13.58 -6.29
C GLY A 120 -7.26 13.45 -6.54
N PRO A 121 -6.86 12.37 -7.21
CA PRO A 121 -5.46 12.11 -7.53
C PRO A 121 -4.90 13.09 -8.56
N SER A 122 -5.79 13.66 -9.35
CA SER A 122 -5.38 14.62 -10.39
C SER A 122 -4.70 15.83 -9.77
N SER A 123 -5.32 16.39 -8.73
CA SER A 123 -4.77 17.55 -8.06
C SER A 123 -4.70 17.33 -6.56
N GLY A 124 -3.51 17.54 -5.99
CA GLY A 124 -3.33 17.34 -4.56
C GLY A 124 -3.94 16.05 -4.06
N GLY A 1 31.25 -19.08 5.78
CA GLY A 1 30.56 -17.81 5.81
C GLY A 1 29.49 -17.75 6.88
N SER A 2 29.87 -17.23 8.05
CA SER A 2 28.93 -17.12 9.16
C SER A 2 28.18 -15.79 9.12
N SER A 3 26.85 -15.86 9.26
CA SER A 3 26.03 -14.67 9.24
C SER A 3 25.16 -14.58 10.50
N GLY A 4 25.46 -13.62 11.35
CA GLY A 4 24.71 -13.45 12.58
C GLY A 4 23.42 -12.68 12.36
N SER A 5 23.51 -11.56 11.66
CA SER A 5 22.35 -10.74 11.38
C SER A 5 22.24 -10.41 9.89
N SER A 6 21.22 -10.96 9.25
CA SER A 6 21.01 -10.73 7.83
C SER A 6 20.04 -9.58 7.60
N GLY A 7 18.88 -9.65 8.26
CA GLY A 7 17.89 -8.60 8.11
C GLY A 7 16.50 -9.15 7.83
N ASP A 8 15.88 -9.71 8.86
CA ASP A 8 14.54 -10.29 8.72
C ASP A 8 13.49 -9.35 9.29
N ALA A 9 13.82 -8.06 9.37
CA ALA A 9 12.90 -7.05 9.89
C ALA A 9 11.79 -6.76 8.89
N PHE A 10 11.81 -7.46 7.76
CA PHE A 10 10.80 -7.26 6.73
C PHE A 10 9.83 -8.44 6.68
N THR A 11 9.79 -9.20 7.77
CA THR A 11 8.90 -10.37 7.85
C THR A 11 7.53 -9.99 8.40
N ASP A 12 6.49 -10.55 7.82
CA ASP A 12 5.12 -10.27 8.25
C ASP A 12 5.06 -10.12 9.77
N GLN A 13 5.81 -10.95 10.47
CA GLN A 13 5.84 -10.91 11.94
C GLN A 13 6.25 -9.52 12.43
N LYS A 14 7.31 -8.97 11.84
CA LYS A 14 7.80 -7.66 12.23
C LYS A 14 6.88 -6.56 11.68
N ILE A 15 6.26 -6.83 10.54
CA ILE A 15 5.36 -5.87 9.92
C ILE A 15 4.11 -5.66 10.76
N ARG A 16 3.42 -6.76 11.08
CA ARG A 16 2.21 -6.70 11.88
C ARG A 16 2.47 -6.01 13.22
N GLN A 17 3.62 -6.32 13.82
CA GLN A 17 3.99 -5.73 15.10
C GLN A 17 4.46 -4.29 14.93
N ARG A 18 5.08 -4.01 13.79
CA ARG A 18 5.58 -2.67 13.50
C ARG A 18 4.42 -1.68 13.36
N TYR A 19 3.41 -2.08 12.60
CA TYR A 19 2.24 -1.22 12.38
C TYR A 19 1.09 -1.63 13.29
N ALA A 20 1.39 -2.46 14.29
CA ALA A 20 0.37 -2.93 15.22
C ALA A 20 -0.20 -1.78 16.03
N ASP A 21 0.54 -0.67 16.08
CA ASP A 21 0.10 0.51 16.83
C ASP A 21 -0.99 1.25 16.07
N LEU A 22 -1.13 0.95 14.79
CA LEU A 22 -2.15 1.59 13.95
C LEU A 22 -3.55 1.20 14.40
N PRO A 23 -4.52 2.09 14.14
CA PRO A 23 -5.92 1.86 14.51
C PRO A 23 -6.56 0.77 13.68
N GLY A 24 -6.44 0.89 12.36
CA GLY A 24 -7.02 -0.11 11.46
C GLY A 24 -6.38 -1.47 11.62
N GLU A 25 -6.79 -2.42 10.78
CA GLU A 25 -6.27 -3.77 10.84
C GLU A 25 -5.36 -4.06 9.64
N LEU A 26 -4.14 -4.50 9.92
CA LEU A 26 -3.17 -4.80 8.87
C LEU A 26 -3.68 -5.93 7.98
N HIS A 27 -3.69 -5.69 6.68
CA HIS A 27 -4.15 -6.70 5.71
C HIS A 27 -3.13 -6.87 4.59
N ILE A 28 -2.42 -8.00 4.61
CA ILE A 28 -1.42 -8.29 3.59
C ILE A 28 -1.98 -9.23 2.53
N ILE A 29 -2.08 -8.74 1.30
CA ILE A 29 -2.58 -9.54 0.19
C ILE A 29 -1.65 -9.49 -1.01
N GLU A 30 -1.45 -10.63 -1.66
CA GLU A 30 -0.59 -10.70 -2.83
C GLU A 30 -1.40 -10.67 -4.12
N LEU A 31 -1.11 -9.70 -4.97
CA LEU A 31 -1.82 -9.57 -6.24
C LEU A 31 -0.86 -9.65 -7.42
N GLU A 32 -1.22 -10.43 -8.43
CA GLU A 32 -0.38 -10.59 -9.61
C GLU A 32 -0.72 -9.54 -10.67
N LYS A 33 0.23 -8.63 -10.91
CA LYS A 33 0.03 -7.58 -11.89
C LYS A 33 -0.75 -8.08 -13.10
N ASP A 34 -1.94 -7.52 -13.32
CA ASP A 34 -2.77 -7.92 -14.44
C ASP A 34 -2.24 -7.35 -15.75
N LYS A 35 -2.98 -7.57 -16.83
CA LYS A 35 -2.57 -7.09 -18.14
C LYS A 35 -2.09 -5.64 -18.07
N ASN A 36 -2.56 -4.93 -17.06
CA ASN A 36 -2.18 -3.53 -16.87
C ASN A 36 -1.41 -3.35 -15.56
N GLY A 37 -1.57 -4.29 -14.65
CA GLY A 37 -0.88 -4.22 -13.37
C GLY A 37 -1.80 -3.78 -12.25
N LEU A 38 -1.25 -3.65 -11.04
CA LEU A 38 -2.03 -3.23 -9.88
C LEU A 38 -2.65 -1.85 -10.12
N GLY A 39 -3.96 -1.82 -10.27
CA GLY A 39 -4.65 -0.57 -10.49
C GLY A 39 -5.32 -0.04 -9.24
N LEU A 40 -4.79 1.06 -8.71
CA LEU A 40 -5.33 1.65 -7.50
C LEU A 40 -5.16 3.18 -7.52
N SER A 41 -6.20 3.89 -7.10
CA SER A 41 -6.17 5.35 -7.09
C SER A 41 -5.65 5.86 -5.74
N LEU A 42 -4.40 6.29 -5.72
CA LEU A 42 -3.77 6.80 -4.51
C LEU A 42 -3.97 8.30 -4.39
N ALA A 43 -4.06 8.79 -3.16
CA ALA A 43 -4.24 10.22 -2.90
C ALA A 43 -3.58 10.63 -1.59
N GLY A 44 -2.80 11.71 -1.64
CA GLY A 44 -2.12 12.19 -0.46
C GLY A 44 -3.08 12.53 0.67
N ASN A 45 -2.55 12.75 1.86
CA ASN A 45 -3.37 13.09 3.01
C ASN A 45 -3.85 14.54 2.95
N LYS A 46 -5.10 14.76 3.34
CA LYS A 46 -5.67 16.10 3.31
C LYS A 46 -4.62 17.15 3.68
N ASP A 47 -3.90 16.90 4.76
CA ASP A 47 -2.86 17.82 5.22
C ASP A 47 -1.53 17.51 4.55
N ARG A 48 -1.08 18.42 3.69
CA ARG A 48 0.19 18.24 2.98
C ARG A 48 1.31 17.84 3.94
N SER A 49 1.44 18.61 5.02
CA SER A 49 2.47 18.35 6.02
C SER A 49 2.49 16.86 6.40
N ARG A 50 1.33 16.23 6.39
CA ARG A 50 1.22 14.82 6.72
C ARG A 50 1.39 13.95 5.47
N MET A 51 2.35 13.03 5.53
CA MET A 51 2.63 12.14 4.41
C MET A 51 1.98 10.78 4.63
N SER A 52 1.23 10.31 3.65
CA SER A 52 0.56 9.02 3.73
C SER A 52 -0.13 8.67 2.41
N ILE A 53 -0.09 7.39 2.05
CA ILE A 53 -0.72 6.92 0.82
C ILE A 53 -1.96 6.11 1.11
N PHE A 54 -3.11 6.61 0.68
CA PHE A 54 -4.39 5.93 0.89
C PHE A 54 -4.96 5.42 -0.43
N VAL A 55 -6.01 4.61 -0.35
CA VAL A 55 -6.64 4.06 -1.53
C VAL A 55 -8.05 4.61 -1.71
N VAL A 56 -8.19 5.65 -2.52
CA VAL A 56 -9.48 6.28 -2.77
C VAL A 56 -10.11 5.74 -4.04
N GLY A 57 -9.70 4.54 -4.44
CA GLY A 57 -10.24 3.94 -5.65
C GLY A 57 -9.48 2.68 -6.05
N ILE A 58 -10.18 1.74 -6.68
CA ILE A 58 -9.58 0.49 -7.12
C ILE A 58 -9.93 0.20 -8.57
N ASN A 59 -9.00 0.51 -9.48
CA ASN A 59 -9.22 0.26 -10.89
C ASN A 59 -9.93 -1.07 -11.13
N PRO A 60 -11.13 -1.00 -11.72
CA PRO A 60 -11.93 -2.19 -12.01
C PRO A 60 -11.33 -3.05 -13.11
N GLU A 61 -10.24 -2.57 -13.70
CA GLU A 61 -9.57 -3.29 -14.77
C GLU A 61 -8.32 -4.00 -14.24
N GLY A 62 -7.78 -3.50 -13.13
CA GLY A 62 -6.60 -4.09 -12.54
C GLY A 62 -6.92 -5.34 -11.74
N PRO A 63 -5.88 -5.94 -11.14
CA PRO A 63 -6.03 -7.16 -10.33
C PRO A 63 -6.76 -6.89 -9.02
N ALA A 64 -6.33 -5.86 -8.30
CA ALA A 64 -6.95 -5.50 -7.04
C ALA A 64 -8.47 -5.66 -7.09
N ALA A 65 -9.06 -5.25 -8.21
CA ALA A 65 -10.51 -5.36 -8.40
C ALA A 65 -10.92 -6.81 -8.61
N ALA A 66 -10.09 -7.56 -9.34
CA ALA A 66 -10.38 -8.97 -9.61
C ALA A 66 -10.39 -9.79 -8.33
N ASP A 67 -9.34 -9.62 -7.52
CA ASP A 67 -9.23 -10.35 -6.26
C ASP A 67 -10.39 -10.00 -5.33
N GLY A 68 -10.77 -8.73 -5.30
CA GLY A 68 -11.86 -8.30 -4.45
C GLY A 68 -11.48 -8.28 -2.98
N ARG A 69 -10.21 -8.00 -2.71
CA ARG A 69 -9.71 -7.96 -1.34
C ARG A 69 -9.46 -6.52 -0.89
N MET A 70 -8.69 -5.79 -1.68
CA MET A 70 -8.38 -4.40 -1.37
C MET A 70 -9.64 -3.55 -1.36
N ARG A 71 -9.74 -2.66 -0.37
CA ARG A 71 -10.89 -1.79 -0.25
C ARG A 71 -10.48 -0.32 -0.22
N ILE A 72 -11.45 0.57 -0.34
CA ILE A 72 -11.17 2.00 -0.32
C ILE A 72 -10.90 2.50 1.10
N GLY A 73 -9.72 3.07 1.30
CA GLY A 73 -9.36 3.58 2.61
C GLY A 73 -8.04 3.01 3.12
N ASP A 74 -7.65 1.87 2.56
CA ASP A 74 -6.41 1.22 2.95
C ASP A 74 -5.23 2.19 2.84
N GLU A 75 -4.26 2.03 3.73
CA GLU A 75 -3.08 2.89 3.73
C GLU A 75 -1.81 2.08 3.45
N LEU A 76 -1.38 2.09 2.20
CA LEU A 76 -0.18 1.35 1.80
C LEU A 76 0.99 1.67 2.73
N LEU A 77 1.61 0.62 3.27
CA LEU A 77 2.74 0.79 4.17
C LEU A 77 4.04 0.34 3.51
N GLU A 78 3.99 -0.82 2.86
CA GLU A 78 5.17 -1.35 2.19
C GLU A 78 4.78 -2.08 0.91
N ILE A 79 5.72 -2.17 -0.04
CA ILE A 79 5.46 -2.84 -1.30
C ILE A 79 6.74 -3.44 -1.87
N ASN A 80 6.63 -4.65 -2.43
CA ASN A 80 7.79 -5.33 -3.00
C ASN A 80 9.05 -5.04 -2.20
N ASN A 81 8.95 -5.19 -0.88
CA ASN A 81 10.10 -4.95 0.00
C ASN A 81 10.55 -3.49 -0.09
N GLN A 82 9.61 -2.57 0.14
CA GLN A 82 9.91 -1.14 0.09
C GLN A 82 8.88 -0.34 0.87
N ILE A 83 9.33 0.30 1.95
CA ILE A 83 8.45 1.09 2.78
C ILE A 83 8.08 2.41 2.09
N LEU A 84 6.78 2.69 2.04
CA LEU A 84 6.28 3.91 1.41
C LEU A 84 5.97 4.98 2.45
N TYR A 85 5.75 4.54 3.68
CA TYR A 85 5.43 5.47 4.77
C TYR A 85 6.37 6.68 4.74
N GLY A 86 5.82 7.82 4.33
CA GLY A 86 6.61 9.03 4.26
C GLY A 86 6.79 9.53 2.85
N ARG A 87 6.96 8.61 1.91
CA ARG A 87 7.15 8.96 0.51
C ARG A 87 5.82 9.38 -0.12
N SER A 88 5.88 9.79 -1.38
CA SER A 88 4.69 10.22 -2.11
C SER A 88 3.98 9.04 -2.76
N HIS A 89 2.71 9.23 -3.11
CA HIS A 89 1.93 8.18 -3.74
C HIS A 89 2.47 7.85 -5.14
N GLN A 90 2.95 8.88 -5.83
CA GLN A 90 3.50 8.70 -7.17
C GLN A 90 4.66 7.71 -7.15
N ASN A 91 5.52 7.82 -6.14
CA ASN A 91 6.67 6.93 -6.01
C ASN A 91 6.23 5.48 -5.88
N ALA A 92 5.19 5.25 -5.10
CA ALA A 92 4.67 3.90 -4.89
C ALA A 92 4.37 3.22 -6.22
N SER A 93 3.57 3.89 -7.06
CA SER A 93 3.21 3.34 -8.37
C SER A 93 4.45 2.97 -9.16
N ALA A 94 5.52 3.74 -8.99
CA ALA A 94 6.77 3.49 -9.70
C ALA A 94 7.40 2.19 -9.24
N ILE A 95 7.35 1.93 -7.94
CA ILE A 95 7.93 0.72 -7.37
C ILE A 95 7.22 -0.53 -7.91
N ILE A 96 5.91 -0.44 -8.04
CA ILE A 96 5.12 -1.55 -8.55
C ILE A 96 5.48 -1.87 -10.00
N LYS A 97 5.60 -0.82 -10.81
CA LYS A 97 5.95 -0.98 -12.22
C LYS A 97 7.22 -1.80 -12.37
N THR A 98 8.23 -1.48 -11.57
CA THR A 98 9.50 -2.19 -11.61
C THR A 98 9.40 -3.55 -10.95
N ALA A 99 8.38 -3.72 -10.11
CA ALA A 99 8.17 -4.98 -9.41
C ALA A 99 7.68 -6.07 -10.36
N PRO A 100 7.98 -7.33 -10.03
CA PRO A 100 7.58 -8.48 -10.85
C PRO A 100 6.07 -8.72 -10.81
N SER A 101 5.62 -9.67 -11.61
CA SER A 101 4.19 -10.00 -11.67
C SER A 101 3.59 -10.05 -10.27
N LYS A 102 4.06 -11.00 -9.47
CA LYS A 102 3.58 -11.16 -8.11
C LYS A 102 4.17 -10.10 -7.19
N VAL A 103 3.34 -9.17 -6.73
CA VAL A 103 3.80 -8.10 -5.85
C VAL A 103 3.12 -8.21 -4.48
N LYS A 104 3.87 -7.92 -3.43
CA LYS A 104 3.36 -7.98 -2.07
C LYS A 104 2.94 -6.58 -1.58
N LEU A 105 1.70 -6.46 -1.15
CA LEU A 105 1.18 -5.18 -0.66
C LEU A 105 0.80 -5.28 0.81
N VAL A 106 1.31 -4.36 1.62
CA VAL A 106 1.01 -4.34 3.05
C VAL A 106 0.34 -3.03 3.45
N PHE A 107 -0.98 -3.07 3.62
CA PHE A 107 -1.74 -1.89 4.01
C PHE A 107 -2.56 -2.16 5.26
N ILE A 108 -3.27 -1.13 5.73
CA ILE A 108 -4.10 -1.26 6.93
C ILE A 108 -5.53 -0.82 6.63
N ARG A 109 -6.48 -1.72 6.90
CA ARG A 109 -7.89 -1.42 6.67
C ARG A 109 -8.46 -0.59 7.81
N ASN A 110 -8.76 0.67 7.52
CA ASN A 110 -9.32 1.57 8.53
C ASN A 110 -10.50 2.35 7.96
N GLU A 111 -11.70 1.98 8.40
CA GLU A 111 -12.92 2.66 7.94
C GLU A 111 -12.82 4.16 8.13
N ASP A 112 -11.96 4.57 9.06
CA ASP A 112 -11.76 6.00 9.35
C ASP A 112 -10.88 6.65 8.30
N ALA A 113 -9.96 5.88 7.75
CA ALA A 113 -9.05 6.38 6.72
C ALA A 113 -9.81 7.00 5.57
N VAL A 114 -10.94 6.40 5.22
CA VAL A 114 -11.77 6.89 4.13
C VAL A 114 -12.03 8.39 4.26
N ASN A 115 -11.94 8.89 5.49
CA ASN A 115 -12.17 10.31 5.76
C ASN A 115 -10.86 11.09 5.63
N GLN A 116 -9.80 10.57 6.24
CA GLN A 116 -8.50 11.23 6.20
C GLN A 116 -8.07 11.48 4.76
N MET A 117 -7.84 10.41 4.02
CA MET A 117 -7.43 10.51 2.62
C MET A 117 -8.22 11.60 1.90
N ALA A 118 -7.51 12.51 1.24
CA ALA A 118 -8.15 13.59 0.51
C ALA A 118 -9.35 13.10 -0.29
N SER A 119 -9.15 11.99 -1.01
CA SER A 119 -10.21 11.40 -1.81
C SER A 119 -10.48 12.26 -3.05
N GLY A 120 -9.42 12.79 -3.64
CA GLY A 120 -9.56 13.63 -4.82
C GLY A 120 -8.25 13.82 -5.56
N PRO A 121 -7.91 12.83 -6.42
CA PRO A 121 -6.68 12.87 -7.21
C PRO A 121 -6.72 13.94 -8.30
N SER A 122 -5.55 14.46 -8.64
CA SER A 122 -5.44 15.50 -9.67
C SER A 122 -5.17 14.88 -11.04
N SER A 123 -5.53 15.62 -12.08
CA SER A 123 -5.33 15.15 -13.45
C SER A 123 -4.15 15.85 -14.10
N GLY A 124 -3.26 15.05 -14.71
CA GLY A 124 -2.10 15.61 -15.37
C GLY A 124 -0.80 15.09 -14.77
N GLY A 1 35.51 -17.70 0.72
CA GLY A 1 34.13 -17.27 0.60
C GLY A 1 33.65 -16.52 1.83
N SER A 2 33.27 -15.27 1.65
CA SER A 2 32.79 -14.45 2.76
C SER A 2 31.29 -14.65 2.98
N SER A 3 30.81 -14.25 4.15
CA SER A 3 29.41 -14.40 4.49
C SER A 3 28.98 -13.33 5.49
N GLY A 4 27.93 -12.59 5.14
CA GLY A 4 27.43 -11.53 6.01
C GLY A 4 26.15 -10.90 5.49
N SER A 5 25.01 -11.50 5.85
CA SER A 5 23.71 -11.00 5.40
C SER A 5 22.67 -11.17 6.49
N SER A 6 21.92 -10.11 6.78
CA SER A 6 20.89 -10.15 7.80
C SER A 6 19.94 -8.97 7.65
N GLY A 7 18.73 -9.12 8.17
CA GLY A 7 17.74 -8.06 8.08
C GLY A 7 16.32 -8.59 8.02
N ASP A 8 15.91 -9.32 9.04
CA ASP A 8 14.57 -9.90 9.08
C ASP A 8 13.57 -8.89 9.64
N ALA A 9 13.81 -7.61 9.36
CA ALA A 9 12.94 -6.55 9.84
C ALA A 9 11.75 -6.36 8.90
N PHE A 10 11.73 -7.12 7.81
CA PHE A 10 10.65 -7.03 6.84
C PHE A 10 9.81 -8.30 6.86
N THR A 11 9.90 -9.05 7.95
CA THR A 11 9.15 -10.30 8.09
C THR A 11 7.72 -10.02 8.54
N ASP A 12 6.76 -10.67 7.90
CA ASP A 12 5.35 -10.50 8.25
C ASP A 12 5.17 -10.33 9.75
N GLN A 13 5.79 -11.23 10.52
CA GLN A 13 5.71 -11.17 11.97
C GLN A 13 6.15 -9.81 12.50
N LYS A 14 7.21 -9.28 11.92
CA LYS A 14 7.74 -7.98 12.33
C LYS A 14 6.90 -6.85 11.75
N ILE A 15 6.29 -7.10 10.59
CA ILE A 15 5.46 -6.10 9.93
C ILE A 15 4.16 -5.86 10.71
N ARG A 16 3.49 -6.94 11.08
CA ARG A 16 2.24 -6.84 11.83
C ARG A 16 2.48 -6.18 13.19
N GLN A 17 3.57 -6.57 13.84
CA GLN A 17 3.90 -6.01 15.15
C GLN A 17 4.33 -4.56 15.03
N ARG A 18 4.95 -4.22 13.91
CA ARG A 18 5.41 -2.86 13.67
C ARG A 18 4.24 -1.91 13.47
N TYR A 19 3.23 -2.37 12.75
CA TYR A 19 2.04 -1.55 12.49
C TYR A 19 0.87 -2.00 13.35
N ALA A 20 1.16 -2.81 14.37
CA ALA A 20 0.14 -3.31 15.27
C ALA A 20 -0.48 -2.18 16.08
N ASP A 21 0.22 -1.06 16.14
CA ASP A 21 -0.26 0.10 16.88
C ASP A 21 -1.34 0.85 16.09
N LEU A 22 -1.26 0.75 14.78
CA LEU A 22 -2.23 1.42 13.90
C LEU A 22 -3.66 1.09 14.32
N PRO A 23 -4.59 2.01 14.02
CA PRO A 23 -6.01 1.83 14.36
C PRO A 23 -6.67 0.74 13.52
N GLY A 24 -6.47 0.81 12.21
CA GLY A 24 -7.06 -0.17 11.32
C GLY A 24 -6.47 -1.55 11.51
N GLU A 25 -6.76 -2.46 10.57
CA GLU A 25 -6.25 -3.82 10.66
C GLU A 25 -5.37 -4.15 9.46
N LEU A 26 -4.13 -4.53 9.73
CA LEU A 26 -3.19 -4.86 8.66
C LEU A 26 -3.70 -6.04 7.84
N HIS A 27 -3.70 -5.88 6.52
CA HIS A 27 -4.17 -6.94 5.63
C HIS A 27 -3.16 -7.16 4.50
N ILE A 28 -2.34 -8.19 4.65
CA ILE A 28 -1.34 -8.52 3.63
C ILE A 28 -1.91 -9.46 2.57
N ILE A 29 -2.10 -8.94 1.37
CA ILE A 29 -2.63 -9.73 0.28
C ILE A 29 -1.75 -9.63 -0.96
N GLU A 30 -1.50 -10.76 -1.62
CA GLU A 30 -0.68 -10.79 -2.82
C GLU A 30 -1.53 -10.59 -4.07
N LEU A 31 -1.32 -9.47 -4.75
CA LEU A 31 -2.06 -9.16 -5.97
C LEU A 31 -1.17 -9.30 -7.20
N GLU A 32 -1.55 -10.21 -8.09
CA GLU A 32 -0.80 -10.44 -9.31
C GLU A 32 -1.10 -9.36 -10.35
N LYS A 33 -0.12 -8.48 -10.59
CA LYS A 33 -0.28 -7.41 -11.56
C LYS A 33 -0.91 -7.92 -12.84
N ASP A 34 -2.05 -7.33 -13.22
CA ASP A 34 -2.75 -7.72 -14.43
C ASP A 34 -2.10 -7.10 -15.67
N LYS A 35 -2.63 -7.43 -16.83
CA LYS A 35 -2.10 -6.90 -18.09
C LYS A 35 -1.75 -5.43 -17.95
N ASN A 36 -2.40 -4.76 -17.01
CA ASN A 36 -2.15 -3.34 -16.78
C ASN A 36 -1.38 -3.12 -15.47
N GLY A 37 -1.74 -3.90 -14.46
CA GLY A 37 -1.07 -3.78 -13.17
C GLY A 37 -2.03 -3.41 -12.05
N LEU A 38 -1.48 -3.18 -10.87
CA LEU A 38 -2.30 -2.81 -9.71
C LEU A 38 -2.98 -1.47 -9.93
N GLY A 39 -4.18 -1.51 -10.51
CA GLY A 39 -4.92 -0.29 -10.76
C GLY A 39 -5.62 0.24 -9.52
N LEU A 40 -4.99 1.19 -8.84
CA LEU A 40 -5.56 1.77 -7.63
C LEU A 40 -5.40 3.29 -7.64
N SER A 41 -6.46 3.98 -7.22
CA SER A 41 -6.45 5.43 -7.17
C SER A 41 -5.83 5.93 -5.87
N LEU A 42 -4.60 6.44 -5.96
CA LEU A 42 -3.88 6.95 -4.80
C LEU A 42 -4.15 8.44 -4.62
N ALA A 43 -4.21 8.87 -3.37
CA ALA A 43 -4.45 10.28 -3.06
C ALA A 43 -3.78 10.66 -1.74
N GLY A 44 -2.86 11.62 -1.82
CA GLY A 44 -2.15 12.07 -0.63
C GLY A 44 -3.10 12.60 0.44
N ASN A 45 -2.87 12.21 1.68
CA ASN A 45 -3.71 12.66 2.78
C ASN A 45 -4.16 14.10 2.59
N LYS A 46 -5.43 14.36 2.88
CA LYS A 46 -5.98 15.71 2.73
C LYS A 46 -4.93 16.77 3.04
N ASP A 47 -4.18 16.55 4.11
CA ASP A 47 -3.14 17.48 4.52
C ASP A 47 -1.80 17.13 3.88
N ARG A 48 -1.36 17.96 2.93
CA ARG A 48 -0.11 17.73 2.24
C ARG A 48 1.05 17.61 3.22
N SER A 49 0.87 18.18 4.42
CA SER A 49 1.89 18.14 5.45
C SER A 49 2.12 16.71 5.93
N ARG A 50 1.13 15.86 5.72
CA ARG A 50 1.22 14.46 6.13
C ARG A 50 1.46 13.55 4.92
N MET A 51 2.72 13.27 4.63
CA MET A 51 3.07 12.41 3.50
C MET A 51 2.59 10.99 3.73
N SER A 52 1.45 10.66 3.12
CA SER A 52 0.88 9.32 3.26
C SER A 52 0.14 8.91 1.99
N ILE A 53 0.10 7.61 1.72
CA ILE A 53 -0.57 7.08 0.54
C ILE A 53 -1.74 6.20 0.93
N PHE A 54 -2.90 6.46 0.32
CA PHE A 54 -4.11 5.67 0.60
C PHE A 54 -4.74 5.17 -0.69
N VAL A 55 -5.88 4.50 -0.56
CA VAL A 55 -6.59 3.97 -1.72
C VAL A 55 -8.00 4.52 -1.80
N VAL A 56 -8.20 5.49 -2.67
CA VAL A 56 -9.51 6.12 -2.86
C VAL A 56 -10.20 5.57 -4.11
N GLY A 57 -9.77 4.41 -4.57
CA GLY A 57 -10.37 3.81 -5.74
C GLY A 57 -9.69 2.51 -6.14
N ILE A 58 -10.45 1.60 -6.74
CA ILE A 58 -9.92 0.32 -7.16
C ILE A 58 -10.39 -0.04 -8.57
N ASN A 59 -9.54 0.22 -9.56
CA ASN A 59 -9.88 -0.07 -10.94
C ASN A 59 -10.50 -1.46 -11.08
N PRO A 60 -11.70 -1.51 -11.67
CA PRO A 60 -12.42 -2.77 -11.88
C PRO A 60 -11.74 -3.67 -12.91
N GLU A 61 -10.76 -3.12 -13.61
CA GLU A 61 -10.04 -3.87 -14.63
C GLU A 61 -8.71 -4.38 -14.09
N GLY A 62 -8.27 -3.80 -12.97
CA GLY A 62 -7.01 -4.21 -12.37
C GLY A 62 -7.16 -5.47 -11.54
N PRO A 63 -6.03 -5.93 -10.97
CA PRO A 63 -6.01 -7.14 -10.13
C PRO A 63 -6.72 -6.93 -8.80
N ALA A 64 -6.45 -5.81 -8.14
CA ALA A 64 -7.08 -5.50 -6.86
C ALA A 64 -8.59 -5.74 -6.93
N ALA A 65 -9.20 -5.36 -8.04
CA ALA A 65 -10.64 -5.53 -8.21
C ALA A 65 -11.01 -7.01 -8.25
N ALA A 66 -10.21 -7.79 -8.98
CA ALA A 66 -10.45 -9.22 -9.11
C ALA A 66 -10.39 -9.92 -7.75
N ASP A 67 -9.39 -9.55 -6.95
CA ASP A 67 -9.22 -10.14 -5.63
C ASP A 67 -10.42 -9.82 -4.74
N GLY A 68 -10.84 -8.56 -4.75
CA GLY A 68 -11.98 -8.15 -3.93
C GLY A 68 -11.59 -7.86 -2.50
N ARG A 69 -10.44 -8.38 -2.09
CA ARG A 69 -9.95 -8.16 -0.73
C ARG A 69 -9.65 -6.68 -0.48
N MET A 70 -8.95 -6.07 -1.41
CA MET A 70 -8.60 -4.66 -1.31
C MET A 70 -9.85 -3.79 -1.32
N ARG A 71 -9.88 -2.78 -0.45
CA ARG A 71 -11.02 -1.88 -0.36
C ARG A 71 -10.55 -0.43 -0.29
N ILE A 72 -11.50 0.50 -0.41
CA ILE A 72 -11.19 1.92 -0.36
C ILE A 72 -10.90 2.37 1.07
N GLY A 73 -9.69 2.88 1.28
CA GLY A 73 -9.30 3.34 2.61
C GLY A 73 -8.00 2.72 3.08
N ASP A 74 -7.55 1.69 2.38
CA ASP A 74 -6.31 1.00 2.73
C ASP A 74 -5.12 1.96 2.68
N GLU A 75 -4.16 1.75 3.56
CA GLU A 75 -2.98 2.60 3.62
C GLU A 75 -1.72 1.79 3.29
N LEU A 76 -1.29 1.86 2.04
CA LEU A 76 -0.10 1.13 1.60
C LEU A 76 1.09 1.45 2.49
N LEU A 77 1.51 0.47 3.30
CA LEU A 77 2.64 0.65 4.20
C LEU A 77 3.94 0.23 3.53
N GLU A 78 3.90 -0.88 2.81
CA GLU A 78 5.07 -1.39 2.12
C GLU A 78 4.69 -2.06 0.80
N ILE A 79 5.66 -2.14 -0.12
CA ILE A 79 5.42 -2.75 -1.42
C ILE A 79 6.71 -3.32 -2.00
N ASN A 80 6.64 -4.57 -2.46
CA ASN A 80 7.80 -5.23 -3.04
C ASN A 80 9.04 -5.00 -2.19
N ASN A 81 8.88 -5.09 -0.88
CA ASN A 81 9.99 -4.90 0.06
C ASN A 81 10.46 -3.45 0.04
N GLN A 82 9.53 -2.52 0.26
CA GLN A 82 9.85 -1.10 0.27
C GLN A 82 8.81 -0.31 1.03
N ILE A 83 9.22 0.28 2.15
CA ILE A 83 8.30 1.07 2.98
C ILE A 83 7.99 2.40 2.33
N LEU A 84 6.70 2.72 2.22
CA LEU A 84 6.27 3.97 1.61
C LEU A 84 5.97 5.02 2.69
N TYR A 85 5.68 4.56 3.89
CA TYR A 85 5.38 5.46 5.01
C TYR A 85 6.30 6.67 4.99
N GLY A 86 5.83 7.75 4.40
CA GLY A 86 6.63 8.97 4.33
C GLY A 86 7.03 9.32 2.92
N ARG A 87 6.19 8.94 1.95
CA ARG A 87 6.47 9.21 0.54
C ARG A 87 5.18 9.56 -0.20
N SER A 88 5.33 10.12 -1.40
CA SER A 88 4.18 10.50 -2.21
C SER A 88 3.69 9.32 -3.05
N HIS A 89 2.37 9.26 -3.24
CA HIS A 89 1.77 8.19 -4.03
C HIS A 89 2.49 8.02 -5.36
N GLN A 90 3.03 9.11 -5.89
CA GLN A 90 3.74 9.08 -7.16
C GLN A 90 4.92 8.12 -7.09
N ASN A 91 5.56 8.05 -5.92
CA ASN A 91 6.71 7.17 -5.73
C ASN A 91 6.28 5.71 -5.67
N ALA A 92 5.20 5.46 -4.93
CA ALA A 92 4.68 4.10 -4.80
C ALA A 92 4.52 3.42 -6.15
N SER A 93 3.82 4.09 -7.06
CA SER A 93 3.61 3.55 -8.40
C SER A 93 4.93 3.13 -9.04
N ALA A 94 5.96 3.95 -8.84
CA ALA A 94 7.28 3.66 -9.40
C ALA A 94 7.79 2.31 -8.91
N ILE A 95 7.73 2.09 -7.61
CA ILE A 95 8.19 0.84 -7.01
C ILE A 95 7.45 -0.36 -7.61
N ILE A 96 6.16 -0.17 -7.89
CA ILE A 96 5.36 -1.23 -8.48
C ILE A 96 5.79 -1.54 -9.90
N LYS A 97 5.98 -0.50 -10.70
CA LYS A 97 6.40 -0.65 -12.08
C LYS A 97 7.61 -1.58 -12.18
N THR A 98 8.58 -1.38 -11.30
CA THR A 98 9.78 -2.19 -11.29
C THR A 98 9.50 -3.59 -10.74
N ALA A 99 8.54 -3.68 -9.84
CA ALA A 99 8.16 -4.96 -9.25
C ALA A 99 7.59 -5.91 -10.29
N PRO A 100 7.83 -7.21 -10.12
CA PRO A 100 7.35 -8.24 -11.05
C PRO A 100 5.83 -8.42 -10.96
N SER A 101 5.32 -9.44 -11.64
CA SER A 101 3.89 -9.72 -11.65
C SER A 101 3.34 -9.75 -10.22
N LYS A 102 3.85 -10.67 -9.42
CA LYS A 102 3.40 -10.81 -8.03
C LYS A 102 4.06 -9.76 -7.14
N VAL A 103 3.24 -8.93 -6.51
CA VAL A 103 3.74 -7.89 -5.63
C VAL A 103 3.04 -7.92 -4.27
N LYS A 104 3.83 -7.89 -3.21
CA LYS A 104 3.28 -7.91 -1.85
C LYS A 104 2.83 -6.52 -1.42
N LEU A 105 1.54 -6.37 -1.17
CA LEU A 105 0.98 -5.09 -0.74
C LEU A 105 0.55 -5.15 0.71
N VAL A 106 1.34 -4.53 1.59
CA VAL A 106 1.04 -4.51 3.01
C VAL A 106 0.38 -3.19 3.41
N PHE A 107 -0.93 -3.23 3.60
CA PHE A 107 -1.69 -2.05 3.97
C PHE A 107 -2.55 -2.31 5.21
N ILE A 108 -3.27 -1.29 5.66
CA ILE A 108 -4.13 -1.42 6.83
C ILE A 108 -5.54 -0.92 6.52
N ARG A 109 -6.52 -1.77 6.76
CA ARG A 109 -7.92 -1.41 6.52
C ARG A 109 -8.49 -0.59 7.68
N ASN A 110 -8.43 0.74 7.54
CA ASN A 110 -8.94 1.63 8.58
C ASN A 110 -10.11 2.45 8.06
N GLU A 111 -11.28 2.25 8.65
CA GLU A 111 -12.49 2.97 8.26
C GLU A 111 -12.26 4.47 8.31
N ASP A 112 -11.43 4.91 9.26
CA ASP A 112 -11.13 6.33 9.42
C ASP A 112 -10.30 6.84 8.26
N ALA A 113 -9.57 5.94 7.61
CA ALA A 113 -8.72 6.29 6.48
C ALA A 113 -9.49 7.15 5.47
N VAL A 114 -10.68 6.67 5.09
CA VAL A 114 -11.50 7.39 4.13
C VAL A 114 -11.66 8.86 4.54
N ASN A 115 -11.58 9.12 5.83
CA ASN A 115 -11.72 10.48 6.35
C ASN A 115 -10.38 11.21 6.30
N GLN A 116 -9.29 10.45 6.29
CA GLN A 116 -7.96 11.03 6.25
C GLN A 116 -7.51 11.27 4.82
N MET A 117 -7.46 10.20 4.02
CA MET A 117 -7.06 10.30 2.63
C MET A 117 -7.87 11.36 1.89
N ALA A 118 -7.22 12.07 0.98
CA ALA A 118 -7.89 13.11 0.20
C ALA A 118 -8.50 12.54 -1.07
N SER A 119 -9.80 12.25 -1.03
CA SER A 119 -10.50 11.70 -2.17
C SER A 119 -10.34 12.61 -3.39
N GLY A 120 -10.13 11.98 -4.55
CA GLY A 120 -9.96 12.76 -5.78
C GLY A 120 -8.51 13.10 -6.05
N PRO A 121 -7.80 12.20 -6.75
CA PRO A 121 -6.39 12.41 -7.08
C PRO A 121 -6.19 13.51 -8.12
N SER A 122 -5.06 14.19 -8.04
CA SER A 122 -4.75 15.27 -8.97
C SER A 122 -3.64 14.86 -9.93
N SER A 123 -3.98 14.77 -11.21
CA SER A 123 -3.00 14.39 -12.23
C SER A 123 -3.29 15.11 -13.55
N GLY A 124 -2.28 15.15 -14.42
CA GLY A 124 -2.44 15.81 -15.71
C GLY A 124 -2.31 17.32 -15.60
N GLY A 1 27.63 -4.23 20.92
CA GLY A 1 27.35 -4.36 19.50
C GLY A 1 26.22 -5.32 19.23
N SER A 2 26.50 -6.36 18.46
CA SER A 2 25.48 -7.35 18.11
C SER A 2 26.13 -8.67 17.71
N SER A 3 25.39 -9.76 17.86
CA SER A 3 25.88 -11.09 17.53
C SER A 3 25.70 -11.37 16.03
N GLY A 4 26.05 -10.40 15.20
CA GLY A 4 25.91 -10.57 13.77
C GLY A 4 24.47 -10.66 13.32
N SER A 5 24.07 -9.76 12.43
CA SER A 5 22.70 -9.73 11.93
C SER A 5 22.66 -9.35 10.46
N SER A 6 21.51 -9.51 9.84
CA SER A 6 21.35 -9.19 8.42
C SER A 6 20.27 -8.12 8.24
N GLY A 7 19.05 -8.43 8.67
CA GLY A 7 17.95 -7.49 8.54
C GLY A 7 16.62 -8.18 8.31
N ASP A 8 16.11 -8.85 9.35
CA ASP A 8 14.85 -9.55 9.25
C ASP A 8 13.71 -8.70 9.79
N ALA A 9 13.87 -7.38 9.67
CA ALA A 9 12.84 -6.44 10.14
C ALA A 9 11.69 -6.34 9.15
N PHE A 10 11.84 -7.03 8.02
CA PHE A 10 10.80 -7.01 6.98
C PHE A 10 9.98 -8.30 7.02
N THR A 11 9.95 -8.93 8.18
CA THR A 11 9.20 -10.18 8.35
C THR A 11 7.76 -9.90 8.79
N ASP A 12 6.84 -10.71 8.31
CA ASP A 12 5.42 -10.55 8.66
C ASP A 12 5.27 -10.19 10.13
N GLN A 13 5.76 -11.05 11.01
CA GLN A 13 5.67 -10.82 12.45
C GLN A 13 6.10 -9.39 12.80
N LYS A 14 7.10 -8.89 12.09
CA LYS A 14 7.59 -7.55 12.32
C LYS A 14 6.66 -6.51 11.70
N ILE A 15 6.13 -6.82 10.53
CA ILE A 15 5.22 -5.91 9.84
C ILE A 15 3.94 -5.69 10.64
N ARG A 16 3.33 -6.79 11.09
CA ARG A 16 2.11 -6.71 11.88
C ARG A 16 2.37 -6.03 13.22
N GLN A 17 3.51 -6.31 13.81
CA GLN A 17 3.87 -5.74 15.10
C GLN A 17 4.34 -4.29 14.92
N ARG A 18 4.90 -3.98 13.77
CA ARG A 18 5.38 -2.64 13.47
C ARG A 18 4.21 -1.68 13.25
N TYR A 19 3.19 -2.16 12.56
CA TYR A 19 2.02 -1.34 12.28
C TYR A 19 0.84 -1.74 13.18
N ALA A 20 1.14 -2.52 14.21
CA ALA A 20 0.11 -2.97 15.15
C ALA A 20 -0.51 -1.79 15.88
N ASP A 21 0.25 -0.71 16.02
CA ASP A 21 -0.23 0.48 16.71
C ASP A 21 -1.36 1.15 15.93
N LEU A 22 -1.32 0.99 14.61
CA LEU A 22 -2.34 1.58 13.74
C LEU A 22 -3.74 1.19 14.21
N PRO A 23 -4.72 2.04 13.92
CA PRO A 23 -6.12 1.81 14.29
C PRO A 23 -6.75 0.67 13.50
N GLY A 24 -6.59 0.71 12.17
CA GLY A 24 -7.15 -0.32 11.32
C GLY A 24 -6.43 -1.64 11.48
N GLU A 25 -6.90 -2.66 10.76
CA GLU A 25 -6.31 -3.99 10.82
C GLU A 25 -5.42 -4.24 9.60
N LEU A 26 -4.19 -4.69 9.85
CA LEU A 26 -3.25 -4.97 8.77
C LEU A 26 -3.79 -6.06 7.85
N HIS A 27 -3.80 -5.78 6.55
CA HIS A 27 -4.28 -6.75 5.57
C HIS A 27 -3.25 -6.97 4.47
N ILE A 28 -2.48 -8.05 4.59
CA ILE A 28 -1.46 -8.37 3.60
C ILE A 28 -1.98 -9.34 2.56
N ILE A 29 -2.16 -8.86 1.33
CA ILE A 29 -2.65 -9.70 0.24
C ILE A 29 -1.69 -9.68 -0.94
N GLU A 30 -1.63 -10.80 -1.66
CA GLU A 30 -0.75 -10.91 -2.82
C GLU A 30 -1.53 -10.70 -4.11
N LEU A 31 -1.10 -9.73 -4.91
CA LEU A 31 -1.76 -9.42 -6.17
C LEU A 31 -0.76 -9.48 -7.33
N GLU A 32 -1.16 -10.14 -8.42
CA GLU A 32 -0.32 -10.26 -9.59
C GLU A 32 -0.63 -9.18 -10.61
N LYS A 33 0.37 -8.35 -10.92
CA LYS A 33 0.21 -7.26 -11.88
C LYS A 33 -0.56 -7.74 -13.11
N ASP A 34 -1.73 -7.16 -13.33
CA ASP A 34 -2.56 -7.52 -14.48
C ASP A 34 -2.01 -6.91 -15.76
N LYS A 35 -2.62 -7.27 -16.89
CA LYS A 35 -2.19 -6.77 -18.18
C LYS A 35 -1.70 -5.33 -18.07
N ASN A 36 -2.36 -4.54 -17.21
CA ASN A 36 -1.99 -3.15 -17.01
C ASN A 36 -1.26 -2.97 -15.69
N GLY A 37 -1.47 -3.91 -14.77
CA GLY A 37 -0.81 -3.83 -13.48
C GLY A 37 -1.76 -3.41 -12.37
N LEU A 38 -1.27 -3.44 -11.13
CA LEU A 38 -2.08 -3.06 -9.98
C LEU A 38 -2.67 -1.67 -10.17
N GLY A 39 -4.00 -1.62 -10.30
CA GLY A 39 -4.67 -0.35 -10.49
C GLY A 39 -5.33 0.16 -9.22
N LEU A 40 -4.80 1.25 -8.68
CA LEU A 40 -5.33 1.83 -7.45
C LEU A 40 -5.16 3.35 -7.44
N SER A 41 -6.21 4.05 -7.02
CA SER A 41 -6.18 5.51 -6.97
C SER A 41 -5.62 5.99 -5.65
N LEU A 42 -4.38 6.46 -5.66
CA LEU A 42 -3.72 6.95 -4.45
C LEU A 42 -3.92 8.46 -4.30
N ALA A 43 -3.93 8.92 -3.06
CA ALA A 43 -4.11 10.34 -2.78
C ALA A 43 -3.51 10.72 -1.43
N GLY A 44 -2.46 11.52 -1.45
CA GLY A 44 -1.81 11.93 -0.22
C GLY A 44 -2.80 12.37 0.84
N ASN A 45 -2.50 12.06 2.09
CA ASN A 45 -3.38 12.43 3.20
C ASN A 45 -3.77 13.90 3.12
N LYS A 46 -5.04 14.18 3.39
CA LYS A 46 -5.55 15.55 3.35
C LYS A 46 -4.49 16.53 3.85
N ASP A 47 -3.95 16.25 5.02
CA ASP A 47 -2.92 17.12 5.62
C ASP A 47 -1.55 16.80 5.03
N ARG A 48 -1.04 17.71 4.20
CA ARG A 48 0.26 17.54 3.58
C ARG A 48 1.30 17.09 4.60
N SER A 49 1.45 17.88 5.66
CA SER A 49 2.42 17.57 6.71
C SER A 49 2.42 16.08 7.02
N ARG A 50 1.25 15.46 6.96
CA ARG A 50 1.12 14.04 7.23
C ARG A 50 1.28 13.22 5.95
N MET A 51 2.49 12.72 5.73
CA MET A 51 2.78 11.93 4.53
C MET A 51 2.22 10.51 4.67
N SER A 52 1.41 10.10 3.70
CA SER A 52 0.80 8.78 3.72
C SER A 52 0.05 8.50 2.42
N ILE A 53 0.08 7.26 1.97
CA ILE A 53 -0.60 6.87 0.74
C ILE A 53 -1.82 6.00 1.05
N PHE A 54 -2.99 6.48 0.63
CA PHE A 54 -4.24 5.76 0.85
C PHE A 54 -4.83 5.29 -0.47
N VAL A 55 -5.97 4.59 -0.39
CA VAL A 55 -6.65 4.09 -1.58
C VAL A 55 -8.05 4.66 -1.68
N VAL A 56 -8.20 5.74 -2.45
CA VAL A 56 -9.49 6.37 -2.64
C VAL A 56 -10.18 5.86 -3.90
N GLY A 57 -9.71 4.72 -4.39
CA GLY A 57 -10.30 4.14 -5.59
C GLY A 57 -9.62 2.85 -6.00
N ILE A 58 -10.40 1.92 -6.55
CA ILE A 58 -9.86 0.63 -6.98
C ILE A 58 -10.39 0.26 -8.37
N ASN A 59 -9.59 0.54 -9.40
CA ASN A 59 -9.98 0.23 -10.76
C ASN A 59 -10.70 -1.11 -10.84
N PRO A 60 -11.90 -1.11 -11.40
CA PRO A 60 -12.71 -2.32 -11.56
C PRO A 60 -12.13 -3.30 -12.58
N GLU A 61 -11.23 -2.80 -13.42
CA GLU A 61 -10.60 -3.63 -14.44
C GLU A 61 -9.24 -4.14 -13.95
N GLY A 62 -8.74 -3.55 -12.86
CA GLY A 62 -7.47 -3.96 -12.32
C GLY A 62 -7.56 -5.24 -11.52
N PRO A 63 -6.40 -5.77 -11.09
CA PRO A 63 -6.34 -7.01 -10.31
C PRO A 63 -6.89 -6.82 -8.90
N ALA A 64 -6.63 -5.65 -8.31
CA ALA A 64 -7.10 -5.35 -6.97
C ALA A 64 -8.62 -5.51 -6.86
N ALA A 65 -9.32 -5.19 -7.95
CA ALA A 65 -10.77 -5.30 -7.98
C ALA A 65 -11.21 -6.75 -8.06
N ALA A 66 -10.47 -7.56 -8.81
CA ALA A 66 -10.78 -8.97 -8.97
C ALA A 66 -10.62 -9.71 -7.65
N ASP A 67 -9.62 -9.32 -6.87
CA ASP A 67 -9.36 -9.95 -5.58
C ASP A 67 -10.50 -9.67 -4.59
N GLY A 68 -10.86 -8.40 -4.45
CA GLY A 68 -11.93 -8.03 -3.55
C GLY A 68 -11.42 -7.70 -2.16
N ARG A 69 -10.23 -8.20 -1.83
CA ARG A 69 -9.64 -7.95 -0.52
C ARG A 69 -9.40 -6.46 -0.30
N MET A 70 -8.75 -5.82 -1.27
CA MET A 70 -8.46 -4.39 -1.18
C MET A 70 -9.74 -3.57 -1.27
N ARG A 71 -9.79 -2.47 -0.53
CA ARG A 71 -10.96 -1.59 -0.52
C ARG A 71 -10.54 -0.13 -0.42
N ILE A 72 -11.53 0.76 -0.44
CA ILE A 72 -11.26 2.18 -0.35
C ILE A 72 -10.95 2.60 1.08
N GLY A 73 -9.76 3.20 1.28
CA GLY A 73 -9.37 3.63 2.60
C GLY A 73 -8.03 3.04 3.02
N ASP A 74 -7.70 1.88 2.47
CA ASP A 74 -6.44 1.21 2.80
C ASP A 74 -5.27 2.19 2.72
N GLU A 75 -4.20 1.88 3.44
CA GLU A 75 -3.02 2.73 3.46
C GLU A 75 -1.76 1.92 3.17
N LEU A 76 -1.35 1.90 1.90
CA LEU A 76 -0.16 1.16 1.50
C LEU A 76 1.03 1.52 2.37
N LEU A 77 1.50 0.55 3.16
CA LEU A 77 2.64 0.76 4.05
C LEU A 77 3.93 0.31 3.38
N GLU A 78 3.90 -0.86 2.77
CA GLU A 78 5.08 -1.40 2.09
C GLU A 78 4.68 -2.11 0.79
N ILE A 79 5.63 -2.21 -0.14
CA ILE A 79 5.38 -2.86 -1.41
C ILE A 79 6.67 -3.44 -1.99
N ASN A 80 6.57 -4.62 -2.58
CA ASN A 80 7.72 -5.29 -3.18
C ASN A 80 8.97 -5.07 -2.33
N ASN A 81 8.81 -5.13 -1.02
CA ASN A 81 9.93 -4.94 -0.10
C ASN A 81 10.41 -3.49 -0.13
N GLN A 82 9.46 -2.55 -0.17
CA GLN A 82 9.80 -1.13 -0.20
C GLN A 82 8.78 -0.32 0.59
N ILE A 83 9.22 0.27 1.70
CA ILE A 83 8.35 1.07 2.55
C ILE A 83 7.99 2.39 1.86
N LEU A 84 6.69 2.66 1.77
CA LEU A 84 6.21 3.88 1.15
C LEU A 84 5.95 4.96 2.18
N TYR A 85 5.70 4.54 3.42
CA TYR A 85 5.43 5.48 4.51
C TYR A 85 6.43 6.62 4.50
N GLY A 86 5.99 7.79 4.06
CA GLY A 86 6.85 8.94 4.00
C GLY A 86 7.03 9.48 2.59
N ARG A 87 7.13 8.57 1.63
CA ARG A 87 7.30 8.95 0.23
C ARG A 87 5.98 9.42 -0.37
N SER A 88 6.04 9.87 -1.62
CA SER A 88 4.85 10.35 -2.32
C SER A 88 4.17 9.22 -3.08
N HIS A 89 2.85 9.28 -3.16
CA HIS A 89 2.08 8.27 -3.87
C HIS A 89 2.65 8.02 -5.27
N GLN A 90 3.08 9.09 -5.92
CA GLN A 90 3.65 9.00 -7.26
C GLN A 90 4.74 7.94 -7.31
N ASN A 91 5.58 7.92 -6.29
CA ASN A 91 6.67 6.95 -6.21
C ASN A 91 6.14 5.53 -6.10
N ALA A 92 5.18 5.34 -5.21
CA ALA A 92 4.57 4.03 -5.00
C ALA A 92 4.41 3.29 -6.32
N SER A 93 3.57 3.83 -7.20
CA SER A 93 3.32 3.21 -8.49
C SER A 93 4.63 2.88 -9.20
N ALA A 94 5.62 3.75 -9.05
CA ALA A 94 6.92 3.55 -9.67
C ALA A 94 7.55 2.25 -9.20
N ILE A 95 7.47 1.98 -7.89
CA ILE A 95 8.03 0.77 -7.32
C ILE A 95 7.35 -0.47 -7.87
N ILE A 96 6.02 -0.40 -7.99
CA ILE A 96 5.24 -1.51 -8.51
C ILE A 96 5.59 -1.81 -9.97
N LYS A 97 5.64 -0.75 -10.78
CA LYS A 97 5.97 -0.88 -12.19
C LYS A 97 7.27 -1.66 -12.38
N THR A 98 8.27 -1.35 -11.56
CA THR A 98 9.56 -2.02 -11.63
C THR A 98 9.49 -3.41 -11.02
N ALA A 99 8.56 -3.60 -10.08
CA ALA A 99 8.40 -4.88 -9.43
C ALA A 99 7.92 -5.95 -10.40
N PRO A 100 8.19 -7.22 -10.08
CA PRO A 100 7.79 -8.35 -10.93
C PRO A 100 6.28 -8.57 -10.92
N SER A 101 5.82 -9.54 -11.71
CA SER A 101 4.40 -9.85 -11.79
C SER A 101 3.78 -9.96 -10.41
N LYS A 102 4.32 -10.88 -9.61
CA LYS A 102 3.83 -11.10 -8.25
C LYS A 102 4.42 -10.08 -7.29
N VAL A 103 3.56 -9.26 -6.69
CA VAL A 103 4.01 -8.24 -5.75
C VAL A 103 3.25 -8.35 -4.44
N LYS A 104 3.92 -8.00 -3.33
CA LYS A 104 3.31 -8.06 -2.02
C LYS A 104 2.90 -6.67 -1.55
N LEU A 105 1.61 -6.51 -1.23
CA LEU A 105 1.08 -5.24 -0.78
C LEU A 105 0.67 -5.31 0.68
N VAL A 106 1.29 -4.47 1.51
CA VAL A 106 0.98 -4.43 2.94
C VAL A 106 0.27 -3.15 3.32
N PHE A 107 -1.06 -3.21 3.45
CA PHE A 107 -1.86 -2.06 3.80
C PHE A 107 -2.68 -2.33 5.06
N ILE A 108 -3.40 -1.31 5.52
CA ILE A 108 -4.24 -1.44 6.71
C ILE A 108 -5.70 -1.13 6.39
N ARG A 109 -6.58 -2.07 6.72
CA ARG A 109 -8.01 -1.90 6.47
C ARG A 109 -8.64 -1.02 7.55
N ASN A 110 -8.60 0.29 7.34
CA ASN A 110 -9.18 1.23 8.29
C ASN A 110 -10.34 2.00 7.66
N GLU A 111 -11.54 1.78 8.19
CA GLU A 111 -12.74 2.45 7.69
C GLU A 111 -12.65 3.96 7.92
N ASP A 112 -11.91 4.35 8.95
CA ASP A 112 -11.75 5.77 9.28
C ASP A 112 -10.88 6.47 8.25
N ALA A 113 -9.97 5.72 7.64
CA ALA A 113 -9.08 6.27 6.62
C ALA A 113 -9.86 7.01 5.54
N VAL A 114 -11.03 6.48 5.20
CA VAL A 114 -11.87 7.09 4.17
C VAL A 114 -11.93 8.60 4.34
N ASN A 115 -11.99 9.05 5.59
CA ASN A 115 -12.05 10.48 5.89
C ASN A 115 -10.65 11.09 5.89
N GLN A 116 -9.70 10.39 6.50
CA GLN A 116 -8.33 10.86 6.57
C GLN A 116 -7.77 11.11 5.17
N MET A 117 -7.68 10.05 4.39
CA MET A 117 -7.16 10.16 3.03
C MET A 117 -7.82 11.31 2.27
N ALA A 118 -7.04 11.99 1.44
CA ALA A 118 -7.56 13.11 0.66
C ALA A 118 -8.14 12.63 -0.67
N SER A 119 -9.45 12.50 -0.70
CA SER A 119 -10.14 12.04 -1.92
C SER A 119 -9.69 12.86 -3.13
N GLY A 120 -9.96 12.33 -4.32
CA GLY A 120 -9.59 13.03 -5.54
C GLY A 120 -8.12 12.83 -5.89
N PRO A 121 -7.83 11.75 -6.64
CA PRO A 121 -6.46 11.43 -7.05
C PRO A 121 -5.91 12.41 -8.07
N SER A 122 -4.86 13.14 -7.69
CA SER A 122 -4.24 14.12 -8.58
C SER A 122 -3.29 13.44 -9.57
N SER A 123 -3.14 14.05 -10.73
CA SER A 123 -2.27 13.52 -11.77
C SER A 123 -0.90 14.19 -11.74
N GLY A 124 -0.03 13.72 -10.85
CA GLY A 124 1.29 14.31 -10.74
C GLY A 124 2.12 13.64 -9.66
N GLY A 1 28.92 -19.86 8.02
CA GLY A 1 28.39 -19.72 6.68
C GLY A 1 28.30 -18.27 6.24
N SER A 2 27.09 -17.83 5.89
CA SER A 2 26.87 -16.47 5.45
C SER A 2 27.36 -15.46 6.49
N SER A 3 28.44 -14.77 6.18
CA SER A 3 29.01 -13.79 7.09
C SER A 3 28.10 -12.57 7.23
N GLY A 4 27.65 -12.30 8.45
CA GLY A 4 26.78 -11.17 8.69
C GLY A 4 25.37 -11.40 8.16
N SER A 5 24.37 -11.06 8.96
CA SER A 5 22.99 -11.23 8.58
C SER A 5 22.58 -10.22 7.51
N SER A 6 21.47 -10.49 6.84
CA SER A 6 20.97 -9.61 5.79
C SER A 6 19.98 -8.61 6.34
N GLY A 7 18.97 -9.11 7.04
CA GLY A 7 17.95 -8.24 7.61
C GLY A 7 16.55 -8.80 7.46
N ASP A 8 16.09 -9.52 8.47
CA ASP A 8 14.76 -10.11 8.45
C ASP A 8 13.75 -9.22 9.16
N ALA A 9 13.90 -7.92 8.99
CA ALA A 9 13.00 -6.95 9.61
C ALA A 9 11.76 -6.71 8.76
N PHE A 10 11.73 -7.34 7.59
CA PHE A 10 10.60 -7.20 6.68
C PHE A 10 9.74 -8.46 6.69
N THR A 11 9.77 -9.19 7.79
CA THR A 11 9.00 -10.42 7.94
C THR A 11 7.60 -10.11 8.46
N ASP A 12 6.61 -10.82 7.92
CA ASP A 12 5.22 -10.63 8.32
C ASP A 12 5.14 -10.30 9.80
N GLN A 13 5.58 -11.24 10.64
CA GLN A 13 5.55 -11.06 12.09
C GLN A 13 6.03 -9.66 12.46
N LYS A 14 7.12 -9.22 11.85
CA LYS A 14 7.68 -7.91 12.11
C LYS A 14 6.79 -6.81 11.56
N ILE A 15 6.21 -7.07 10.38
CA ILE A 15 5.33 -6.10 9.74
C ILE A 15 4.10 -5.81 10.59
N ARG A 16 3.39 -6.87 10.98
CA ARG A 16 2.20 -6.73 11.81
C ARG A 16 2.53 -6.07 13.13
N GLN A 17 3.65 -6.45 13.72
CA GLN A 17 4.08 -5.90 15.00
C GLN A 17 4.59 -4.47 14.82
N ARG A 18 5.16 -4.19 13.66
CA ARG A 18 5.68 -2.86 13.37
C ARG A 18 4.55 -1.85 13.22
N TYR A 19 3.47 -2.27 12.57
CA TYR A 19 2.32 -1.40 12.36
C TYR A 19 1.14 -1.83 13.24
N ALA A 20 1.43 -2.67 14.22
CA ALA A 20 0.39 -3.17 15.13
C ALA A 20 -0.18 -2.03 15.96
N ASP A 21 0.55 -0.92 16.03
CA ASP A 21 0.11 0.24 16.79
C ASP A 21 -1.03 0.97 16.07
N LEU A 22 -1.02 0.88 14.75
CA LEU A 22 -2.05 1.53 13.94
C LEU A 22 -3.45 1.15 14.43
N PRO A 23 -4.42 2.05 14.21
CA PRO A 23 -5.81 1.83 14.61
C PRO A 23 -6.49 0.76 13.77
N GLY A 24 -6.37 0.88 12.46
CA GLY A 24 -6.98 -0.09 11.56
C GLY A 24 -6.35 -1.47 11.68
N GLU A 25 -6.82 -2.40 10.86
CA GLU A 25 -6.30 -3.76 10.88
C GLU A 25 -5.44 -4.03 9.65
N LEU A 26 -4.21 -4.47 9.88
CA LEU A 26 -3.29 -4.77 8.78
C LEU A 26 -3.83 -5.91 7.92
N HIS A 27 -3.84 -5.69 6.60
CA HIS A 27 -4.32 -6.70 5.67
C HIS A 27 -3.33 -6.90 4.53
N ILE A 28 -2.54 -7.97 4.62
CA ILE A 28 -1.55 -8.27 3.59
C ILE A 28 -2.12 -9.22 2.54
N ILE A 29 -2.14 -8.77 1.30
CA ILE A 29 -2.65 -9.59 0.20
C ILE A 29 -1.72 -9.56 -1.00
N GLU A 30 -1.59 -10.70 -1.67
CA GLU A 30 -0.72 -10.80 -2.84
C GLU A 30 -1.52 -10.65 -4.13
N LEU A 31 -1.26 -9.56 -4.85
CA LEU A 31 -1.96 -9.30 -6.11
C LEU A 31 -0.99 -9.34 -7.29
N GLU A 32 -1.26 -10.24 -8.23
CA GLU A 32 -0.42 -10.40 -9.40
C GLU A 32 -0.71 -9.31 -10.43
N LYS A 33 0.33 -8.58 -10.82
CA LYS A 33 0.19 -7.50 -11.80
C LYS A 33 -0.55 -8.00 -13.04
N ASP A 34 -1.75 -7.48 -13.25
CA ASP A 34 -2.55 -7.86 -14.41
C ASP A 34 -1.97 -7.29 -15.70
N LYS A 35 -2.56 -7.65 -16.83
CA LYS A 35 -2.11 -7.17 -18.12
C LYS A 35 -1.57 -5.74 -18.01
N ASN A 36 -2.18 -4.95 -17.15
CA ASN A 36 -1.76 -3.57 -16.95
C ASN A 36 -1.01 -3.40 -15.63
N GLY A 37 -1.37 -4.22 -14.65
CA GLY A 37 -0.73 -4.15 -13.35
C GLY A 37 -1.70 -3.90 -12.23
N LEU A 38 -1.21 -3.37 -11.12
CA LEU A 38 -2.04 -3.08 -9.96
C LEU A 38 -2.73 -1.72 -10.11
N GLY A 39 -3.96 -1.73 -10.60
CA GLY A 39 -4.71 -0.50 -10.78
C GLY A 39 -5.33 0.00 -9.49
N LEU A 40 -4.76 1.06 -8.93
CA LEU A 40 -5.26 1.63 -7.69
C LEU A 40 -5.06 3.14 -7.66
N SER A 41 -6.09 3.86 -7.24
CA SER A 41 -6.03 5.32 -7.17
C SER A 41 -5.44 5.77 -5.83
N LEU A 42 -4.39 6.59 -5.89
CA LEU A 42 -3.75 7.09 -4.69
C LEU A 42 -3.96 8.60 -4.55
N ALA A 43 -4.05 9.07 -3.31
CA ALA A 43 -4.25 10.49 -3.04
C ALA A 43 -3.64 10.89 -1.70
N GLY A 44 -2.90 11.99 -1.68
CA GLY A 44 -2.28 12.46 -0.45
C GLY A 44 -3.31 12.82 0.60
N ASN A 45 -2.88 12.76 1.87
CA ASN A 45 -3.77 13.08 2.98
C ASN A 45 -4.22 14.54 2.92
N LYS A 46 -5.48 14.78 3.27
CA LYS A 46 -6.04 16.12 3.26
C LYS A 46 -4.98 17.16 3.63
N ASP A 47 -4.30 16.94 4.75
CA ASP A 47 -3.25 17.84 5.21
C ASP A 47 -1.91 17.49 4.57
N ARG A 48 -1.47 18.34 3.65
CA ARG A 48 -0.20 18.13 2.97
C ARG A 48 0.89 17.70 3.96
N SER A 49 1.07 18.50 5.01
CA SER A 49 2.08 18.22 6.03
C SER A 49 2.13 16.72 6.34
N ARG A 50 0.97 16.07 6.28
CA ARG A 50 0.88 14.64 6.55
C ARG A 50 1.08 13.83 5.28
N MET A 51 2.28 13.26 5.13
CA MET A 51 2.61 12.46 3.96
C MET A 51 2.12 11.03 4.13
N SER A 52 1.02 10.70 3.46
CA SER A 52 0.45 9.36 3.54
C SER A 52 -0.20 8.95 2.22
N ILE A 53 -0.18 7.66 1.91
CA ILE A 53 -0.77 7.16 0.68
C ILE A 53 -2.01 6.32 0.97
N PHE A 54 -3.13 6.74 0.40
CA PHE A 54 -4.40 6.03 0.59
C PHE A 54 -4.92 5.49 -0.74
N VAL A 55 -6.00 4.72 -0.66
CA VAL A 55 -6.61 4.14 -1.86
C VAL A 55 -8.01 4.69 -2.07
N VAL A 56 -8.10 5.82 -2.77
CA VAL A 56 -9.38 6.44 -3.05
C VAL A 56 -10.01 5.89 -4.32
N GLY A 57 -9.61 4.67 -4.68
CA GLY A 57 -10.13 4.04 -5.88
C GLY A 57 -9.43 2.73 -6.20
N ILE A 58 -10.19 1.78 -6.73
CA ILE A 58 -9.64 0.47 -7.08
C ILE A 58 -10.07 0.05 -8.48
N ASN A 59 -9.12 0.04 -9.41
CA ASN A 59 -9.40 -0.34 -10.79
C ASN A 59 -10.20 -1.64 -10.83
N PRO A 60 -11.39 -1.58 -11.47
CA PRO A 60 -12.28 -2.73 -11.60
C PRO A 60 -11.73 -3.78 -12.55
N GLU A 61 -10.92 -3.34 -13.51
CA GLU A 61 -10.32 -4.24 -14.48
C GLU A 61 -8.96 -4.75 -14.00
N GLY A 62 -8.46 -4.13 -12.93
CA GLY A 62 -7.17 -4.54 -12.39
C GLY A 62 -7.28 -5.76 -11.49
N PRO A 63 -6.13 -6.18 -10.92
CA PRO A 63 -6.08 -7.34 -10.04
C PRO A 63 -6.76 -7.09 -8.69
N ALA A 64 -6.48 -5.94 -8.10
CA ALA A 64 -7.07 -5.57 -6.82
C ALA A 64 -8.57 -5.84 -6.81
N ALA A 65 -9.23 -5.49 -7.90
CA ALA A 65 -10.67 -5.71 -8.02
C ALA A 65 -11.00 -7.19 -8.14
N ALA A 66 -10.33 -7.87 -9.06
CA ALA A 66 -10.55 -9.29 -9.27
C ALA A 66 -10.48 -10.06 -7.95
N ASP A 67 -9.40 -9.84 -7.21
CA ASP A 67 -9.21 -10.51 -5.92
C ASP A 67 -10.37 -10.22 -4.98
N GLY A 68 -10.77 -8.95 -4.91
CA GLY A 68 -11.87 -8.56 -4.05
C GLY A 68 -11.45 -8.48 -2.59
N ARG A 69 -10.28 -7.91 -2.34
CA ARG A 69 -9.77 -7.78 -0.98
C ARG A 69 -9.50 -6.32 -0.63
N MET A 70 -8.79 -5.63 -1.52
CA MET A 70 -8.47 -4.22 -1.31
C MET A 70 -9.73 -3.36 -1.38
N ARG A 71 -9.84 -2.40 -0.47
CA ARG A 71 -11.00 -1.52 -0.43
C ARG A 71 -10.56 -0.05 -0.40
N ILE A 72 -11.53 0.84 -0.51
CA ILE A 72 -11.25 2.27 -0.50
C ILE A 72 -10.97 2.77 0.92
N GLY A 73 -9.77 3.29 1.14
CA GLY A 73 -9.41 3.80 2.45
C GLY A 73 -8.11 3.20 2.97
N ASP A 74 -7.72 2.07 2.39
CA ASP A 74 -6.49 1.39 2.79
C ASP A 74 -5.29 2.31 2.62
N GLU A 75 -4.40 2.32 3.61
CA GLU A 75 -3.21 3.15 3.57
C GLU A 75 -1.95 2.30 3.35
N LEU A 76 -1.54 2.19 2.09
CA LEU A 76 -0.36 1.41 1.74
C LEU A 76 0.80 1.73 2.68
N LEU A 77 1.55 0.69 3.05
CA LEU A 77 2.69 0.86 3.95
C LEU A 77 3.96 0.32 3.32
N GLU A 78 3.85 -0.83 2.66
CA GLU A 78 5.00 -1.45 2.00
C GLU A 78 4.58 -2.13 0.70
N ILE A 79 5.52 -2.23 -0.24
CA ILE A 79 5.25 -2.86 -1.52
C ILE A 79 6.52 -3.44 -2.13
N ASN A 80 6.50 -4.73 -2.40
CA ASN A 80 7.66 -5.42 -2.98
C ASN A 80 8.89 -5.26 -2.09
N ASN A 81 8.66 -5.22 -0.78
CA ASN A 81 9.75 -5.08 0.18
C ASN A 81 10.30 -3.66 0.18
N GLN A 82 9.41 -2.69 0.06
CA GLN A 82 9.81 -1.28 0.05
C GLN A 82 8.84 -0.42 0.85
N ILE A 83 9.33 0.15 1.94
CA ILE A 83 8.50 0.99 2.80
C ILE A 83 8.18 2.31 2.11
N LEU A 84 6.89 2.63 2.05
CA LEU A 84 6.44 3.87 1.43
C LEU A 84 6.18 4.95 2.47
N TYR A 85 5.89 4.51 3.69
CA TYR A 85 5.61 5.44 4.79
C TYR A 85 6.61 6.60 4.78
N GLY A 86 6.13 7.77 4.35
CA GLY A 86 6.99 8.94 4.30
C GLY A 86 7.41 9.29 2.89
N ARG A 87 6.62 8.88 1.91
CA ARG A 87 6.91 9.15 0.50
C ARG A 87 5.64 9.56 -0.24
N SER A 88 5.83 10.06 -1.46
CA SER A 88 4.69 10.50 -2.28
C SER A 88 4.02 9.30 -2.95
N HIS A 89 2.71 9.41 -3.14
CA HIS A 89 1.94 8.33 -3.77
C HIS A 89 2.50 8.01 -5.15
N GLN A 90 3.02 9.03 -5.83
CA GLN A 90 3.58 8.85 -7.16
C GLN A 90 4.73 7.87 -7.14
N ASN A 91 5.52 7.90 -6.07
CA ASN A 91 6.67 7.02 -5.92
C ASN A 91 6.22 5.56 -5.80
N ALA A 92 5.22 5.34 -4.95
CA ALA A 92 4.69 3.99 -4.75
C ALA A 92 4.49 3.26 -6.07
N SER A 93 3.65 3.83 -6.93
CA SER A 93 3.37 3.23 -8.23
C SER A 93 4.67 2.85 -8.94
N ALA A 94 5.66 3.73 -8.88
CA ALA A 94 6.94 3.48 -9.51
C ALA A 94 7.55 2.17 -9.03
N ILE A 95 7.58 1.99 -7.70
CA ILE A 95 8.13 0.78 -7.11
C ILE A 95 7.46 -0.47 -7.68
N ILE A 96 6.14 -0.40 -7.85
CA ILE A 96 5.38 -1.52 -8.38
C ILE A 96 5.80 -1.83 -9.83
N LYS A 97 5.89 -0.79 -10.65
CA LYS A 97 6.28 -0.96 -12.04
C LYS A 97 7.56 -1.78 -12.16
N THR A 98 8.53 -1.48 -11.29
CA THR A 98 9.80 -2.19 -11.31
C THR A 98 9.66 -3.57 -10.67
N ALA A 99 8.66 -3.72 -9.81
CA ALA A 99 8.42 -5.00 -9.13
C ALA A 99 7.95 -6.05 -10.12
N PRO A 100 8.24 -7.33 -9.81
CA PRO A 100 7.85 -8.45 -10.66
C PRO A 100 6.35 -8.70 -10.65
N SER A 101 5.89 -9.53 -11.57
CA SER A 101 4.46 -9.85 -11.67
C SER A 101 3.83 -9.95 -10.29
N LYS A 102 4.30 -10.90 -9.50
CA LYS A 102 3.78 -11.12 -8.15
C LYS A 102 4.39 -10.11 -7.17
N VAL A 103 3.53 -9.27 -6.58
CA VAL A 103 3.98 -8.27 -5.63
C VAL A 103 3.22 -8.39 -4.31
N LYS A 104 3.94 -8.17 -3.21
CA LYS A 104 3.35 -8.26 -1.89
C LYS A 104 3.00 -6.87 -1.35
N LEU A 105 1.70 -6.58 -1.27
CA LEU A 105 1.23 -5.29 -0.78
C LEU A 105 0.85 -5.37 0.69
N VAL A 106 1.22 -4.35 1.45
CA VAL A 106 0.91 -4.30 2.88
C VAL A 106 0.22 -3.00 3.25
N PHE A 107 -1.10 -3.07 3.46
CA PHE A 107 -1.88 -1.90 3.83
C PHE A 107 -2.73 -2.17 5.06
N ILE A 108 -3.38 -1.13 5.57
CA ILE A 108 -4.24 -1.25 6.74
C ILE A 108 -5.69 -0.93 6.41
N ARG A 109 -6.61 -1.65 7.04
CA ARG A 109 -8.04 -1.42 6.82
C ARG A 109 -8.64 -0.57 7.93
N ASN A 110 -8.50 0.74 7.80
CA ASN A 110 -9.03 1.67 8.79
C ASN A 110 -10.28 2.37 8.27
N GLU A 111 -11.44 1.99 8.81
CA GLU A 111 -12.71 2.58 8.41
C GLU A 111 -12.70 4.09 8.63
N ASP A 112 -11.75 4.56 9.44
CA ASP A 112 -11.64 5.99 9.74
C ASP A 112 -10.73 6.68 8.74
N ALA A 113 -9.98 5.89 7.98
CA ALA A 113 -9.07 6.42 6.98
C ALA A 113 -9.84 7.08 5.84
N VAL A 114 -10.87 6.42 5.35
CA VAL A 114 -11.69 6.94 4.26
C VAL A 114 -11.98 8.43 4.47
N ASN A 115 -12.00 8.85 5.72
CA ASN A 115 -12.27 10.24 6.06
C ASN A 115 -11.00 11.08 5.96
N GLN A 116 -9.88 10.48 6.32
CA GLN A 116 -8.59 11.17 6.26
C GLN A 116 -8.12 11.35 4.83
N MET A 117 -8.19 10.26 4.05
CA MET A 117 -7.77 10.30 2.66
C MET A 117 -8.52 11.38 1.89
N ALA A 118 -7.78 12.33 1.33
CA ALA A 118 -8.37 13.42 0.57
C ALA A 118 -9.54 12.93 -0.28
N SER A 119 -9.33 11.81 -0.95
CA SER A 119 -10.37 11.23 -1.81
C SER A 119 -10.51 12.03 -3.10
N GLY A 120 -9.40 12.57 -3.58
CA GLY A 120 -9.42 13.36 -4.81
C GLY A 120 -8.21 13.09 -5.68
N PRO A 121 -8.33 12.11 -6.58
CA PRO A 121 -7.24 11.74 -7.50
C PRO A 121 -6.99 12.80 -8.56
N SER A 122 -7.73 13.90 -8.47
CA SER A 122 -7.59 15.00 -9.42
C SER A 122 -6.12 15.25 -9.75
N SER A 123 -5.83 15.46 -11.02
CA SER A 123 -4.47 15.71 -11.47
C SER A 123 -3.78 16.75 -10.58
N GLY A 124 -2.77 16.31 -9.85
CA GLY A 124 -2.04 17.20 -8.96
C GLY A 124 -0.76 17.72 -9.58
N GLY A 1 29.06 -20.22 11.39
CA GLY A 1 27.86 -20.75 10.76
C GLY A 1 26.61 -20.48 11.57
N SER A 2 25.55 -20.04 10.90
CA SER A 2 24.30 -19.74 11.57
C SER A 2 23.16 -19.62 10.56
N SER A 3 22.02 -20.19 10.89
CA SER A 3 20.85 -20.16 10.02
C SER A 3 20.12 -18.82 10.13
N GLY A 4 19.43 -18.43 9.06
CA GLY A 4 18.70 -17.18 9.06
C GLY A 4 18.73 -16.50 7.71
N SER A 5 18.18 -15.29 7.64
CA SER A 5 18.14 -14.53 6.40
C SER A 5 18.84 -13.18 6.56
N SER A 6 19.40 -12.67 5.47
CA SER A 6 20.10 -11.40 5.49
C SER A 6 19.29 -10.34 6.23
N GLY A 7 18.03 -10.19 5.83
CA GLY A 7 17.16 -9.21 6.46
C GLY A 7 15.71 -9.64 6.45
N ASP A 8 15.28 -10.25 7.55
CA ASP A 8 13.89 -10.72 7.67
C ASP A 8 13.05 -9.71 8.45
N ALA A 9 13.46 -8.44 8.41
CA ALA A 9 12.75 -7.39 9.10
C ALA A 9 11.46 -7.02 8.37
N PHE A 10 11.15 -7.75 7.31
CA PHE A 10 9.95 -7.51 6.52
C PHE A 10 9.01 -8.71 6.58
N THR A 11 9.22 -9.57 7.57
CA THR A 11 8.39 -10.76 7.74
C THR A 11 7.03 -10.40 8.32
N ASP A 12 5.98 -10.98 7.75
CA ASP A 12 4.63 -10.71 8.21
C ASP A 12 4.59 -10.52 9.73
N GLN A 13 5.37 -11.33 10.43
CA GLN A 13 5.44 -11.24 11.89
C GLN A 13 5.97 -9.88 12.34
N LYS A 14 7.12 -9.50 11.78
CA LYS A 14 7.74 -8.22 12.11
C LYS A 14 6.92 -7.05 11.56
N ILE A 15 6.10 -7.34 10.55
CA ILE A 15 5.26 -6.31 9.94
C ILE A 15 4.05 -6.01 10.81
N ARG A 16 3.29 -7.05 11.15
CA ARG A 16 2.10 -6.90 11.98
C ARG A 16 2.45 -6.26 13.33
N GLN A 17 3.62 -6.61 13.85
CA GLN A 17 4.07 -6.08 15.13
C GLN A 17 4.55 -4.64 14.98
N ARG A 18 5.16 -4.34 13.85
CA ARG A 18 5.67 -2.99 13.58
C ARG A 18 4.52 -2.00 13.40
N TYR A 19 3.50 -2.42 12.65
CA TYR A 19 2.34 -1.57 12.41
C TYR A 19 1.16 -2.00 13.26
N ALA A 20 1.44 -2.79 14.30
CA ALA A 20 0.40 -3.27 15.19
C ALA A 20 -0.18 -2.13 16.03
N ASP A 21 0.60 -1.06 16.17
CA ASP A 21 0.16 0.10 16.95
C ASP A 21 -0.90 0.89 16.20
N LEU A 22 -0.91 0.74 14.87
CA LEU A 22 -1.88 1.45 14.03
C LEU A 22 -3.31 1.14 14.48
N PRO A 23 -4.22 2.09 14.25
CA PRO A 23 -5.63 1.94 14.62
C PRO A 23 -6.35 0.92 13.74
N GLY A 24 -6.19 1.05 12.43
CA GLY A 24 -6.83 0.12 11.51
C GLY A 24 -6.28 -1.29 11.63
N GLU A 25 -6.65 -2.15 10.69
CA GLU A 25 -6.18 -3.53 10.70
C GLU A 25 -5.28 -3.81 9.50
N LEU A 26 -4.10 -4.34 9.77
CA LEU A 26 -3.15 -4.65 8.71
C LEU A 26 -3.63 -5.82 7.86
N HIS A 27 -3.53 -5.67 6.55
CA HIS A 27 -3.96 -6.71 5.62
C HIS A 27 -2.93 -6.92 4.51
N ILE A 28 -2.21 -8.02 4.57
CA ILE A 28 -1.20 -8.33 3.57
C ILE A 28 -1.74 -9.30 2.52
N ILE A 29 -1.73 -8.87 1.27
CA ILE A 29 -2.22 -9.70 0.17
C ILE A 29 -1.30 -9.59 -1.05
N GLU A 30 -1.10 -10.72 -1.73
CA GLU A 30 -0.25 -10.76 -2.91
C GLU A 30 -1.07 -10.54 -4.18
N LEU A 31 -0.80 -9.43 -4.86
CA LEU A 31 -1.52 -9.11 -6.09
C LEU A 31 -0.61 -9.26 -7.31
N GLU A 32 -0.99 -10.16 -8.21
CA GLU A 32 -0.21 -10.40 -9.42
C GLU A 32 -0.54 -9.38 -10.49
N LYS A 33 0.42 -8.51 -10.80
CA LYS A 33 0.23 -7.47 -11.81
C LYS A 33 -0.54 -8.02 -13.00
N ASP A 34 -1.70 -7.42 -13.28
CA ASP A 34 -2.53 -7.84 -14.40
C ASP A 34 -2.07 -7.18 -15.70
N LYS A 35 -2.81 -7.43 -16.77
CA LYS A 35 -2.48 -6.87 -18.08
C LYS A 35 -1.91 -5.46 -17.93
N ASN A 36 -2.36 -4.74 -16.91
CA ASN A 36 -1.88 -3.39 -16.67
C ASN A 36 -1.16 -3.30 -15.33
N GLY A 37 -1.33 -4.34 -14.50
CA GLY A 37 -0.68 -4.35 -13.21
C GLY A 37 -1.61 -3.94 -12.09
N LEU A 38 -1.05 -3.67 -10.91
CA LEU A 38 -1.85 -3.25 -9.76
C LEU A 38 -2.45 -1.86 -9.98
N GLY A 39 -3.75 -1.84 -10.25
CA GLY A 39 -4.43 -0.58 -10.48
C GLY A 39 -5.16 -0.08 -9.24
N LEU A 40 -4.74 1.07 -8.74
CA LEU A 40 -5.35 1.66 -7.54
C LEU A 40 -5.26 3.18 -7.58
N SER A 41 -6.35 3.85 -7.21
CA SER A 41 -6.38 5.30 -7.20
C SER A 41 -5.85 5.85 -5.88
N LEU A 42 -4.66 6.42 -5.93
CA LEU A 42 -4.03 6.99 -4.74
C LEU A 42 -4.27 8.49 -4.65
N ALA A 43 -4.40 8.99 -3.43
CA ALA A 43 -4.62 10.42 -3.20
C ALA A 43 -4.03 10.88 -1.88
N GLY A 44 -3.02 11.74 -1.96
CA GLY A 44 -2.37 12.23 -0.76
C GLY A 44 -3.37 12.70 0.28
N ASN A 45 -3.01 12.56 1.55
CA ASN A 45 -3.88 12.98 2.65
C ASN A 45 -4.45 14.36 2.40
N LYS A 46 -5.68 14.57 2.83
CA LYS A 46 -6.36 15.86 2.66
C LYS A 46 -5.42 17.01 3.05
N ASP A 47 -4.83 16.90 4.23
CA ASP A 47 -3.92 17.92 4.73
C ASP A 47 -2.51 17.71 4.19
N ARG A 48 -2.04 18.65 3.37
CA ARG A 48 -0.72 18.56 2.77
C ARG A 48 0.34 18.29 3.85
N SER A 49 0.31 19.09 4.91
CA SER A 49 1.26 18.94 6.01
C SER A 49 1.58 17.47 6.25
N ARG A 50 0.56 16.62 6.13
CA ARG A 50 0.72 15.18 6.34
C ARG A 50 1.13 14.49 5.05
N MET A 51 1.86 13.39 5.19
CA MET A 51 2.33 12.62 4.03
C MET A 51 2.01 11.14 4.20
N SER A 52 1.20 10.61 3.28
CA SER A 52 0.82 9.21 3.32
C SER A 52 0.11 8.80 2.03
N ILE A 53 -0.05 7.50 1.84
CA ILE A 53 -0.73 6.98 0.66
C ILE A 53 -2.01 6.24 1.03
N PHE A 54 -3.08 6.54 0.30
CA PHE A 54 -4.37 5.92 0.55
C PHE A 54 -4.97 5.36 -0.75
N VAL A 55 -6.03 4.57 -0.61
CA VAL A 55 -6.69 3.98 -1.76
C VAL A 55 -8.12 4.50 -1.91
N VAL A 56 -8.27 5.59 -2.64
CA VAL A 56 -9.59 6.18 -2.86
C VAL A 56 -10.28 5.57 -4.07
N GLY A 57 -9.84 4.38 -4.45
CA GLY A 57 -10.42 3.70 -5.60
C GLY A 57 -9.66 2.44 -5.98
N ILE A 58 -10.37 1.48 -6.58
CA ILE A 58 -9.75 0.23 -6.99
C ILE A 58 -10.19 -0.15 -8.39
N ASN A 59 -9.33 0.14 -9.37
CA ASN A 59 -9.63 -0.17 -10.77
C ASN A 59 -10.29 -1.54 -10.89
N PRO A 60 -11.50 -1.56 -11.48
CA PRO A 60 -12.26 -2.80 -11.68
C PRO A 60 -11.62 -3.72 -12.71
N GLU A 61 -10.60 -3.22 -13.38
CA GLU A 61 -9.90 -4.00 -14.40
C GLU A 61 -8.57 -4.53 -13.87
N GLY A 62 -8.13 -3.97 -12.75
CA GLY A 62 -6.87 -4.40 -12.16
C GLY A 62 -7.04 -5.60 -11.26
N PRO A 63 -5.91 -6.10 -10.72
CA PRO A 63 -5.91 -7.26 -9.83
C PRO A 63 -6.55 -6.97 -8.47
N ALA A 64 -6.23 -5.79 -7.93
CA ALA A 64 -6.77 -5.38 -6.64
C ALA A 64 -8.28 -5.56 -6.59
N ALA A 65 -8.94 -5.33 -7.73
CA ALA A 65 -10.39 -5.47 -7.81
C ALA A 65 -10.79 -6.94 -7.94
N ALA A 66 -9.95 -7.73 -8.60
CA ALA A 66 -10.22 -9.15 -8.79
C ALA A 66 -10.12 -9.90 -7.46
N ASP A 67 -9.18 -9.50 -6.62
CA ASP A 67 -8.99 -10.13 -5.32
C ASP A 67 -10.18 -9.87 -4.40
N GLY A 68 -10.57 -8.60 -4.28
CA GLY A 68 -11.69 -8.25 -3.44
C GLY A 68 -11.26 -7.88 -2.03
N ARG A 69 -10.09 -8.35 -1.63
CA ARG A 69 -9.57 -8.07 -0.30
C ARG A 69 -9.30 -6.58 -0.13
N MET A 70 -8.74 -5.95 -1.16
CA MET A 70 -8.44 -4.53 -1.12
C MET A 70 -9.72 -3.70 -1.20
N ARG A 71 -9.81 -2.66 -0.38
CA ARG A 71 -10.97 -1.79 -0.37
C ARG A 71 -10.56 -0.32 -0.36
N ILE A 72 -11.53 0.58 -0.45
CA ILE A 72 -11.28 2.00 -0.45
C ILE A 72 -10.92 2.50 0.95
N GLY A 73 -9.74 3.08 1.10
CA GLY A 73 -9.31 3.59 2.38
C GLY A 73 -8.01 2.96 2.85
N ASP A 74 -7.64 1.84 2.24
CA ASP A 74 -6.41 1.14 2.60
C ASP A 74 -5.20 2.04 2.41
N GLU A 75 -4.41 2.20 3.47
CA GLU A 75 -3.22 3.04 3.41
C GLU A 75 -1.96 2.20 3.26
N LEU A 76 -1.45 2.13 2.03
CA LEU A 76 -0.25 1.35 1.74
C LEU A 76 0.87 1.68 2.73
N LEU A 77 1.65 0.68 3.08
CA LEU A 77 2.76 0.86 4.02
C LEU A 77 4.07 0.42 3.40
N GLU A 78 4.04 -0.72 2.69
CA GLU A 78 5.24 -1.25 2.05
C GLU A 78 4.87 -1.96 0.74
N ILE A 79 5.85 -2.05 -0.15
CA ILE A 79 5.64 -2.72 -1.44
C ILE A 79 6.94 -3.28 -1.99
N ASN A 80 6.89 -4.51 -2.50
CA ASN A 80 8.06 -5.16 -3.05
C ASN A 80 9.28 -4.90 -2.19
N ASN A 81 9.08 -4.85 -0.88
CA ASN A 81 10.17 -4.60 0.06
C ASN A 81 10.61 -3.15 0.01
N GLN A 82 9.65 -2.23 0.06
CA GLN A 82 9.95 -0.80 0.02
C GLN A 82 8.97 -0.02 0.88
N ILE A 83 9.45 0.49 2.01
CA ILE A 83 8.62 1.27 2.92
C ILE A 83 8.20 2.59 2.29
N LEU A 84 6.90 2.84 2.24
CA LEU A 84 6.37 4.08 1.66
C LEU A 84 6.05 5.08 2.76
N TYR A 85 5.84 4.59 3.97
CA TYR A 85 5.54 5.45 5.11
C TYR A 85 6.48 6.65 5.17
N GLY A 86 6.02 7.78 4.63
CA GLY A 86 6.83 8.99 4.62
C GLY A 86 7.21 9.42 3.22
N ARG A 87 6.43 9.00 2.24
CA ARG A 87 6.70 9.34 0.85
C ARG A 87 5.41 9.72 0.12
N SER A 88 5.53 10.05 -1.16
CA SER A 88 4.37 10.43 -1.97
C SER A 88 3.78 9.22 -2.68
N HIS A 89 2.51 9.30 -3.01
CA HIS A 89 1.82 8.21 -3.69
C HIS A 89 2.47 7.93 -5.04
N GLN A 90 2.96 8.98 -5.70
CA GLN A 90 3.59 8.85 -7.00
C GLN A 90 4.76 7.85 -6.93
N ASN A 91 5.41 7.79 -5.77
CA ASN A 91 6.54 6.89 -5.58
C ASN A 91 6.08 5.44 -5.57
N ALA A 92 5.02 5.17 -4.83
CA ALA A 92 4.47 3.82 -4.74
C ALA A 92 4.34 3.19 -6.13
N SER A 93 3.41 3.71 -6.93
CA SER A 93 3.18 3.19 -8.27
C SER A 93 4.50 2.84 -8.94
N ALA A 94 5.48 3.73 -8.82
CA ALA A 94 6.79 3.51 -9.41
C ALA A 94 7.43 2.21 -8.91
N ILE A 95 7.36 2.01 -7.59
CA ILE A 95 7.92 0.82 -6.98
C ILE A 95 7.29 -0.44 -7.57
N ILE A 96 5.98 -0.42 -7.75
CA ILE A 96 5.26 -1.55 -8.30
C ILE A 96 5.71 -1.86 -9.72
N LYS A 97 5.81 -0.81 -10.54
CA LYS A 97 6.25 -0.97 -11.93
C LYS A 97 7.55 -1.74 -12.01
N THR A 98 8.49 -1.40 -11.13
CA THR A 98 9.79 -2.07 -11.10
C THR A 98 9.67 -3.48 -10.54
N ALA A 99 8.64 -3.70 -9.73
CA ALA A 99 8.41 -5.02 -9.12
C ALA A 99 7.92 -6.02 -10.16
N PRO A 100 8.19 -7.31 -9.90
CA PRO A 100 7.78 -8.39 -10.80
C PRO A 100 6.27 -8.60 -10.81
N SER A 101 5.84 -9.70 -11.41
CA SER A 101 4.41 -10.02 -11.49
C SER A 101 3.79 -10.02 -10.10
N LYS A 102 4.29 -10.89 -9.22
CA LYS A 102 3.78 -10.99 -7.87
C LYS A 102 4.40 -9.94 -6.96
N VAL A 103 3.62 -8.92 -6.63
CA VAL A 103 4.11 -7.83 -5.77
C VAL A 103 3.40 -7.85 -4.42
N LYS A 104 4.18 -7.83 -3.35
CA LYS A 104 3.63 -7.83 -2.00
C LYS A 104 3.14 -6.44 -1.59
N LEU A 105 1.88 -6.35 -1.20
CA LEU A 105 1.30 -5.08 -0.79
C LEU A 105 0.86 -5.13 0.67
N VAL A 106 1.46 -4.28 1.49
CA VAL A 106 1.13 -4.23 2.91
C VAL A 106 0.44 -2.91 3.26
N PHE A 107 -0.86 -2.98 3.51
CA PHE A 107 -1.64 -1.79 3.85
C PHE A 107 -2.49 -2.04 5.10
N ILE A 108 -3.20 -1.02 5.53
CA ILE A 108 -4.06 -1.13 6.71
C ILE A 108 -5.47 -0.64 6.41
N ARG A 109 -6.45 -1.52 6.62
CA ARG A 109 -7.84 -1.18 6.37
C ARG A 109 -8.47 -0.51 7.60
N ASN A 110 -8.76 0.78 7.48
CA ASN A 110 -9.36 1.53 8.57
C ASN A 110 -10.63 2.24 8.12
N GLU A 111 -11.46 2.63 9.09
CA GLU A 111 -12.72 3.31 8.79
C GLU A 111 -12.52 4.83 8.73
N ASP A 112 -11.45 5.30 9.39
CA ASP A 112 -11.15 6.72 9.41
C ASP A 112 -10.37 7.13 8.17
N ALA A 113 -9.69 6.17 7.55
CA ALA A 113 -8.91 6.43 6.35
C ALA A 113 -9.77 7.06 5.26
N VAL A 114 -11.05 6.69 5.23
CA VAL A 114 -11.98 7.23 4.25
C VAL A 114 -12.24 8.71 4.48
N ASN A 115 -12.07 9.15 5.73
CA ASN A 115 -12.29 10.54 6.09
C ASN A 115 -10.98 11.32 6.07
N GLN A 116 -9.87 10.60 6.00
CA GLN A 116 -8.56 11.22 5.98
C GLN A 116 -8.07 11.41 4.54
N MET A 117 -7.90 10.30 3.84
CA MET A 117 -7.43 10.34 2.46
C MET A 117 -8.21 11.37 1.65
N ALA A 118 -7.50 12.12 0.81
CA ALA A 118 -8.13 13.15 -0.01
C ALA A 118 -8.71 12.55 -1.30
N SER A 119 -10.02 12.32 -1.30
CA SER A 119 -10.68 11.75 -2.46
C SER A 119 -10.52 12.63 -3.68
N GLY A 120 -9.81 12.12 -4.68
CA GLY A 120 -9.58 12.88 -5.90
C GLY A 120 -8.12 12.90 -6.30
N PRO A 121 -7.71 11.91 -7.10
CA PRO A 121 -6.33 11.79 -7.57
C PRO A 121 -5.97 12.88 -8.59
N SER A 122 -6.92 13.77 -8.85
CA SER A 122 -6.70 14.86 -9.80
C SER A 122 -6.70 16.21 -9.09
N SER A 123 -5.51 16.76 -8.88
CA SER A 123 -5.37 18.05 -8.21
C SER A 123 -6.13 19.13 -8.95
N GLY A 124 -5.84 19.29 -10.24
CA GLY A 124 -6.51 20.29 -11.04
C GLY A 124 -8.00 20.38 -10.74
#